data_9S9A
#
_entry.id   9S9A
#
_cell.length_a   62.163
_cell.length_b   82.688
_cell.length_c   122.196
_cell.angle_alpha   107.015
_cell.angle_beta   91.353
_cell.angle_gamma   112.460
#
_symmetry.space_group_name_H-M   'P 1'
#
loop_
_entity.id
_entity.type
_entity.pdbx_description
1 polymer 'Receptor-like protein kinase BRI1-like 3'
2 branched 2-acetamido-2-deoxy-beta-D-glucopyranose-(1-4)-2-acetamido-2-deoxy-beta-D-glucopyranose
3 branched alpha-D-mannopyranose-(1-2)-alpha-D-mannopyranose-(1-3)-[alpha-D-mannopyranose-(1-2)-alpha-D-mannopyranose-(1-6)]alpha-D-mannopyranose-(1-6)-[alpha-D-mannopyranose-(1-2)-alpha-D-mannopyranose-(1-3)]beta-D-mannopyranose-(1-4)-2-acetamido-2-deoxy-beta-D-glucopyranose-(1-4)-2-acetamido-2-deoxy-beta-D-glucopyranose
4 branched alpha-D-mannopyranose-(1-2)-alpha-D-mannopyranose-(1-2)-alpha-D-mannopyranose-(1-3)-[alpha-D-mannopyranose-(1-2)-alpha-D-mannopyranose-(1-3)-[alpha-D-mannopyranose-(1-2)-alpha-D-mannopyranose-(1-6)]alpha-D-mannopyranose-(1-6)]beta-D-mannopyranose-(1-4)-2-acetamido-2-deoxy-beta-D-glucopyranose-(1-4)-2-acetamido-2-deoxy-beta-D-glucopyranose
5 branched beta-D-mannopyranose-(1-4)-2-acetamido-2-deoxy-beta-D-glucopyranose-(1-4)-2-acetamido-2-deoxy-beta-D-glucopyranose
6 non-polymer 6-deoxocastasterone
7 non-polymer 2-acetamido-2-deoxy-beta-D-glucopyranose
8 non-polymer 'ACETATE ION'
#
_entity_poly.entity_id   1
_entity_poly.type   'polypeptide(L)'
_entity_poly.pdbx_seq_one_letter_code
;MKQQWQFLILCLLVLFLTVDSRGRRLLSDDVNDTALLTAFKQTSIKSDPTNFLGNWRYGSGRDPCTWRGVSCSSDGRVIG
LDLRNGGLTGTLNLNNLTALSNLRSLYLQGNNFSSGDSSSSSGCSLEVLDLSSNSLTDSSIVDYVFSTCLNLVSVNFSHN
KLAGKLKSSPSASNKRITTVDLSNNRFSDEIPETFIADFPNSLKHLDLSGNNVTGDFSRLSFGLCENLTVFSLSQNSISG
DRFPVSLSNCKLLETLNLSRNSLIGKIPGDDYWGNFQNLRQLSLAHNLYSGEIPPELSLLCRTLEVLDLSGNSLTGQLPQ
SFTSCGSLQSLNLGNNKLSGDFLSTVVSKLSRITNLYLPFNNISGSVPISLTNCSNLRVLDLSSNEFTGEVPSGFCSLQS
SSVLEKLLIANNYLSGTVPVELGKCKSLKTIDLSFNALTGLIPKEIWTLPKLSDLVMWANNLTGGIPESICVDGGNLETL
ILNNNLLTGSLPESISKCTNMLWISLSSNLLTGEIPVGIGKLEKLAILQLGNNSLTGNIPSELGNCKNLIWLDLNSNNLT
GNLPGELASQAGLVMPGSVSGKQFAFVRNEGGTDCRGAGGLVEFEGIRAERLEHFPMVHSCPKTRIYSGMTMYMFSSNGS
MIYLDLSYNAVSGSIPLGYGAMGYLQVLNLGHNLLTGTIPDSFGGLKAIGVLDLSHNDLQGFLPGSLGGLSFLSDLDVSN
NNLTGPIPFGGQLTTFPLTRYANNSGLCGVPLPPCSSGSRPTRSHAHPKKAAAENLYFQ
;
_entity_poly.pdbx_strand_id   A,B
#
loop_
_chem_comp.id
_chem_comp.type
_chem_comp.name
_chem_comp.formula
A1JMI non-polymer 6-deoxocastasterone 'C28 H50 O4'
ACT non-polymer 'ACETATE ION' 'C2 H3 O2 -1'
BMA D-saccharide, beta linking beta-D-mannopyranose 'C6 H12 O6'
MAN D-saccharide, alpha linking alpha-D-mannopyranose 'C6 H12 O6'
NAG D-saccharide, beta linking 2-acetamido-2-deoxy-beta-D-glucopyranose 'C8 H15 N O6'
#
# COMPACT_ATOMS: atom_id res chain seq x y z
N VAL A 31 8.77 75.95 -10.99
CA VAL A 31 9.35 74.64 -10.75
C VAL A 31 9.48 73.86 -12.07
N ASN A 32 10.52 74.20 -12.84
CA ASN A 32 10.80 73.52 -14.09
C ASN A 32 11.15 72.05 -13.89
N ASP A 33 10.64 71.20 -14.79
CA ASP A 33 10.90 69.77 -14.71
C ASP A 33 12.39 69.45 -14.59
N THR A 34 13.23 70.16 -15.36
CA THR A 34 14.67 69.90 -15.30
C THR A 34 15.22 70.16 -13.91
N ALA A 35 14.67 71.13 -13.20
CA ALA A 35 15.15 71.47 -11.86
C ALA A 35 14.66 70.49 -10.79
N LEU A 36 13.55 69.80 -11.03
CA LEU A 36 13.07 68.84 -10.05
C LEU A 36 13.96 67.59 -10.00
N LEU A 37 14.31 67.06 -11.17
CA LEU A 37 15.14 65.86 -11.20
C LEU A 37 16.50 66.13 -10.55
N THR A 38 17.08 67.30 -10.81
CA THR A 38 18.34 67.65 -10.15
C THR A 38 18.15 67.73 -8.65
N ALA A 39 17.03 68.31 -8.21
CA ALA A 39 16.74 68.35 -6.78
C ALA A 39 16.52 66.95 -6.22
N PHE A 40 16.04 66.02 -7.06
CA PHE A 40 15.91 64.64 -6.63
C PHE A 40 17.28 63.99 -6.48
N LYS A 41 18.16 64.18 -7.47
CA LYS A 41 19.48 63.53 -7.44
C LYS A 41 20.30 64.01 -6.25
N GLN A 42 20.24 65.30 -5.93
CA GLN A 42 21.05 65.83 -4.84
C GLN A 42 20.43 65.55 -3.48
N THR A 43 19.13 65.78 -3.33
CA THR A 43 18.50 65.67 -2.03
C THR A 43 18.31 64.21 -1.62
N SER A 44 17.96 63.34 -2.57
CA SER A 44 17.57 61.97 -2.26
C SER A 44 18.73 61.00 -2.42
N ILE A 45 19.35 60.97 -3.59
CA ILE A 45 20.41 60.01 -3.87
C ILE A 45 21.67 60.40 -3.12
N LYS A 46 22.31 59.41 -2.49
CA LYS A 46 23.50 59.64 -1.68
C LYS A 46 24.72 58.90 -2.19
N SER A 47 24.57 57.99 -3.16
CA SER A 47 25.70 57.25 -3.71
C SER A 47 25.32 56.68 -5.06
N ASP A 48 26.17 56.88 -6.06
CA ASP A 48 25.98 56.37 -7.41
C ASP A 48 27.26 55.72 -7.91
N PRO A 49 27.60 54.54 -7.41
CA PRO A 49 28.86 53.89 -7.84
C PRO A 49 28.86 53.49 -9.31
N THR A 50 27.71 53.39 -9.97
CA THR A 50 27.67 52.97 -11.37
C THR A 50 27.86 54.10 -12.35
N ASN A 51 27.83 55.36 -11.88
CA ASN A 51 27.93 56.53 -12.76
C ASN A 51 26.89 56.48 -13.87
N PHE A 52 25.78 55.79 -13.57
CA PHE A 52 24.60 55.68 -14.42
C PHE A 52 23.72 56.91 -14.36
N LEU A 53 23.83 57.72 -13.30
CA LEU A 53 23.07 58.93 -13.15
C LEU A 53 23.83 60.18 -13.56
N GLY A 54 25.00 60.02 -14.17
CA GLY A 54 25.74 61.16 -14.67
C GLY A 54 24.98 61.83 -15.79
N ASN A 55 25.69 62.72 -16.49
CA ASN A 55 25.15 63.47 -17.64
C ASN A 55 23.81 64.13 -17.32
N TRP A 56 23.48 64.29 -16.03
CA TRP A 56 22.25 64.98 -15.62
C TRP A 56 22.52 66.46 -15.38
N ASP A 63 19.55 69.34 -21.01
CA ASP A 63 18.17 69.09 -21.43
C ASP A 63 17.61 67.89 -20.66
N PRO A 64 16.33 67.96 -20.28
CA PRO A 64 15.77 66.88 -19.45
C PRO A 64 15.64 65.55 -20.17
N CYS A 65 15.56 65.57 -21.50
CA CYS A 65 15.29 64.36 -22.27
C CYS A 65 16.54 63.54 -22.56
N THR A 66 17.72 64.17 -22.54
CA THR A 66 18.98 63.47 -22.74
C THR A 66 19.46 62.73 -21.52
N TRP A 67 18.88 63.00 -20.35
CA TRP A 67 19.35 62.40 -19.11
C TRP A 67 19.06 60.90 -19.10
N ARG A 68 19.98 60.15 -18.49
CA ARG A 68 19.87 58.69 -18.49
C ARG A 68 18.66 58.23 -17.71
N GLY A 69 17.93 57.26 -18.29
CA GLY A 69 16.76 56.70 -17.65
C GLY A 69 15.51 57.53 -17.84
N VAL A 70 15.67 58.82 -18.03
CA VAL A 70 14.53 59.73 -18.19
C VAL A 70 14.05 59.63 -19.63
N SER A 71 12.85 59.09 -19.82
CA SER A 71 12.21 59.02 -21.13
C SER A 71 11.26 60.21 -21.26
N CYS A 72 11.43 60.98 -22.32
CA CYS A 72 10.73 62.23 -22.52
C CYS A 72 9.53 62.06 -23.46
N SER A 73 8.77 63.13 -23.62
CA SER A 73 7.76 63.25 -24.65
C SER A 73 8.20 64.26 -25.71
N SER A 74 7.39 64.35 -26.77
CA SER A 74 7.73 65.24 -27.88
C SER A 74 7.73 66.70 -27.46
N ASP A 75 6.77 67.10 -26.63
CA ASP A 75 6.63 68.50 -26.24
C ASP A 75 7.67 68.94 -25.21
N GLY A 76 8.62 68.06 -24.85
CA GLY A 76 9.70 68.43 -23.97
C GLY A 76 9.46 68.16 -22.50
N ARG A 77 8.34 67.54 -22.15
CA ARG A 77 8.00 67.25 -20.77
C ARG A 77 8.43 65.84 -20.41
N VAL A 78 8.80 65.66 -19.14
CA VAL A 78 9.23 64.35 -18.65
C VAL A 78 7.99 63.52 -18.38
N ILE A 79 8.01 62.26 -18.84
CA ILE A 79 6.91 61.34 -18.63
C ILE A 79 7.34 60.07 -17.92
N GLY A 80 8.62 59.81 -17.77
CA GLY A 80 9.08 58.59 -17.16
C GLY A 80 10.50 58.68 -16.67
N LEU A 81 10.79 57.94 -15.61
CA LEU A 81 12.14 57.85 -15.05
C LEU A 81 12.43 56.36 -14.81
N ASP A 82 13.39 55.82 -15.54
CA ASP A 82 13.73 54.39 -15.46
C ASP A 82 15.16 54.28 -14.94
N LEU A 83 15.29 53.92 -13.66
CA LEU A 83 16.58 53.78 -13.00
C LEU A 83 16.70 52.41 -12.36
N ARG A 84 16.18 51.39 -13.03
CA ARG A 84 16.14 50.06 -12.45
C ARG A 84 17.54 49.46 -12.38
N ASN A 85 17.75 48.64 -11.34
CA ASN A 85 19.01 47.92 -11.14
C ASN A 85 20.22 48.84 -11.31
N GLY A 86 20.12 50.03 -10.71
CA GLY A 86 21.18 51.02 -10.80
C GLY A 86 22.06 51.15 -9.57
N GLY A 87 21.87 50.32 -8.56
CA GLY A 87 22.70 50.40 -7.37
C GLY A 87 22.65 51.73 -6.68
N LEU A 88 21.47 52.35 -6.62
CA LEU A 88 21.31 53.68 -6.05
C LEU A 88 20.95 53.61 -4.57
N THR A 89 21.64 54.40 -3.76
CA THR A 89 21.42 54.45 -2.32
C THR A 89 20.98 55.86 -1.94
N GLY A 90 19.84 55.97 -1.27
CA GLY A 90 19.36 57.27 -0.85
C GLY A 90 18.00 57.17 -0.19
N THR A 91 17.50 58.34 0.22
CA THR A 91 16.19 58.46 0.84
C THR A 91 15.18 58.99 -0.16
N LEU A 92 14.06 58.29 -0.30
CA LEU A 92 13.04 58.60 -1.30
C LEU A 92 11.82 59.24 -0.66
N ASN A 93 11.38 60.36 -1.22
CA ASN A 93 10.05 60.91 -0.99
C ASN A 93 9.39 61.13 -2.34
N LEU A 94 8.23 60.51 -2.55
CA LEU A 94 7.60 60.54 -3.87
C LEU A 94 7.15 61.95 -4.25
N ASN A 95 6.78 62.79 -3.28
CA ASN A 95 6.28 64.12 -3.60
C ASN A 95 7.30 64.93 -4.38
N ASN A 96 8.59 64.69 -4.12
CA ASN A 96 9.64 65.39 -4.86
C ASN A 96 9.74 64.94 -6.31
N LEU A 97 9.14 63.80 -6.65
CA LEU A 97 9.09 63.33 -8.03
C LEU A 97 7.72 63.49 -8.67
N THR A 98 6.65 63.28 -7.91
CA THR A 98 5.31 63.50 -8.45
C THR A 98 5.02 64.97 -8.73
N ALA A 99 5.86 65.89 -8.24
CA ALA A 99 5.72 67.29 -8.61
C ALA A 99 5.84 67.47 -10.12
N LEU A 100 6.51 66.55 -10.81
CA LEU A 100 6.54 66.57 -12.27
C LEU A 100 5.13 66.35 -12.80
N SER A 101 4.62 67.36 -13.50
CA SER A 101 3.21 67.35 -13.89
C SER A 101 2.88 66.17 -14.80
N ASN A 102 3.77 65.84 -15.72
CA ASN A 102 3.50 64.85 -16.76
C ASN A 102 4.10 63.49 -16.45
N LEU A 103 4.62 63.28 -15.24
CA LEU A 103 5.24 62.01 -14.90
C LEU A 103 4.18 60.93 -14.75
N ARG A 104 4.23 59.91 -15.60
CA ARG A 104 3.33 58.76 -15.53
C ARG A 104 4.02 57.43 -15.30
N SER A 105 5.35 57.38 -15.34
CA SER A 105 6.08 56.13 -15.14
C SER A 105 7.27 56.38 -14.23
N LEU A 106 7.39 55.57 -13.18
CA LEU A 106 8.50 55.68 -12.24
C LEU A 106 8.99 54.28 -11.91
N TYR A 107 10.15 53.92 -12.42
CA TYR A 107 10.78 52.64 -12.14
C TYR A 107 12.00 52.89 -11.26
N LEU A 108 11.90 52.52 -9.99
CA LEU A 108 13.00 52.61 -9.04
C LEU A 108 13.30 51.26 -8.40
N GLN A 109 13.00 50.17 -9.12
CA GLN A 109 13.22 48.84 -8.58
C GLN A 109 14.70 48.45 -8.69
N GLY A 110 15.15 47.62 -7.76
CA GLY A 110 16.50 47.12 -7.79
C GLY A 110 17.53 48.07 -7.23
N ASN A 111 17.11 49.03 -6.40
CA ASN A 111 18.00 50.02 -5.82
C ASN A 111 18.01 49.88 -4.30
N ASN A 112 18.63 50.85 -3.63
CA ASN A 112 18.75 50.84 -2.19
C ASN A 112 18.14 52.10 -1.58
N PHE A 113 16.95 52.48 -2.06
CA PHE A 113 16.26 53.66 -1.53
C PHE A 113 15.65 53.36 -0.17
N SER A 114 15.87 54.27 0.77
CA SER A 114 15.23 54.25 2.08
C SER A 114 13.98 55.12 2.04
N SER A 115 13.29 55.21 3.18
CA SER A 115 12.10 56.04 3.29
C SER A 115 12.52 57.47 3.61
N GLY A 116 11.90 58.43 2.91
CA GLY A 116 12.17 59.82 3.12
C GLY A 116 11.18 60.53 4.02
N ASP A 117 11.35 61.84 4.11
CA ASP A 117 10.50 62.72 4.89
C ASP A 117 9.26 63.12 4.10
N SER A 118 8.21 63.52 4.84
CA SER A 118 6.95 63.85 4.19
C SER A 118 7.12 65.00 3.21
N SER A 119 7.94 66.00 3.56
CA SER A 119 8.37 67.03 2.61
C SER A 119 7.22 67.92 2.14
N SER A 120 6.75 67.70 0.92
CA SER A 120 5.82 68.61 0.26
C SER A 120 4.48 67.92 -0.01
N SER A 121 3.63 68.59 -0.80
CA SER A 121 2.29 68.10 -1.12
C SER A 121 2.01 68.51 -2.56
N SER A 122 1.97 67.51 -3.45
CA SER A 122 1.70 67.75 -4.86
C SER A 122 0.78 66.68 -5.44
N GLY A 123 0.11 67.05 -6.52
CA GLY A 123 -0.69 66.12 -7.29
C GLY A 123 0.15 65.07 -8.01
N CYS A 124 -0.50 63.94 -8.28
CA CYS A 124 0.15 62.77 -8.85
C CYS A 124 -0.55 62.37 -10.15
N SER A 125 0.26 62.04 -11.17
CA SER A 125 -0.24 61.61 -12.47
C SER A 125 0.29 60.23 -12.84
N LEU A 126 0.82 59.49 -11.88
CA LEU A 126 1.44 58.21 -12.17
C LEU A 126 0.42 57.20 -12.69
N GLU A 127 0.83 56.40 -13.66
CA GLU A 127 0.07 55.25 -14.11
C GLU A 127 0.75 53.93 -13.81
N VAL A 128 2.08 53.94 -13.67
CA VAL A 128 2.86 52.75 -13.33
C VAL A 128 3.91 53.17 -12.31
N LEU A 129 3.97 52.46 -11.18
CA LEU A 129 4.94 52.72 -10.13
C LEU A 129 5.61 51.40 -9.75
N ASP A 130 6.94 51.42 -9.66
CA ASP A 130 7.71 50.22 -9.33
C ASP A 130 8.77 50.56 -8.31
N LEU A 131 8.66 49.98 -7.12
CA LEU A 131 9.60 50.16 -6.01
C LEU A 131 9.95 48.79 -5.42
N SER A 132 10.25 47.82 -6.30
CA SER A 132 10.23 46.42 -5.90
C SER A 132 11.38 46.04 -4.96
N SER A 133 12.60 46.40 -5.30
CA SER A 133 13.76 45.99 -4.50
C SER A 133 14.43 47.22 -3.91
N ASN A 134 13.90 47.68 -2.78
CA ASN A 134 14.45 48.82 -2.05
C ASN A 134 14.44 48.50 -0.56
N SER A 135 14.68 49.53 0.25
CA SER A 135 14.63 49.42 1.71
C SER A 135 13.58 50.37 2.28
N LEU A 136 12.49 50.56 1.56
CA LEU A 136 11.43 51.45 2.02
C LEU A 136 10.77 50.87 3.28
N THR A 137 10.57 51.73 4.27
CA THR A 137 10.00 51.33 5.55
C THR A 137 8.69 52.03 5.87
N ASP A 138 8.53 53.29 5.47
CA ASP A 138 7.33 54.05 5.78
C ASP A 138 6.22 53.64 4.82
N SER A 139 5.15 53.07 5.36
CA SER A 139 4.01 52.64 4.57
C SER A 139 3.09 53.79 4.19
N SER A 140 3.35 55.01 4.66
CA SER A 140 2.57 56.15 4.23
C SER A 140 2.72 56.40 2.73
N ILE A 141 3.81 55.91 2.12
CA ILE A 141 3.97 56.03 0.68
C ILE A 141 2.84 55.30 -0.04
N VAL A 142 2.36 54.18 0.52
CA VAL A 142 1.25 53.48 -0.09
C VAL A 142 -0.04 54.27 0.08
N ASP A 143 -0.22 54.90 1.25
CA ASP A 143 -1.41 55.72 1.47
C ASP A 143 -1.46 56.90 0.49
N TYR A 144 -0.31 57.51 0.21
CA TYR A 144 -0.30 58.59 -0.76
C TYR A 144 -0.71 58.10 -2.15
N VAL A 145 -0.10 57.00 -2.60
CA VAL A 145 -0.42 56.48 -3.93
C VAL A 145 -1.86 56.02 -4.00
N PHE A 146 -2.40 55.49 -2.90
CA PHE A 146 -3.79 55.04 -2.90
C PHE A 146 -4.76 56.21 -2.79
N SER A 147 -4.35 57.33 -2.20
CA SER A 147 -5.22 58.50 -2.07
C SER A 147 -5.14 59.39 -3.29
N THR A 148 -3.92 59.78 -3.68
CA THR A 148 -3.66 60.44 -4.95
C THR A 148 -3.39 59.37 -6.00
N CYS A 149 -2.86 59.78 -7.15
CA CYS A 149 -2.52 58.86 -8.25
C CYS A 149 -3.78 58.10 -8.70
N LEU A 150 -4.78 58.89 -9.12
CA LEU A 150 -6.08 58.33 -9.47
C LEU A 150 -6.09 57.69 -10.86
N ASN A 151 -5.01 57.83 -11.63
CA ASN A 151 -4.88 57.17 -12.91
C ASN A 151 -3.96 55.95 -12.83
N LEU A 152 -3.58 55.55 -11.62
CA LEU A 152 -2.68 54.43 -11.44
C LEU A 152 -3.29 53.17 -12.03
N VAL A 153 -2.49 52.45 -12.83
CA VAL A 153 -2.91 51.17 -13.39
C VAL A 153 -2.25 50.00 -12.67
N SER A 154 -0.96 50.12 -12.35
CA SER A 154 -0.23 49.05 -11.69
C SER A 154 0.78 49.65 -10.73
N VAL A 155 0.90 49.06 -9.55
CA VAL A 155 1.89 49.49 -8.55
C VAL A 155 2.51 48.26 -7.91
N ASN A 156 3.83 48.30 -7.73
CA ASN A 156 4.59 47.21 -7.13
C ASN A 156 5.40 47.78 -5.96
N PHE A 157 4.99 47.45 -4.74
CA PHE A 157 5.74 47.79 -3.53
C PHE A 157 6.49 46.59 -2.97
N SER A 158 6.58 45.51 -3.74
CA SER A 158 7.09 44.25 -3.20
C SER A 158 8.51 44.40 -2.69
N HIS A 159 8.96 43.36 -1.98
CA HIS A 159 10.34 43.23 -1.50
C HIS A 159 10.90 44.56 -0.98
N ASN A 160 10.19 45.09 0.02
CA ASN A 160 10.65 46.23 0.79
C ASN A 160 10.53 45.88 2.28
N LYS A 161 10.71 46.87 3.16
CA LYS A 161 10.51 46.67 4.59
C LYS A 161 9.30 47.44 5.09
N LEU A 162 8.32 47.68 4.21
CA LEU A 162 7.11 48.38 4.61
C LEU A 162 6.46 47.64 5.77
N ALA A 163 6.26 48.35 6.87
CA ALA A 163 5.73 47.76 8.10
C ALA A 163 4.37 48.37 8.41
N GLY A 164 3.77 47.90 9.49
CA GLY A 164 2.50 48.42 9.96
C GLY A 164 1.32 47.60 9.48
N LYS A 165 0.15 47.98 9.97
CA LYS A 165 -1.10 47.33 9.63
C LYS A 165 -1.59 47.79 8.26
N LEU A 166 -2.37 46.93 7.60
CA LEU A 166 -3.06 47.30 6.37
C LEU A 166 -4.30 48.11 6.73
N LYS A 167 -4.39 49.33 6.21
CA LYS A 167 -5.49 50.21 6.57
C LYS A 167 -6.33 50.67 5.39
N SER A 168 -5.70 51.21 4.34
CA SER A 168 -6.41 51.95 3.30
C SER A 168 -6.38 51.18 1.98
N SER A 169 -7.52 51.13 1.31
CA SER A 169 -7.62 50.62 -0.04
C SER A 169 -7.51 51.77 -1.04
N PRO A 170 -7.26 51.45 -2.31
CA PRO A 170 -7.14 52.52 -3.32
C PRO A 170 -8.40 53.37 -3.40
N SER A 171 -8.20 54.65 -3.69
CA SER A 171 -9.31 55.61 -3.72
C SER A 171 -10.41 55.14 -4.65
N ALA A 172 -11.66 55.44 -4.26
CA ALA A 172 -12.80 55.06 -5.08
C ALA A 172 -12.90 55.88 -6.35
N SER A 173 -12.24 57.03 -6.42
CA SER A 173 -12.22 57.81 -7.66
C SER A 173 -11.27 57.22 -8.70
N ASN A 174 -10.39 56.32 -8.28
CA ASN A 174 -9.50 55.61 -9.22
C ASN A 174 -10.30 54.50 -9.88
N LYS A 175 -10.50 54.61 -11.19
CA LYS A 175 -11.28 53.65 -11.94
C LYS A 175 -10.42 52.69 -12.74
N ARG A 176 -9.09 52.80 -12.66
CA ARG A 176 -8.20 52.11 -13.57
C ARG A 176 -7.28 51.09 -12.92
N ILE A 177 -7.02 51.19 -11.61
CA ILE A 177 -6.01 50.33 -11.00
C ILE A 177 -6.42 48.87 -11.20
N THR A 178 -5.49 48.07 -11.74
CA THR A 178 -5.75 46.67 -12.05
C THR A 178 -4.91 45.72 -11.21
N THR A 179 -3.61 45.96 -11.11
CA THR A 179 -2.68 45.06 -10.42
C THR A 179 -2.02 45.80 -9.27
N VAL A 180 -2.02 45.19 -8.09
CA VAL A 180 -1.40 45.75 -6.90
C VAL A 180 -0.58 44.64 -6.26
N ASP A 181 0.72 44.89 -6.07
CA ASP A 181 1.63 43.90 -5.49
C ASP A 181 2.25 44.49 -4.23
N LEU A 182 1.80 44.02 -3.07
CA LEU A 182 2.34 44.42 -1.78
C LEU A 182 3.10 43.28 -1.11
N SER A 183 3.58 42.31 -1.89
CA SER A 183 4.12 41.08 -1.35
C SER A 183 5.50 41.30 -0.73
N ASN A 184 5.94 40.32 0.05
CA ASN A 184 7.28 40.31 0.65
C ASN A 184 7.58 41.65 1.34
N ASN A 185 6.82 41.89 2.39
CA ASN A 185 6.99 43.07 3.24
C ASN A 185 6.85 42.60 4.69
N ARG A 186 6.67 43.55 5.61
CA ARG A 186 6.58 43.25 7.04
C ARG A 186 5.27 43.77 7.63
N PHE A 187 4.19 43.69 6.86
CA PHE A 187 2.88 44.08 7.38
C PHE A 187 2.45 43.14 8.49
N SER A 188 1.68 43.68 9.44
CA SER A 188 1.44 43.02 10.72
C SER A 188 -0.04 42.99 11.05
N ASP A 189 -0.39 42.10 11.97
CA ASP A 189 -1.69 42.08 12.63
C ASP A 189 -2.83 41.88 11.64
N GLU A 190 -4.06 42.11 12.09
CA GLU A 190 -5.24 41.69 11.35
C GLU A 190 -5.39 42.48 10.04
N ILE A 191 -6.11 41.87 9.12
CA ILE A 191 -6.48 42.48 7.84
C ILE A 191 -7.87 43.11 7.99
N PRO A 192 -8.10 44.33 7.53
CA PRO A 192 -9.45 44.90 7.65
C PRO A 192 -10.49 44.03 6.94
N GLU A 193 -11.67 43.93 7.57
CA GLU A 193 -12.71 43.06 7.03
C GLU A 193 -13.05 43.42 5.59
N THR A 194 -13.06 44.71 5.27
CA THR A 194 -13.43 45.20 3.95
C THR A 194 -12.24 45.74 3.17
N PHE A 195 -11.01 45.37 3.55
CA PHE A 195 -9.84 45.89 2.86
C PHE A 195 -9.86 45.55 1.37
N ILE A 196 -10.08 44.27 1.06
CA ILE A 196 -10.10 43.84 -0.33
C ILE A 196 -11.35 44.37 -1.03
N ALA A 197 -12.49 44.33 -0.35
CA ALA A 197 -13.75 44.75 -0.99
C ALA A 197 -13.74 46.23 -1.33
N ASP A 198 -12.97 47.04 -0.59
CA ASP A 198 -12.92 48.48 -0.87
C ASP A 198 -12.06 48.82 -2.07
N PHE A 199 -11.36 47.84 -2.66
CA PHE A 199 -10.58 48.11 -3.85
C PHE A 199 -11.51 48.44 -5.02
N PRO A 200 -11.05 49.26 -5.97
CA PRO A 200 -11.84 49.49 -7.18
C PRO A 200 -12.26 48.19 -7.84
N ASN A 201 -13.35 48.22 -8.60
CA ASN A 201 -13.89 47.00 -9.18
C ASN A 201 -13.08 46.53 -10.37
N SER A 202 -12.12 47.32 -10.85
CA SER A 202 -11.29 46.96 -11.98
C SER A 202 -10.11 46.07 -11.57
N LEU A 203 -9.97 45.78 -10.29
CA LEU A 203 -8.82 45.02 -9.81
C LEU A 203 -8.75 43.66 -10.49
N LYS A 204 -7.55 43.27 -10.92
CA LYS A 204 -7.28 41.97 -11.51
C LYS A 204 -6.21 41.16 -10.78
N HIS A 205 -5.18 41.81 -10.26
CA HIS A 205 -4.08 41.11 -9.61
C HIS A 205 -3.84 41.72 -8.24
N LEU A 206 -3.85 40.88 -7.22
CA LEU A 206 -3.60 41.33 -5.85
C LEU A 206 -2.74 40.30 -5.13
N ASP A 207 -1.54 40.70 -4.75
CA ASP A 207 -0.57 39.83 -4.09
C ASP A 207 -0.25 40.40 -2.72
N LEU A 208 -0.55 39.62 -1.68
CA LEU A 208 -0.32 40.02 -0.29
C LEU A 208 0.63 39.06 0.41
N SER A 209 1.45 38.34 -0.36
CA SER A 209 2.31 37.30 0.18
C SER A 209 3.49 37.88 0.94
N GLY A 210 4.18 37.02 1.67
CA GLY A 210 5.44 37.39 2.30
C GLY A 210 5.32 38.42 3.41
N ASN A 211 4.27 38.33 4.22
CA ASN A 211 4.10 39.22 5.36
C ASN A 211 3.75 38.39 6.59
N ASN A 212 3.32 39.04 7.67
CA ASN A 212 2.84 38.32 8.86
C ASN A 212 1.49 38.87 9.30
N VAL A 213 0.57 39.00 8.36
CA VAL A 213 -0.80 39.40 8.69
C VAL A 213 -1.53 38.23 9.32
N THR A 214 -2.47 38.53 10.21
CA THR A 214 -3.22 37.55 10.96
C THR A 214 -4.70 37.72 10.70
N GLY A 215 -5.49 36.79 11.23
CA GLY A 215 -6.94 36.91 11.22
C GLY A 215 -7.65 35.64 10.83
N ASP A 216 -8.86 35.47 11.35
CA ASP A 216 -9.74 34.39 10.92
C ASP A 216 -10.17 34.67 9.48
N PHE A 217 -9.87 33.75 8.57
CA PHE A 217 -10.09 34.00 7.16
C PHE A 217 -11.57 34.16 6.83
N SER A 218 -12.44 33.48 7.58
CA SER A 218 -13.87 33.51 7.26
C SER A 218 -14.46 34.90 7.40
N ARG A 219 -13.84 35.80 8.18
CA ARG A 219 -14.40 37.12 8.39
C ARG A 219 -13.91 38.15 7.39
N LEU A 220 -13.13 37.76 6.40
CA LEU A 220 -12.60 38.71 5.41
C LEU A 220 -13.52 38.75 4.20
N SER A 221 -13.97 39.95 3.84
CA SER A 221 -14.90 40.15 2.74
C SER A 221 -14.14 40.49 1.47
N PHE A 222 -14.43 39.76 0.38
CA PHE A 222 -13.93 40.10 -0.94
C PHE A 222 -14.86 41.01 -1.72
N GLY A 223 -16.05 41.31 -1.18
CA GLY A 223 -16.97 42.15 -1.92
C GLY A 223 -17.50 41.44 -3.16
N LEU A 224 -17.72 42.23 -4.22
CA LEU A 224 -18.18 41.65 -5.48
C LEU A 224 -17.03 40.95 -6.19
N CYS A 225 -15.81 41.47 -6.04
CA CYS A 225 -14.61 40.77 -6.52
C CYS A 225 -14.71 40.48 -8.01
N GLU A 226 -15.32 41.40 -8.75
CA GLU A 226 -15.45 41.26 -10.19
C GLU A 226 -14.12 41.58 -10.86
N ASN A 227 -13.80 40.82 -11.89
CA ASN A 227 -12.62 40.96 -12.74
C ASN A 227 -11.36 40.40 -12.06
N LEU A 228 -11.42 39.99 -10.80
CA LEU A 228 -10.22 39.49 -10.13
C LEU A 228 -9.83 38.15 -10.72
N THR A 229 -8.56 38.03 -11.11
CA THR A 229 -8.04 36.80 -11.71
C THR A 229 -6.88 36.19 -10.94
N VAL A 230 -6.12 36.99 -10.19
CA VAL A 230 -4.96 36.51 -9.45
C VAL A 230 -5.04 37.04 -8.02
N PHE A 231 -5.08 36.13 -7.05
CA PHE A 231 -5.07 36.50 -5.64
C PHE A 231 -4.17 35.56 -4.87
N SER A 232 -3.34 36.13 -3.99
CA SER A 232 -2.43 35.35 -3.15
C SER A 232 -2.33 35.96 -1.77
N LEU A 233 -2.46 35.13 -0.74
CA LEU A 233 -2.21 35.49 0.65
C LEU A 233 -1.12 34.60 1.24
N SER A 234 -0.23 34.08 0.40
CA SER A 234 0.69 33.05 0.81
C SER A 234 1.71 33.56 1.82
N GLN A 235 2.17 32.65 2.68
CA GLN A 235 3.21 32.94 3.67
C GLN A 235 2.78 34.06 4.63
N ASN A 236 1.75 33.74 5.41
CA ASN A 236 1.24 34.63 6.45
C ASN A 236 0.79 33.75 7.62
N SER A 237 0.01 34.33 8.53
CA SER A 237 -0.47 33.60 9.70
C SER A 237 -2.00 33.65 9.76
N ILE A 238 -2.65 33.35 8.65
CA ILE A 238 -4.11 33.38 8.57
C ILE A 238 -4.65 32.08 9.13
N SER A 239 -5.79 32.16 9.82
CA SER A 239 -6.42 31.02 10.47
C SER A 239 -7.87 30.88 9.98
N GLY A 240 -8.57 29.90 10.55
CA GLY A 240 -9.98 29.70 10.24
C GLY A 240 -10.27 28.34 9.61
N ASP A 241 -11.49 27.84 9.84
CA ASP A 241 -11.92 26.56 9.30
C ASP A 241 -12.93 26.70 8.17
N ARG A 242 -13.17 27.92 7.71
CA ARG A 242 -14.10 28.18 6.62
C ARG A 242 -13.51 29.24 5.71
N PHE A 243 -13.92 29.21 4.47
CA PHE A 243 -13.61 30.28 3.54
C PHE A 243 -14.68 31.38 3.65
N PRO A 244 -14.32 32.64 3.42
CA PRO A 244 -15.36 33.68 3.41
C PRO A 244 -16.33 33.44 2.26
N VAL A 245 -17.60 33.77 2.51
CA VAL A 245 -18.63 33.53 1.50
C VAL A 245 -18.38 34.38 0.27
N SER A 246 -17.88 35.61 0.46
CA SER A 246 -17.65 36.51 -0.66
C SER A 246 -16.66 35.93 -1.68
N LEU A 247 -15.79 35.01 -1.25
CA LEU A 247 -14.79 34.46 -2.17
C LEU A 247 -15.44 33.78 -3.36
N SER A 248 -16.63 33.21 -3.19
CA SER A 248 -17.32 32.56 -4.29
C SER A 248 -17.74 33.54 -5.37
N ASN A 249 -17.72 34.85 -5.10
CA ASN A 249 -18.10 35.83 -6.10
C ASN A 249 -17.03 36.03 -7.16
N CYS A 250 -15.78 35.64 -6.90
CA CYS A 250 -14.69 35.86 -7.84
C CYS A 250 -14.74 34.79 -8.93
N LYS A 251 -15.76 34.91 -9.77
CA LYS A 251 -16.00 33.88 -10.79
C LYS A 251 -14.87 33.82 -11.81
N LEU A 252 -14.07 34.86 -11.93
CA LEU A 252 -13.03 34.95 -12.94
C LEU A 252 -11.65 34.58 -12.39
N LEU A 253 -11.58 34.06 -11.16
CA LEU A 253 -10.30 33.75 -10.54
C LEU A 253 -9.54 32.73 -11.38
N GLU A 254 -8.25 32.99 -11.58
CA GLU A 254 -7.38 32.08 -12.32
C GLU A 254 -6.23 31.54 -11.49
N THR A 255 -5.81 32.25 -10.44
CA THR A 255 -4.80 31.74 -9.52
C THR A 255 -5.23 32.10 -8.10
N LEU A 256 -5.39 31.08 -7.26
CA LEU A 256 -5.69 31.25 -5.85
C LEU A 256 -4.58 30.57 -5.06
N ASN A 257 -3.81 31.36 -4.32
CA ASN A 257 -2.62 30.89 -3.62
C ASN A 257 -2.76 31.25 -2.14
N LEU A 258 -2.93 30.23 -1.30
CA LEU A 258 -3.14 30.40 0.13
C LEU A 258 -2.11 29.61 0.94
N SER A 259 -0.92 29.42 0.38
CA SER A 259 0.06 28.51 0.96
C SER A 259 0.73 29.14 2.19
N ARG A 260 1.28 28.26 3.03
CA ARG A 260 2.05 28.63 4.21
C ARG A 260 1.23 29.56 5.11
N ASN A 261 0.07 29.06 5.51
CA ASN A 261 -0.81 29.72 6.47
C ASN A 261 -1.29 28.67 7.46
N SER A 262 -2.29 29.03 8.26
CA SER A 262 -2.80 28.15 9.32
C SER A 262 -4.26 27.79 9.10
N LEU A 263 -4.67 27.62 7.85
CA LEU A 263 -6.01 27.12 7.58
C LEU A 263 -6.12 25.68 8.07
N ILE A 264 -7.24 25.37 8.73
CA ILE A 264 -7.43 24.09 9.38
C ILE A 264 -8.75 23.49 8.89
N GLY A 265 -8.92 22.21 9.19
CA GLY A 265 -10.14 21.51 8.88
C GLY A 265 -10.05 20.71 7.60
N LYS A 266 -11.22 20.47 7.02
CA LYS A 266 -11.34 19.72 5.78
C LYS A 266 -11.31 20.65 4.58
N ILE A 267 -10.77 20.14 3.48
CA ILE A 267 -10.79 20.93 2.25
C ILE A 267 -12.23 21.16 1.82
N PRO A 268 -12.64 22.36 1.44
CA PRO A 268 -14.03 22.55 1.00
C PRO A 268 -14.33 21.65 -0.19
N GLY A 269 -15.52 21.06 -0.17
CA GLY A 269 -15.96 20.15 -1.21
C GLY A 269 -17.36 20.52 -1.68
N ASP A 270 -18.16 19.50 -1.93
CA ASP A 270 -19.55 19.68 -2.39
C ASP A 270 -19.49 20.52 -3.67
N ASP A 271 -20.26 21.60 -3.78
CA ASP A 271 -20.33 22.38 -5.01
C ASP A 271 -19.41 23.60 -5.00
N TYR A 272 -18.55 23.76 -4.00
CA TYR A 272 -17.81 25.00 -3.84
C TYR A 272 -16.92 25.29 -5.05
N TRP A 273 -16.15 24.29 -5.48
CA TRP A 273 -15.14 24.53 -6.52
C TRP A 273 -15.76 24.69 -7.91
N GLY A 274 -17.07 24.55 -8.04
CA GLY A 274 -17.73 24.94 -9.28
C GLY A 274 -17.82 26.44 -9.48
N ASN A 275 -17.65 27.22 -8.41
CA ASN A 275 -17.69 28.67 -8.54
C ASN A 275 -16.52 29.21 -9.36
N PHE A 276 -15.41 28.49 -9.41
CA PHE A 276 -14.19 28.96 -10.07
C PHE A 276 -13.99 28.07 -11.29
N GLN A 277 -14.63 28.46 -12.38
CA GLN A 277 -14.57 27.70 -13.63
C GLN A 277 -13.49 28.22 -14.56
N ASN A 278 -12.68 29.16 -14.09
CA ASN A 278 -11.51 29.64 -14.81
C ASN A 278 -10.22 29.34 -14.05
N LEU A 279 -10.32 28.70 -12.89
CA LEU A 279 -9.16 28.52 -12.02
C LEU A 279 -8.14 27.61 -12.69
N ARG A 280 -6.93 28.12 -12.86
CA ARG A 280 -5.83 27.37 -13.45
C ARG A 280 -4.80 26.92 -12.43
N GLN A 281 -4.59 27.68 -11.36
CA GLN A 281 -3.63 27.36 -10.31
C GLN A 281 -4.31 27.49 -8.96
N LEU A 282 -4.27 26.42 -8.16
CA LEU A 282 -4.75 26.45 -6.79
C LEU A 282 -3.65 25.92 -5.89
N SER A 283 -3.40 26.63 -4.79
CA SER A 283 -2.40 26.22 -3.80
C SER A 283 -2.99 26.36 -2.40
N LEU A 284 -3.03 25.25 -1.68
CA LEU A 284 -3.39 25.23 -0.27
C LEU A 284 -2.27 24.59 0.56
N ALA A 285 -1.03 24.73 0.10
CA ALA A 285 0.07 23.99 0.67
C ALA A 285 0.48 24.55 2.03
N HIS A 286 1.05 23.69 2.85
CA HIS A 286 1.60 24.06 4.16
C HIS A 286 0.57 24.80 5.00
N ASN A 287 -0.62 24.22 5.05
CA ASN A 287 -1.68 24.57 5.98
C ASN A 287 -1.94 23.38 6.88
N LEU A 288 -3.01 23.42 7.66
CA LEU A 288 -3.35 22.35 8.59
C LEU A 288 -4.54 21.52 8.12
N TYR A 289 -4.69 21.35 6.81
CA TYR A 289 -5.79 20.54 6.29
C TYR A 289 -5.56 19.07 6.62
N SER A 290 -6.67 18.36 6.84
CA SER A 290 -6.66 16.95 7.20
C SER A 290 -7.74 16.23 6.39
N GLY A 291 -7.95 14.95 6.70
CA GLY A 291 -8.92 14.16 5.98
C GLY A 291 -8.41 13.73 4.62
N GLU A 292 -9.33 13.32 3.76
CA GLU A 292 -9.02 12.89 2.42
C GLU A 292 -9.13 14.07 1.45
N ILE A 293 -8.69 13.84 0.21
CA ILE A 293 -8.80 14.84 -0.85
C ILE A 293 -10.22 14.81 -1.40
N PRO A 294 -10.98 15.90 -1.34
CA PRO A 294 -12.37 15.87 -1.79
C PRO A 294 -12.47 15.53 -3.27
N PRO A 295 -13.27 14.54 -3.65
CA PRO A 295 -13.49 14.31 -5.08
C PRO A 295 -14.09 15.50 -5.79
N GLU A 296 -14.90 16.30 -5.08
CA GLU A 296 -15.55 17.46 -5.69
C GLU A 296 -14.56 18.56 -6.05
N LEU A 297 -13.31 18.47 -5.59
CA LEU A 297 -12.28 19.38 -6.07
C LEU A 297 -12.00 19.19 -7.55
N SER A 298 -12.43 18.07 -8.12
CA SER A 298 -12.23 17.80 -9.54
C SER A 298 -13.06 18.70 -10.43
N LEU A 299 -13.94 19.52 -9.86
CA LEU A 299 -14.75 20.44 -10.65
C LEU A 299 -13.92 21.53 -11.32
N LEU A 300 -12.64 21.64 -10.97
CA LEU A 300 -11.72 22.56 -11.61
C LEU A 300 -10.98 21.95 -12.79
N CYS A 301 -11.24 20.67 -13.09
CA CYS A 301 -10.41 19.92 -14.03
C CYS A 301 -10.62 20.31 -15.48
N ARG A 302 -11.63 21.14 -15.78
CA ARG A 302 -11.72 21.69 -17.12
C ARG A 302 -10.55 22.62 -17.42
N THR A 303 -10.06 23.32 -16.41
CA THR A 303 -9.05 24.36 -16.57
C THR A 303 -7.82 24.19 -15.70
N LEU A 304 -7.88 23.41 -14.62
CA LEU A 304 -6.79 23.35 -13.66
C LEU A 304 -5.50 22.90 -14.33
N GLU A 305 -4.43 23.66 -14.10
CA GLU A 305 -3.11 23.38 -14.63
C GLU A 305 -2.06 23.09 -13.56
N VAL A 306 -2.17 23.70 -12.39
CA VAL A 306 -1.19 23.53 -11.32
C VAL A 306 -1.94 23.32 -10.01
N LEU A 307 -1.59 22.26 -9.29
CA LEU A 307 -2.15 22.01 -7.97
C LEU A 307 -1.01 21.74 -6.99
N ASP A 308 -1.11 22.34 -5.79
CA ASP A 308 -0.14 22.12 -4.73
C ASP A 308 -0.90 22.03 -3.41
N LEU A 309 -1.08 20.80 -2.92
CA LEU A 309 -1.69 20.53 -1.62
C LEU A 309 -0.69 19.94 -0.64
N SER A 310 0.60 20.20 -0.84
CA SER A 310 1.65 19.60 -0.04
C SER A 310 1.70 20.25 1.34
N GLY A 311 2.40 19.58 2.27
CA GLY A 311 2.58 20.09 3.61
C GLY A 311 1.33 20.11 4.45
N ASN A 312 0.46 19.12 4.29
CA ASN A 312 -0.75 19.00 5.09
C ASN A 312 -0.78 17.62 5.73
N SER A 313 -1.92 17.25 6.33
CA SER A 313 -2.11 15.92 6.91
C SER A 313 -3.19 15.15 6.16
N LEU A 314 -3.16 15.23 4.83
CA LEU A 314 -4.16 14.54 4.02
C LEU A 314 -3.88 13.04 4.00
N THR A 315 -4.94 12.26 4.05
CA THR A 315 -4.88 10.81 4.06
C THR A 315 -5.63 10.25 2.84
N GLY A 316 -5.66 8.93 2.74
CA GLY A 316 -6.35 8.30 1.63
C GLY A 316 -5.51 8.41 0.37
N GLN A 317 -6.15 8.80 -0.72
CA GLN A 317 -5.47 8.90 -2.02
C GLN A 317 -6.15 9.97 -2.85
N LEU A 318 -5.59 10.23 -4.01
CA LEU A 318 -6.22 11.13 -4.98
C LEU A 318 -7.48 10.47 -5.52
N PRO A 319 -8.65 11.11 -5.43
CA PRO A 319 -9.89 10.45 -5.86
C PRO A 319 -9.89 10.18 -7.36
N GLN A 320 -10.66 9.16 -7.74
CA GLN A 320 -10.73 8.76 -9.16
C GLN A 320 -11.32 9.86 -10.03
N SER A 321 -12.05 10.81 -9.46
CA SER A 321 -12.69 11.85 -10.25
C SER A 321 -11.70 12.69 -11.05
N PHE A 322 -10.42 12.67 -10.66
CA PHE A 322 -9.41 13.52 -11.27
C PHE A 322 -8.86 12.96 -12.59
N THR A 323 -9.41 11.85 -13.09
CA THR A 323 -9.02 11.37 -14.41
C THR A 323 -9.44 12.35 -15.50
N SER A 324 -10.33 13.29 -15.20
CA SER A 324 -10.83 14.27 -16.16
C SER A 324 -9.97 15.53 -16.21
N CYS A 325 -8.87 15.58 -15.44
CA CYS A 325 -7.96 16.72 -15.44
C CYS A 325 -7.00 16.57 -16.61
N GLY A 326 -7.51 16.89 -17.81
CA GLY A 326 -6.70 16.81 -19.00
C GLY A 326 -5.73 17.95 -19.20
N SER A 327 -5.85 19.02 -18.41
CA SER A 327 -4.97 20.18 -18.51
C SER A 327 -3.94 20.23 -17.38
N LEU A 328 -3.99 19.31 -16.43
CA LEU A 328 -3.12 19.37 -15.27
C LEU A 328 -1.68 19.07 -15.64
N GLN A 329 -0.77 19.99 -15.29
CA GLN A 329 0.65 19.88 -15.59
C GLN A 329 1.49 19.59 -14.36
N SER A 330 1.27 20.32 -13.27
CA SER A 330 2.05 20.15 -12.04
C SER A 330 1.12 19.69 -10.92
N LEU A 331 1.39 18.50 -10.39
CA LEU A 331 0.66 17.98 -9.24
C LEU A 331 1.65 17.73 -8.12
N ASN A 332 1.49 18.44 -7.01
CA ASN A 332 2.39 18.36 -5.86
C ASN A 332 1.56 17.99 -4.63
N LEU A 333 1.78 16.77 -4.12
CA LEU A 333 1.07 16.28 -2.94
C LEU A 333 2.03 15.76 -1.88
N GLY A 334 3.25 16.28 -1.84
CA GLY A 334 4.24 15.79 -0.91
C GLY A 334 3.92 16.17 0.53
N ASN A 335 4.64 15.53 1.45
CA ASN A 335 4.48 15.74 2.88
C ASN A 335 3.01 15.68 3.29
N ASN A 336 2.41 14.53 3.00
CA ASN A 336 1.05 14.21 3.42
C ASN A 336 1.05 12.76 3.88
N LYS A 337 -0.13 12.18 4.05
CA LYS A 337 -0.27 10.80 4.48
C LYS A 337 -0.99 9.95 3.44
N LEU A 338 -0.78 10.25 2.16
CA LEU A 338 -1.46 9.52 1.11
C LEU A 338 -0.84 8.14 0.90
N SER A 339 -1.67 7.20 0.44
CA SER A 339 -1.24 5.83 0.22
C SER A 339 -2.15 5.22 -0.84
N GLY A 340 -1.82 4.01 -1.26
CA GLY A 340 -2.60 3.28 -2.23
C GLY A 340 -1.92 3.23 -3.59
N ASP A 341 -2.68 2.73 -4.57
CA ASP A 341 -2.20 2.59 -5.94
C ASP A 341 -2.76 3.68 -6.85
N PHE A 342 -3.10 4.84 -6.29
CA PHE A 342 -3.67 5.90 -7.12
C PHE A 342 -2.69 6.38 -8.18
N LEU A 343 -1.40 6.07 -8.01
CA LEU A 343 -0.41 6.42 -9.02
C LEU A 343 -0.72 5.75 -10.35
N SER A 344 -1.31 4.56 -10.32
CA SER A 344 -1.65 3.80 -11.52
C SER A 344 -3.10 3.98 -11.92
N THR A 345 -4.01 4.05 -10.95
CA THR A 345 -5.44 4.14 -11.25
C THR A 345 -5.86 5.54 -11.63
N VAL A 346 -5.08 6.57 -11.29
CA VAL A 346 -5.44 7.94 -11.61
C VAL A 346 -4.31 8.66 -12.34
N VAL A 347 -3.13 8.70 -11.73
CA VAL A 347 -2.07 9.59 -12.20
C VAL A 347 -1.65 9.23 -13.62
N SER A 348 -1.57 7.93 -13.92
CA SER A 348 -1.14 7.49 -15.24
C SER A 348 -2.09 7.97 -16.34
N LYS A 349 -3.34 8.28 -16.01
CA LYS A 349 -4.31 8.72 -16.98
C LYS A 349 -4.25 10.21 -17.25
N LEU A 350 -3.37 10.94 -16.56
CA LEU A 350 -3.19 12.37 -16.79
C LEU A 350 -2.25 12.52 -17.98
N SER A 351 -2.80 12.88 -19.13
CA SER A 351 -2.00 12.86 -20.36
C SER A 351 -0.92 13.93 -20.35
N ARG A 352 -1.21 15.09 -19.74
CA ARG A 352 -0.34 16.26 -19.81
C ARG A 352 0.46 16.50 -18.53
N ILE A 353 0.56 15.49 -17.66
CA ILE A 353 1.39 15.62 -16.48
C ILE A 353 2.84 15.81 -16.90
N THR A 354 3.48 16.83 -16.33
CA THR A 354 4.90 17.10 -16.57
C THR A 354 5.72 17.13 -15.30
N ASN A 355 5.15 17.53 -14.17
CA ASN A 355 5.85 17.63 -12.90
C ASN A 355 4.99 16.98 -11.82
N LEU A 356 5.41 15.80 -11.37
CA LEU A 356 4.68 15.03 -10.36
C LEU A 356 5.54 14.92 -9.11
N TYR A 357 5.05 15.49 -8.01
CA TYR A 357 5.75 15.48 -6.73
C TYR A 357 4.89 14.74 -5.72
N LEU A 358 5.37 13.59 -5.26
CA LEU A 358 4.71 12.89 -4.16
C LEU A 358 5.71 12.37 -3.14
N PRO A 359 6.70 13.16 -2.72
CA PRO A 359 7.62 12.68 -1.68
C PRO A 359 7.03 12.80 -0.29
N PHE A 360 7.60 12.03 0.63
CA PHE A 360 7.19 12.03 2.04
C PHE A 360 5.71 11.68 2.19
N ASN A 361 5.39 10.45 1.80
CA ASN A 361 4.04 9.90 1.91
C ASN A 361 4.17 8.45 2.37
N ASN A 362 3.06 7.70 2.29
CA ASN A 362 3.01 6.32 2.74
C ASN A 362 2.69 5.37 1.60
N ILE A 363 3.18 5.67 0.40
CA ILE A 363 2.92 4.85 -0.77
C ILE A 363 3.84 3.63 -0.73
N SER A 364 3.24 2.45 -0.61
CA SER A 364 3.97 1.19 -0.57
C SER A 364 3.77 0.43 -1.87
N GLY A 365 4.43 -0.72 -1.97
CA GLY A 365 4.39 -1.52 -3.17
C GLY A 365 5.45 -1.09 -4.16
N SER A 366 5.36 -1.68 -5.36
CA SER A 366 6.26 -1.31 -6.44
C SER A 366 5.81 -0.01 -7.09
N VAL A 367 6.76 0.67 -7.74
CA VAL A 367 6.43 1.86 -8.51
C VAL A 367 5.67 1.39 -9.74
N PRO A 368 4.42 1.82 -9.95
CA PRO A 368 3.64 1.28 -11.07
C PRO A 368 4.27 1.61 -12.41
N ILE A 369 4.30 0.59 -13.29
CA ILE A 369 4.83 0.78 -14.63
C ILE A 369 3.90 1.63 -15.49
N SER A 370 2.60 1.68 -15.16
CA SER A 370 1.67 2.49 -15.95
C SER A 370 2.02 3.97 -15.90
N LEU A 371 2.87 4.39 -14.97
CA LEU A 371 3.28 5.79 -14.89
C LEU A 371 3.97 6.25 -16.17
N THR A 372 4.45 5.32 -17.00
CA THR A 372 5.09 5.69 -18.26
C THR A 372 4.10 6.23 -19.28
N ASN A 373 2.79 5.97 -19.10
CA ASN A 373 1.79 6.57 -19.97
C ASN A 373 1.82 8.09 -19.91
N CYS A 374 2.48 8.68 -18.92
CA CYS A 374 2.67 10.13 -18.85
C CYS A 374 3.81 10.50 -19.78
N SER A 375 3.44 10.77 -21.05
CA SER A 375 4.42 10.97 -22.10
C SER A 375 5.19 12.28 -21.97
N ASN A 376 4.69 13.22 -21.16
CA ASN A 376 5.31 14.53 -21.00
C ASN A 376 5.99 14.70 -19.64
N LEU A 377 6.20 13.60 -18.92
CA LEU A 377 6.76 13.67 -17.57
C LEU A 377 8.21 14.11 -17.62
N ARG A 378 8.52 15.25 -16.99
CA ARG A 378 9.88 15.76 -16.89
C ARG A 378 10.49 15.57 -15.52
N VAL A 379 9.71 15.71 -14.45
CA VAL A 379 10.19 15.62 -13.08
C VAL A 379 9.29 14.65 -12.31
N LEU A 380 9.89 13.65 -11.68
CA LEU A 380 9.18 12.67 -10.86
C LEU A 380 9.87 12.58 -9.51
N ASP A 381 9.12 12.86 -8.44
CA ASP A 381 9.66 12.82 -7.08
C ASP A 381 8.81 11.87 -6.24
N LEU A 382 9.41 10.75 -5.83
CA LEU A 382 8.75 9.75 -5.02
C LEU A 382 9.55 9.42 -3.76
N SER A 383 10.36 10.37 -3.30
CA SER A 383 11.26 10.11 -2.18
C SER A 383 10.50 9.99 -0.86
N SER A 384 11.10 9.26 0.08
CA SER A 384 10.55 9.10 1.43
C SER A 384 9.17 8.46 1.39
N ASN A 385 9.08 7.31 0.72
CA ASN A 385 7.87 6.49 0.73
C ASN A 385 8.25 5.08 1.15
N GLU A 386 7.31 4.14 1.02
CA GLU A 386 7.55 2.74 1.33
C GLU A 386 7.61 1.90 0.06
N PHE A 387 8.15 2.47 -1.01
CA PHE A 387 8.22 1.76 -2.28
C PHE A 387 9.18 0.58 -2.17
N THR A 388 8.84 -0.49 -2.88
CA THR A 388 9.63 -1.71 -2.89
C THR A 388 9.89 -2.12 -4.33
N GLY A 389 10.74 -3.12 -4.51
CA GLY A 389 10.99 -3.64 -5.84
C GLY A 389 12.19 -3.03 -6.53
N GLU A 390 12.11 -2.91 -7.86
CA GLU A 390 13.22 -2.44 -8.68
C GLU A 390 13.04 -0.97 -9.05
N VAL A 391 14.12 -0.37 -9.50
CA VAL A 391 14.07 1.05 -9.92
C VAL A 391 13.21 1.16 -11.17
N PRO A 392 12.27 2.11 -11.23
CA PRO A 392 11.50 2.30 -12.47
C PRO A 392 12.39 2.82 -13.60
N SER A 393 12.32 2.15 -14.75
CA SER A 393 13.11 2.56 -15.91
C SER A 393 12.33 2.60 -17.22
N GLY A 394 10.99 2.47 -17.17
CA GLY A 394 10.23 2.37 -18.41
C GLY A 394 10.07 3.68 -19.15
N PHE A 395 10.29 4.80 -18.46
CA PHE A 395 10.08 6.11 -19.06
C PHE A 395 10.95 6.31 -20.29
N CYS A 396 12.09 5.63 -20.36
CA CYS A 396 13.09 5.88 -21.39
C CYS A 396 12.84 5.07 -22.66
N SER A 397 12.13 3.94 -22.56
CA SER A 397 11.85 3.08 -23.69
C SER A 397 10.47 3.37 -24.27
N LEU A 398 10.11 4.65 -24.37
CA LEU A 398 8.85 5.04 -24.95
C LEU A 398 8.99 5.11 -26.47
N GLN A 399 7.85 5.08 -27.17
CA GLN A 399 7.89 5.20 -28.62
CA GLN A 399 7.88 5.21 -28.62
C GLN A 399 8.50 6.52 -29.06
N SER A 400 8.52 7.52 -28.18
CA SER A 400 9.18 8.80 -28.43
C SER A 400 10.27 9.01 -27.40
N SER A 401 11.24 9.86 -27.75
CA SER A 401 12.32 10.19 -26.84
C SER A 401 11.76 10.75 -25.53
N SER A 402 12.17 10.16 -24.42
CA SER A 402 11.69 10.59 -23.11
C SER A 402 12.26 11.96 -22.75
N VAL A 403 11.41 12.81 -22.17
CA VAL A 403 11.81 14.13 -21.72
C VAL A 403 12.11 14.16 -20.23
N LEU A 404 12.15 12.99 -19.58
CA LEU A 404 12.41 12.94 -18.14
C LEU A 404 13.77 13.55 -17.83
N GLU A 405 13.78 14.51 -16.91
CA GLU A 405 15.00 15.21 -16.52
C GLU A 405 15.42 14.95 -15.08
N LYS A 406 14.47 14.78 -14.16
CA LYS A 406 14.77 14.55 -12.75
C LYS A 406 14.01 13.32 -12.26
N LEU A 407 14.74 12.37 -11.68
CA LEU A 407 14.17 11.20 -11.04
C LEU A 407 14.68 11.12 -9.61
N LEU A 408 13.78 11.20 -8.63
CA LEU A 408 14.18 11.27 -7.22
C LEU A 408 13.37 10.24 -6.44
N ILE A 409 14.03 9.16 -6.00
CA ILE A 409 13.37 8.09 -5.27
C ILE A 409 14.12 7.76 -3.98
N ALA A 410 14.74 8.76 -3.36
CA ALA A 410 15.54 8.52 -2.17
C ALA A 410 14.66 8.08 -0.99
N ASN A 411 15.29 7.40 -0.04
CA ASN A 411 14.65 6.93 1.18
C ASN A 411 13.45 6.04 0.87
N ASN A 412 13.70 4.99 0.06
CA ASN A 412 12.72 3.94 -0.16
C ASN A 412 13.40 2.61 0.09
N TYR A 413 12.73 1.51 -0.25
CA TYR A 413 13.28 0.17 -0.06
C TYR A 413 13.52 -0.51 -1.41
N LEU A 414 13.89 0.27 -2.42
CA LEU A 414 14.20 -0.29 -3.72
C LEU A 414 15.43 -1.19 -3.61
N SER A 415 15.41 -2.30 -4.35
CA SER A 415 16.46 -3.29 -4.32
C SER A 415 16.92 -3.58 -5.74
N GLY A 416 17.94 -4.41 -5.85
CA GLY A 416 18.47 -4.79 -7.14
C GLY A 416 19.61 -3.90 -7.57
N THR A 417 19.84 -3.87 -8.88
CA THR A 417 20.90 -3.09 -9.48
C THR A 417 20.33 -1.85 -10.15
N VAL A 418 21.20 -0.89 -10.42
CA VAL A 418 20.80 0.31 -11.17
C VAL A 418 20.49 -0.15 -12.60
N PRO A 419 19.24 -0.11 -13.04
CA PRO A 419 18.91 -0.64 -14.37
C PRO A 419 19.64 0.12 -15.46
N VAL A 420 20.15 -0.62 -16.45
CA VAL A 420 20.83 -0.02 -17.58
C VAL A 420 19.88 0.77 -18.48
N GLU A 421 18.58 0.51 -18.40
CA GLU A 421 17.64 1.19 -19.27
C GLU A 421 17.62 2.70 -19.05
N LEU A 422 18.04 3.16 -17.87
CA LEU A 422 18.07 4.59 -17.60
C LEU A 422 18.99 5.34 -18.55
N GLY A 423 19.95 4.66 -19.16
CA GLY A 423 20.83 5.29 -20.13
C GLY A 423 20.09 5.84 -21.34
N LYS A 424 18.90 5.33 -21.64
CA LYS A 424 18.12 5.82 -22.76
C LYS A 424 17.40 7.13 -22.46
N CYS A 425 17.32 7.54 -21.19
CA CYS A 425 16.72 8.82 -20.82
C CYS A 425 17.78 9.91 -20.98
N LYS A 426 17.99 10.30 -22.24
CA LYS A 426 19.08 11.21 -22.59
C LYS A 426 18.89 12.62 -22.04
N SER A 427 17.71 12.96 -21.53
CA SER A 427 17.46 14.28 -20.97
C SER A 427 17.69 14.33 -19.47
N LEU A 428 18.15 13.24 -18.87
CA LEU A 428 18.33 13.19 -17.42
C LEU A 428 19.41 14.17 -16.99
N LYS A 429 19.11 14.95 -15.94
CA LYS A 429 20.09 15.81 -15.31
C LYS A 429 20.32 15.48 -13.84
N THR A 430 19.40 14.76 -13.20
CA THR A 430 19.49 14.49 -11.77
C THR A 430 18.94 13.09 -11.51
N ILE A 431 19.77 12.23 -10.92
CA ILE A 431 19.34 10.90 -10.49
C ILE A 431 19.64 10.79 -9.00
N ASP A 432 18.60 10.58 -8.20
CA ASP A 432 18.74 10.50 -6.75
C ASP A 432 18.11 9.18 -6.28
N LEU A 433 18.96 8.18 -6.04
CA LEU A 433 18.53 6.87 -5.57
C LEU A 433 19.11 6.55 -4.19
N SER A 434 19.49 7.56 -3.42
CA SER A 434 20.16 7.34 -2.16
C SER A 434 19.20 6.73 -1.14
N PHE A 435 19.79 6.13 -0.10
CA PHE A 435 19.04 5.50 0.99
C PHE A 435 18.01 4.52 0.44
N ASN A 436 18.49 3.59 -0.36
CA ASN A 436 17.70 2.44 -0.80
C ASN A 436 18.51 1.20 -0.46
N ALA A 437 18.08 0.04 -0.95
CA ALA A 437 18.79 -1.22 -0.74
C ALA A 437 19.44 -1.70 -2.04
N LEU A 438 19.92 -0.76 -2.85
CA LEU A 438 20.53 -1.12 -4.13
C LEU A 438 21.88 -1.77 -3.91
N THR A 439 22.27 -2.61 -4.88
CA THR A 439 23.50 -3.39 -4.81
C THR A 439 24.12 -3.45 -6.20
N GLY A 440 25.26 -4.12 -6.29
CA GLY A 440 25.90 -4.33 -7.58
C GLY A 440 26.70 -3.12 -8.04
N LEU A 441 27.04 -3.15 -9.32
CA LEU A 441 27.86 -2.12 -9.94
C LEU A 441 27.01 -1.00 -10.51
N ILE A 442 27.63 0.16 -10.68
CA ILE A 442 27.01 1.29 -11.36
C ILE A 442 27.27 1.12 -12.86
N PRO A 443 26.24 0.92 -13.68
CA PRO A 443 26.48 0.65 -15.11
C PRO A 443 27.16 1.81 -15.82
N LYS A 444 27.93 1.46 -16.85
CA LYS A 444 28.63 2.46 -17.64
C LYS A 444 27.68 3.43 -18.34
N GLU A 445 26.43 3.01 -18.59
CA GLU A 445 25.47 3.87 -19.27
C GLU A 445 25.10 5.09 -18.43
N ILE A 446 25.28 5.03 -17.12
CA ILE A 446 25.00 6.20 -16.28
C ILE A 446 26.09 7.25 -16.46
N TRP A 447 27.35 6.82 -16.45
CA TRP A 447 28.48 7.74 -16.60
C TRP A 447 28.58 8.33 -18.01
N THR A 448 27.68 7.98 -18.92
CA THR A 448 27.69 8.51 -20.27
C THR A 448 26.44 9.30 -20.61
N LEU A 449 25.51 9.47 -19.67
CA LEU A 449 24.35 10.30 -19.91
C LEU A 449 24.80 11.71 -20.28
N PRO A 450 24.45 12.22 -21.47
CA PRO A 450 25.06 13.49 -21.91
C PRO A 450 24.73 14.69 -21.02
N LYS A 451 23.52 14.75 -20.47
CA LYS A 451 23.07 15.91 -19.72
C LYS A 451 23.08 15.70 -18.21
N LEU A 452 23.61 14.58 -17.73
CA LEU A 452 23.60 14.31 -16.29
C LEU A 452 24.38 15.39 -15.54
N SER A 453 23.82 15.83 -14.42
CA SER A 453 24.45 16.87 -13.61
C SER A 453 24.61 16.47 -12.16
N ASP A 454 23.63 15.76 -11.59
CA ASP A 454 23.67 15.36 -10.19
C ASP A 454 23.49 13.85 -10.12
N LEU A 455 24.50 13.15 -9.60
CA LEU A 455 24.44 11.70 -9.40
C LEU A 455 24.52 11.44 -7.91
N VAL A 456 23.37 11.20 -7.29
CA VAL A 456 23.24 11.11 -5.85
C VAL A 456 22.70 9.72 -5.51
N MET A 457 23.59 8.83 -5.07
CA MET A 457 23.18 7.47 -4.72
C MET A 457 23.89 6.98 -3.46
N TRP A 458 24.13 7.86 -2.50
CA TRP A 458 24.79 7.46 -1.27
C TRP A 458 23.84 6.61 -0.43
N ALA A 459 24.40 5.95 0.58
CA ALA A 459 23.64 5.08 1.49
C ALA A 459 23.04 3.90 0.74
N ASN A 460 23.88 3.25 -0.07
CA ASN A 460 23.52 1.97 -0.69
C ASN A 460 24.67 0.98 -0.47
N ASN A 461 24.62 -0.17 -1.12
CA ASN A 461 25.69 -1.15 -1.08
C ASN A 461 26.30 -1.30 -2.47
N LEU A 462 26.43 -0.19 -3.18
CA LEU A 462 26.93 -0.23 -4.54
C LEU A 462 28.43 -0.55 -4.55
N THR A 463 28.84 -1.28 -5.58
CA THR A 463 30.20 -1.74 -5.74
C THR A 463 30.76 -1.23 -7.06
N GLY A 464 31.97 -1.65 -7.38
CA GLY A 464 32.65 -1.18 -8.57
C GLY A 464 33.51 0.03 -8.31
N GLY A 465 33.94 0.67 -9.41
CA GLY A 465 34.82 1.81 -9.34
C GLY A 465 34.33 2.96 -10.20
N ILE A 466 35.08 4.06 -10.14
CA ILE A 466 34.78 5.27 -10.91
C ILE A 466 35.43 5.11 -12.29
N PRO A 467 34.68 5.24 -13.38
CA PRO A 467 35.32 5.14 -14.70
C PRO A 467 36.32 6.24 -14.96
N GLU A 468 37.25 5.97 -15.87
CA GLU A 468 38.24 6.94 -16.31
C GLU A 468 37.66 7.92 -17.32
N SER A 469 36.43 7.72 -17.78
CA SER A 469 35.83 8.53 -18.83
C SER A 469 34.68 9.38 -18.29
N ILE A 470 34.81 9.87 -17.07
CA ILE A 470 33.77 10.67 -16.44
C ILE A 470 33.88 12.11 -16.94
N CYS A 471 32.72 12.72 -17.21
CA CYS A 471 32.58 14.12 -17.58
C CYS A 471 33.21 14.45 -18.93
N VAL A 472 33.77 13.47 -19.63
CA VAL A 472 34.31 13.67 -20.98
C VAL A 472 33.37 13.11 -22.03
N ASP A 473 32.97 11.85 -21.90
CA ASP A 473 31.90 11.29 -22.71
C ASP A 473 30.53 11.49 -22.09
N GLY A 474 30.47 11.68 -20.76
CA GLY A 474 29.24 11.96 -20.07
C GLY A 474 29.12 13.42 -19.67
N GLY A 475 28.06 13.71 -18.92
CA GLY A 475 27.78 15.08 -18.54
C GLY A 475 28.75 15.62 -17.51
N ASN A 476 28.97 16.93 -17.57
CA ASN A 476 29.84 17.63 -16.61
C ASN A 476 29.06 17.82 -15.32
N LEU A 477 29.31 16.95 -14.35
CA LEU A 477 28.48 16.87 -13.16
C LEU A 477 28.67 18.08 -12.26
N GLU A 478 27.62 18.41 -11.50
CA GLU A 478 27.70 19.37 -10.42
C GLU A 478 27.86 18.72 -9.06
N THR A 479 27.34 17.50 -8.88
CA THR A 479 27.38 16.81 -7.59
C THR A 479 27.63 15.33 -7.86
N LEU A 480 28.61 14.77 -7.16
CA LEU A 480 28.89 13.34 -7.21
C LEU A 480 28.90 12.87 -5.76
N ILE A 481 27.77 12.32 -5.31
CA ILE A 481 27.54 12.05 -3.90
C ILE A 481 27.27 10.55 -3.79
N LEU A 482 28.31 9.78 -3.50
CA LEU A 482 28.23 8.32 -3.43
C LEU A 482 28.87 7.80 -2.15
N ASN A 483 28.88 8.61 -1.09
CA ASN A 483 29.44 8.16 0.18
C ASN A 483 28.58 7.01 0.74
N ASN A 484 29.15 6.32 1.73
CA ASN A 484 28.49 5.21 2.40
C ASN A 484 28.01 4.18 1.39
N ASN A 485 28.97 3.67 0.61
CA ASN A 485 28.75 2.59 -0.34
C ASN A 485 29.91 1.61 -0.17
N LEU A 486 30.03 0.67 -1.09
CA LEU A 486 31.11 -0.31 -1.11
C LEU A 486 32.02 -0.11 -2.32
N LEU A 487 32.15 1.13 -2.78
CA LEU A 487 32.94 1.44 -3.95
C LEU A 487 34.40 1.13 -3.72
N THR A 488 35.08 0.68 -4.77
CA THR A 488 36.47 0.25 -4.72
C THR A 488 37.30 1.07 -5.71
N GLY A 489 38.61 0.83 -5.69
CA GLY A 489 39.52 1.48 -6.60
C GLY A 489 39.91 2.88 -6.16
N SER A 490 40.60 3.58 -7.06
CA SER A 490 41.12 4.92 -6.81
C SER A 490 40.36 5.96 -7.63
N LEU A 491 40.32 7.17 -7.12
CA LEU A 491 39.65 8.27 -7.82
C LEU A 491 40.43 8.60 -9.10
N PRO A 492 39.81 8.52 -10.28
CA PRO A 492 40.57 8.78 -11.51
C PRO A 492 40.94 10.25 -11.67
N GLU A 493 42.08 10.47 -12.34
CA GLU A 493 42.48 11.82 -12.70
C GLU A 493 41.52 12.47 -13.68
N SER A 494 40.67 11.67 -14.35
CA SER A 494 39.70 12.24 -15.27
C SER A 494 38.70 13.15 -14.57
N ILE A 495 38.62 13.10 -13.24
CA ILE A 495 37.79 14.04 -12.50
C ILE A 495 38.15 15.48 -12.82
N SER A 496 39.36 15.73 -13.31
CA SER A 496 39.75 17.08 -13.69
C SER A 496 38.85 17.65 -14.78
N LYS A 497 38.13 16.79 -15.51
CA LYS A 497 37.24 17.25 -16.57
C LYS A 497 35.89 17.72 -16.03
N CYS A 498 35.56 17.45 -14.78
CA CYS A 498 34.28 17.85 -14.20
C CYS A 498 34.38 19.28 -13.65
N THR A 499 34.66 20.22 -14.55
CA THR A 499 34.94 21.59 -14.14
C THR A 499 33.75 22.22 -13.41
N ASN A 500 32.54 21.78 -13.71
CA ASN A 500 31.34 22.33 -13.08
C ASN A 500 31.08 21.77 -11.68
N MET A 501 31.90 20.83 -11.22
CA MET A 501 31.61 20.12 -9.98
C MET A 501 31.49 21.08 -8.81
N LEU A 502 30.47 20.86 -7.98
CA LEU A 502 30.24 21.64 -6.76
C LEU A 502 30.43 20.85 -5.48
N TRP A 503 30.10 19.56 -5.48
CA TRP A 503 30.08 18.77 -4.25
C TRP A 503 30.45 17.34 -4.58
N ILE A 504 31.55 16.86 -4.01
CA ILE A 504 31.96 15.46 -4.09
C ILE A 504 31.93 14.87 -2.70
N SER A 505 31.22 13.75 -2.54
CA SER A 505 31.15 13.04 -1.27
C SER A 505 31.33 11.55 -1.54
N LEU A 506 32.49 11.02 -1.14
CA LEU A 506 32.79 9.60 -1.29
C LEU A 506 33.30 8.99 0.01
N SER A 507 32.96 9.60 1.15
CA SER A 507 33.41 9.10 2.43
C SER A 507 32.82 7.72 2.72
N SER A 508 33.48 7.00 3.63
CA SER A 508 33.02 5.69 4.10
C SER A 508 32.76 4.73 2.93
N ASN A 509 33.73 4.66 2.04
CA ASN A 509 33.80 3.67 0.97
C ASN A 509 35.05 2.83 1.17
N LEU A 510 35.37 1.99 0.18
CA LEU A 510 36.55 1.15 0.20
C LEU A 510 37.62 1.67 -0.76
N LEU A 511 37.70 2.99 -0.91
CA LEU A 511 38.57 3.60 -1.90
C LEU A 511 40.03 3.47 -1.49
N THR A 512 40.90 3.38 -2.51
CA THR A 512 42.34 3.28 -2.29
C THR A 512 43.09 4.23 -3.22
N GLY A 513 44.42 4.15 -3.21
CA GLY A 513 45.24 4.97 -4.08
C GLY A 513 45.47 6.37 -3.55
N GLU A 514 46.02 7.21 -4.42
CA GLU A 514 46.36 8.59 -4.09
C GLU A 514 45.25 9.53 -4.52
N ILE A 515 45.23 10.70 -3.89
CA ILE A 515 44.31 11.77 -4.26
C ILE A 515 44.83 12.40 -5.56
N PRO A 516 44.05 12.39 -6.64
CA PRO A 516 44.56 12.92 -7.92
C PRO A 516 44.82 14.42 -7.83
N VAL A 517 45.96 14.82 -8.38
CA VAL A 517 46.32 16.24 -8.42
C VAL A 517 45.38 17.05 -9.29
N GLY A 518 44.66 16.39 -10.21
CA GLY A 518 43.74 17.08 -11.11
C GLY A 518 42.60 17.79 -10.42
N ILE A 519 42.35 17.49 -9.15
CA ILE A 519 41.28 18.15 -8.42
C ILE A 519 41.47 19.66 -8.43
N GLY A 520 42.71 20.12 -8.58
CA GLY A 520 42.99 21.55 -8.59
C GLY A 520 42.33 22.30 -9.73
N LYS A 521 41.96 21.60 -10.81
CA LYS A 521 41.29 22.27 -11.92
C LYS A 521 39.84 22.62 -11.60
N LEU A 522 39.29 22.11 -10.50
CA LEU A 522 37.88 22.32 -10.14
C LEU A 522 37.79 23.58 -9.30
N GLU A 523 37.70 24.73 -9.97
CA GLU A 523 37.70 26.02 -9.28
C GLU A 523 36.33 26.41 -8.76
N LYS A 524 35.28 25.63 -9.07
CA LYS A 524 33.97 25.81 -8.46
C LYS A 524 33.66 24.78 -7.38
N LEU A 525 34.54 23.79 -7.19
CA LEU A 525 34.30 22.78 -6.16
C LEU A 525 34.22 23.44 -4.80
N ALA A 526 33.12 23.21 -4.09
CA ALA A 526 32.89 23.82 -2.79
C ALA A 526 32.99 22.83 -1.64
N ILE A 527 32.63 21.57 -1.85
CA ILE A 527 32.61 20.56 -0.79
C ILE A 527 33.30 19.31 -1.30
N LEU A 528 34.23 18.78 -0.52
CA LEU A 528 34.94 17.55 -0.86
C LEU A 528 35.06 16.68 0.38
N GLN A 529 34.40 15.52 0.37
CA GLN A 529 34.42 14.57 1.47
C GLN A 529 34.99 13.25 0.99
N LEU A 530 36.07 12.80 1.64
CA LEU A 530 36.70 11.53 1.29
C LEU A 530 37.11 10.75 2.55
N GLY A 531 36.42 10.99 3.66
CA GLY A 531 36.81 10.38 4.91
C GLY A 531 36.49 8.89 4.98
N ASN A 532 37.13 8.23 5.94
CA ASN A 532 36.90 6.81 6.22
C ASN A 532 37.14 5.97 4.98
N ASN A 533 38.33 6.14 4.39
CA ASN A 533 38.78 5.31 3.27
C ASN A 533 40.23 4.90 3.54
N SER A 534 40.90 4.35 2.53
CA SER A 534 42.29 3.93 2.64
C SER A 534 43.16 4.71 1.66
N LEU A 535 42.90 6.01 1.52
CA LEU A 535 43.70 6.85 0.65
C LEU A 535 45.14 6.92 1.16
N THR A 536 46.08 6.94 0.22
CA THR A 536 47.50 7.01 0.51
C THR A 536 48.12 8.21 -0.20
N GLY A 537 49.43 8.38 -0.02
CA GLY A 537 50.14 9.45 -0.68
C GLY A 537 50.04 10.77 0.07
N ASN A 538 50.40 11.83 -0.65
CA ASN A 538 50.41 13.19 -0.11
C ASN A 538 49.04 13.83 -0.23
N ILE A 539 48.83 14.86 0.58
CA ILE A 539 47.72 15.79 0.35
C ILE A 539 48.17 16.74 -0.75
N PRO A 540 47.64 16.63 -1.97
CA PRO A 540 48.19 17.41 -3.08
C PRO A 540 48.14 18.91 -2.83
N SER A 541 49.23 19.59 -3.19
CA SER A 541 49.27 21.05 -3.12
C SER A 541 48.30 21.68 -4.11
N GLU A 542 47.88 20.95 -5.13
CA GLU A 542 46.98 21.50 -6.15
C GLU A 542 45.62 21.86 -5.59
N LEU A 543 45.27 21.38 -4.40
CA LEU A 543 44.02 21.76 -3.75
C LEU A 543 43.91 23.28 -3.57
N GLY A 544 45.03 23.99 -3.51
CA GLY A 544 44.99 25.42 -3.31
C GLY A 544 44.41 26.21 -4.47
N ASN A 545 44.28 25.59 -5.64
CA ASN A 545 43.70 26.24 -6.80
C ASN A 545 42.19 26.08 -6.88
N CYS A 546 41.57 25.43 -5.89
CA CYS A 546 40.12 25.31 -5.81
C CYS A 546 39.59 26.62 -5.23
N LYS A 547 39.19 27.53 -6.13
CA LYS A 547 38.88 28.90 -5.71
C LYS A 547 37.73 28.95 -4.71
N ASN A 548 36.77 28.03 -4.81
CA ASN A 548 35.57 28.10 -3.99
C ASN A 548 35.52 27.01 -2.92
N LEU A 549 36.59 26.26 -2.72
CA LEU A 549 36.57 25.14 -1.78
C LEU A 549 36.40 25.64 -0.35
N ILE A 550 35.33 25.22 0.31
CA ILE A 550 35.04 25.63 1.67
C ILE A 550 34.92 24.47 2.65
N TRP A 551 34.90 23.22 2.18
CA TRP A 551 34.66 22.07 3.03
C TRP A 551 35.54 20.91 2.56
N LEU A 552 36.55 20.56 3.36
CA LEU A 552 37.48 19.48 3.04
C LEU A 552 37.52 18.49 4.19
N ASP A 553 37.19 17.23 3.90
CA ASP A 553 37.11 16.18 4.91
C ASP A 553 37.90 14.97 4.41
N LEU A 554 39.06 14.73 5.01
CA LEU A 554 39.93 13.61 4.64
C LEU A 554 40.27 12.75 5.84
N ASN A 555 39.37 12.69 6.83
CA ASN A 555 39.68 11.98 8.06
C ASN A 555 39.68 10.47 7.84
N SER A 556 40.36 9.76 8.73
CA SER A 556 40.36 8.30 8.75
C SER A 556 40.84 7.71 7.42
N ASN A 557 41.95 8.24 6.93
CA ASN A 557 42.62 7.72 5.74
C ASN A 557 44.06 7.33 6.12
N ASN A 558 44.85 7.00 5.11
CA ASN A 558 46.24 6.60 5.29
C ASN A 558 47.19 7.60 4.62
N LEU A 559 46.88 8.88 4.76
CA LEU A 559 47.67 9.94 4.14
C LEU A 559 48.95 10.21 4.93
N THR A 560 49.97 10.68 4.22
CA THR A 560 51.26 11.02 4.81
C THR A 560 51.76 12.31 4.16
N GLY A 561 53.03 12.62 4.38
CA GLY A 561 53.62 13.86 3.90
C GLY A 561 53.36 15.02 4.84
N ASN A 562 53.65 16.22 4.35
CA ASN A 562 53.50 17.44 5.12
C ASN A 562 52.16 18.11 4.83
N LEU A 563 51.74 18.94 5.76
CA LEU A 563 50.55 19.76 5.54
C LEU A 563 50.88 20.80 4.47
N PRO A 564 50.19 20.82 3.33
CA PRO A 564 50.46 21.85 2.32
C PRO A 564 49.97 23.21 2.80
N GLY A 565 50.88 24.19 2.79
CA GLY A 565 50.50 25.54 3.14
C GLY A 565 49.54 26.18 2.16
N GLU A 566 49.41 25.62 0.96
CA GLU A 566 48.53 26.18 -0.05
C GLU A 566 47.04 26.00 0.28
N LEU A 567 46.71 25.17 1.27
CA LEU A 567 45.30 25.00 1.62
C LEU A 567 44.67 26.32 2.06
N ALA A 568 45.47 27.24 2.61
CA ALA A 568 44.99 28.54 3.04
C ALA A 568 45.24 29.64 2.00
N SER A 569 45.80 29.30 0.83
CA SER A 569 46.17 30.31 -0.14
C SER A 569 44.96 31.06 -0.69
N GLN A 570 43.76 30.51 -0.58
CA GLN A 570 42.55 31.17 -1.04
C GLN A 570 41.85 31.96 0.07
N ALA A 571 42.42 32.02 1.26
CA ALA A 571 41.81 32.78 2.36
C ALA A 571 41.60 34.22 1.96
N GLY A 572 40.41 34.75 2.27
CA GLY A 572 40.08 36.12 1.94
C GLY A 572 39.67 36.35 0.50
N LEU A 573 39.57 35.30 -0.30
CA LEU A 573 39.23 35.42 -1.71
C LEU A 573 38.11 34.50 -2.16
N VAL A 574 37.62 33.61 -1.30
CA VAL A 574 36.61 32.64 -1.70
C VAL A 574 35.32 33.35 -2.05
N MET A 575 34.75 33.01 -3.20
CA MET A 575 33.46 33.52 -3.61
C MET A 575 32.40 32.46 -3.40
N PRO A 576 31.17 32.82 -3.01
CA PRO A 576 30.10 31.83 -2.95
C PRO A 576 29.75 31.33 -4.35
N GLY A 577 29.06 30.20 -4.39
CA GLY A 577 28.74 29.57 -5.64
C GLY A 577 27.39 28.88 -5.65
N SER A 578 27.13 28.09 -6.69
CA SER A 578 25.82 27.46 -6.85
C SER A 578 25.59 26.33 -5.86
N VAL A 579 26.56 26.04 -4.98
CA VAL A 579 26.36 25.08 -3.91
C VAL A 579 25.38 25.58 -2.85
N SER A 580 25.06 26.87 -2.85
CA SER A 580 24.09 27.40 -1.91
C SER A 580 22.69 26.91 -2.24
N GLY A 581 21.88 26.70 -1.21
CA GLY A 581 20.49 26.34 -1.39
C GLY A 581 20.18 24.86 -1.50
N LYS A 582 21.10 23.98 -1.09
CA LYS A 582 20.88 22.55 -1.16
C LYS A 582 20.59 22.00 0.24
N GLN A 583 19.68 21.02 0.30
CA GLN A 583 19.31 20.42 1.59
C GLN A 583 20.47 19.59 2.12
N PHE A 584 20.77 19.78 3.41
CA PHE A 584 21.87 19.08 4.06
C PHE A 584 21.46 18.70 5.47
N ALA A 585 22.17 17.71 6.03
CA ALA A 585 22.04 17.33 7.42
C ALA A 585 23.43 17.10 8.00
N PHE A 586 23.64 17.57 9.22
CA PHE A 586 24.92 17.43 9.90
C PHE A 586 24.71 16.62 11.18
N VAL A 587 25.44 15.51 11.30
CA VAL A 587 25.40 14.65 12.48
C VAL A 587 26.64 14.98 13.29
N ARG A 588 26.45 15.63 14.43
CA ARG A 588 27.57 16.05 15.27
C ARG A 588 28.01 14.90 16.14
N ASN A 589 29.29 14.53 16.05
CA ASN A 589 29.86 13.56 16.97
C ASN A 589 30.22 14.30 18.25
N GLU A 590 29.41 14.10 19.29
CA GLU A 590 29.59 14.81 20.56
C GLU A 590 30.40 14.00 21.56
N GLY A 591 31.23 13.09 21.08
CA GLY A 591 32.07 12.25 21.92
C GLY A 591 33.52 12.67 22.02
N GLY A 592 33.89 13.85 21.54
CA GLY A 592 35.26 14.29 21.65
C GLY A 592 36.16 13.67 20.59
N THR A 593 37.43 13.49 20.95
CA THR A 593 38.42 12.95 20.02
C THR A 593 38.28 11.45 19.84
N ASP A 594 37.77 10.74 20.84
CA ASP A 594 37.60 9.30 20.72
C ASP A 594 36.76 8.92 19.51
N CYS A 595 35.78 9.77 19.16
CA CYS A 595 34.96 9.52 17.99
C CYS A 595 35.68 10.03 16.74
N ARG A 596 35.73 9.20 15.70
CA ARG A 596 36.50 9.53 14.51
C ARG A 596 35.82 10.66 13.75
N GLY A 597 36.59 11.71 13.44
CA GLY A 597 36.07 12.85 12.73
C GLY A 597 35.28 13.78 13.64
N ALA A 598 35.04 14.99 13.13
CA ALA A 598 34.27 15.99 13.86
C ALA A 598 32.77 15.92 13.58
N GLY A 599 32.35 15.13 12.61
CA GLY A 599 30.94 14.97 12.32
C GLY A 599 30.73 14.45 10.92
N GLY A 600 29.45 14.40 10.53
CA GLY A 600 29.09 13.97 9.20
C GLY A 600 28.13 14.91 8.49
N LEU A 601 28.57 15.50 7.39
CA LEU A 601 27.70 16.28 6.52
C LEU A 601 27.20 15.38 5.39
N VAL A 602 25.89 15.38 5.17
CA VAL A 602 25.27 14.52 4.16
C VAL A 602 24.25 15.32 3.37
N GLU A 603 24.23 15.09 2.06
CA GLU A 603 23.12 15.57 1.24
C GLU A 603 21.84 14.86 1.68
N PHE A 604 20.77 15.64 1.88
CA PHE A 604 19.59 15.13 2.57
C PHE A 604 18.30 15.42 1.80
N GLU A 605 18.38 15.59 0.49
CA GLU A 605 17.18 15.78 -0.31
C GLU A 605 16.31 14.53 -0.26
N GLY A 606 15.03 14.71 0.07
CA GLY A 606 14.07 13.62 0.00
C GLY A 606 14.25 12.55 1.05
N ILE A 607 14.91 12.85 2.16
CA ILE A 607 15.17 11.87 3.21
C ILE A 607 14.56 12.38 4.50
N ARG A 608 13.89 11.48 5.22
CA ARG A 608 13.35 11.80 6.53
C ARG A 608 14.46 11.77 7.58
N ALA A 609 14.39 12.71 8.52
CA ALA A 609 15.39 12.75 9.59
C ALA A 609 15.41 11.45 10.38
N GLU A 610 14.26 10.79 10.52
CA GLU A 610 14.22 9.54 11.27
C GLU A 610 15.09 8.48 10.62
N ARG A 611 15.11 8.44 9.29
CA ARG A 611 15.92 7.44 8.59
C ARG A 611 17.40 7.63 8.89
N LEU A 612 17.80 8.85 9.23
CA LEU A 612 19.19 9.13 9.62
C LEU A 612 19.46 8.87 11.08
N GLU A 613 18.48 9.10 11.96
CA GLU A 613 18.70 8.85 13.39
C GLU A 613 18.91 7.38 13.69
N HIS A 614 18.47 6.48 12.80
CA HIS A 614 18.63 5.05 12.98
C HIS A 614 19.69 4.46 12.06
N PHE A 615 20.40 5.28 11.30
CA PHE A 615 21.47 4.79 10.46
C PHE A 615 22.65 4.44 11.35
N PRO A 616 23.17 3.21 11.32
CA PRO A 616 24.23 2.84 12.29
C PRO A 616 25.44 3.75 12.24
N MET A 617 25.69 4.40 11.10
CA MET A 617 26.76 5.40 11.06
C MET A 617 26.56 6.46 12.12
N VAL A 618 25.30 6.75 12.48
CA VAL A 618 25.03 7.74 13.51
C VAL A 618 25.46 7.21 14.88
N HIS A 619 25.29 5.92 15.12
CA HIS A 619 25.57 5.35 16.43
C HIS A 619 27.05 5.02 16.61
N SER A 620 27.89 5.31 15.62
CA SER A 620 29.32 5.10 15.76
C SER A 620 29.88 5.90 16.94
N CYS A 621 29.29 7.05 17.22
CA CYS A 621 29.64 7.87 18.38
C CYS A 621 28.52 7.83 19.40
N PRO A 622 28.80 7.55 20.67
CA PRO A 622 27.70 7.39 21.64
C PRO A 622 26.78 8.60 21.72
N LYS A 623 27.33 9.80 21.52
CA LYS A 623 26.57 11.05 21.64
C LYS A 623 26.44 11.70 20.28
N THR A 624 25.21 12.00 19.87
CA THR A 624 24.98 12.61 18.57
C THR A 624 23.79 13.56 18.63
N ARG A 625 23.80 14.53 17.72
CA ARG A 625 22.70 15.46 17.53
C ARG A 625 22.58 15.78 16.05
N ILE A 626 21.34 15.89 15.57
CA ILE A 626 21.07 16.03 14.14
C ILE A 626 20.73 17.49 13.84
N TYR A 627 21.66 18.20 13.23
CA TYR A 627 21.39 19.51 12.66
C TYR A 627 20.99 19.34 11.20
N SER A 628 20.07 20.20 10.74
CA SER A 628 19.50 20.07 9.41
C SER A 628 19.12 21.46 8.89
N GLY A 629 19.03 21.57 7.57
CA GLY A 629 18.63 22.81 6.94
C GLY A 629 19.07 22.86 5.49
N MET A 630 19.27 24.09 5.00
CA MET A 630 19.69 24.31 3.63
C MET A 630 21.04 25.01 3.61
N THR A 631 21.92 24.55 2.71
CA THR A 631 23.26 25.12 2.62
C THR A 631 23.17 26.62 2.38
N MET A 632 23.91 27.38 3.17
CA MET A 632 23.86 28.84 3.08
C MET A 632 25.23 29.39 3.45
N TYR A 633 25.82 30.17 2.54
CA TYR A 633 27.06 30.87 2.86
C TYR A 633 26.79 31.97 3.88
N MET A 634 27.74 32.17 4.80
CA MET A 634 27.65 33.25 5.77
C MET A 634 28.49 34.46 5.37
N PHE A 635 29.00 34.50 4.14
CA PHE A 635 29.69 35.67 3.60
C PHE A 635 29.30 35.86 2.15
N SER A 636 29.40 37.11 1.69
CA SER A 636 29.09 37.46 0.31
C SER A 636 30.31 37.49 -0.59
N SER A 637 31.50 37.73 -0.04
CA SER A 637 32.73 37.73 -0.83
C SER A 637 33.90 37.66 0.15
N ASN A 638 35.09 37.45 -0.42
CA ASN A 638 36.34 37.51 0.35
C ASN A 638 36.30 36.54 1.52
N GLY A 639 35.72 35.36 1.31
CA GLY A 639 35.59 34.36 2.34
C GLY A 639 36.80 33.46 2.46
N SER A 640 36.66 32.43 3.29
CA SER A 640 37.71 31.46 3.52
C SER A 640 37.09 30.07 3.65
N MET A 641 37.94 29.09 3.94
CA MET A 641 37.48 27.74 4.19
C MET A 641 36.66 27.68 5.48
N ILE A 642 35.66 26.81 5.50
CA ILE A 642 34.70 26.74 6.58
C ILE A 642 34.91 25.50 7.46
N TYR A 643 35.30 24.38 6.85
CA TYR A 643 35.37 23.10 7.55
C TYR A 643 36.60 22.36 7.06
N LEU A 644 37.50 22.01 7.98
CA LEU A 644 38.73 21.30 7.64
C LEU A 644 38.99 20.21 8.66
N ASP A 645 38.76 18.96 8.26
CA ASP A 645 39.02 17.79 9.09
C ASP A 645 40.07 16.93 8.40
N LEU A 646 41.27 16.87 8.99
CA LEU A 646 42.36 16.04 8.49
C LEU A 646 42.81 15.03 9.54
N SER A 647 41.94 14.69 10.49
CA SER A 647 42.32 13.86 11.60
C SER A 647 42.49 12.40 11.18
N TYR A 648 43.15 11.63 12.04
CA TYR A 648 43.34 10.20 11.85
C TYR A 648 44.01 9.90 10.50
N ASN A 649 45.21 10.44 10.36
CA ASN A 649 46.11 10.14 9.26
C ASN A 649 47.52 10.01 9.85
N ALA A 650 48.53 10.03 8.98
CA ALA A 650 49.93 10.00 9.41
C ALA A 650 50.69 11.17 8.80
N VAL A 651 50.07 12.35 8.84
CA VAL A 651 50.70 13.56 8.32
C VAL A 651 51.76 14.02 9.29
N SER A 652 52.93 14.38 8.74
CA SER A 652 54.09 14.80 9.52
C SER A 652 54.40 16.27 9.22
N GLY A 653 55.46 16.76 9.83
CA GLY A 653 55.88 18.13 9.63
C GLY A 653 55.13 19.10 10.53
N SER A 654 55.36 20.39 10.27
CA SER A 654 54.82 21.47 11.07
C SER A 654 53.57 22.06 10.46
N ILE A 655 52.71 22.62 11.33
CA ILE A 655 51.48 23.29 10.90
C ILE A 655 51.83 24.57 10.15
N PRO A 656 51.41 24.72 8.89
CA PRO A 656 51.68 25.97 8.19
C PRO A 656 51.11 27.18 8.91
N LEU A 657 51.89 28.26 8.97
CA LEU A 657 51.44 29.46 9.65
C LEU A 657 50.22 30.08 8.98
N GLY A 658 50.11 29.96 7.66
CA GLY A 658 49.00 30.57 6.96
C GLY A 658 47.64 30.06 7.38
N TYR A 659 47.57 28.88 7.99
CA TYR A 659 46.29 28.28 8.36
C TYR A 659 45.52 29.18 9.33
N GLY A 660 46.21 30.00 10.12
CA GLY A 660 45.55 30.84 11.09
C GLY A 660 44.83 32.05 10.53
N ALA A 661 44.97 32.31 9.24
CA ALA A 661 44.36 33.46 8.60
C ALA A 661 43.01 33.15 7.96
N MET A 662 42.41 32.00 8.29
CA MET A 662 41.10 31.62 7.76
C MET A 662 40.02 32.11 8.73
N GLY A 663 39.44 33.27 8.43
CA GLY A 663 38.57 33.93 9.38
C GLY A 663 37.19 33.33 9.53
N TYR A 664 36.71 32.62 8.50
CA TYR A 664 35.41 31.96 8.57
C TYR A 664 35.52 30.48 8.94
N LEU A 665 36.75 29.98 9.10
CA LEU A 665 36.95 28.59 9.51
C LEU A 665 36.24 28.33 10.83
N GLN A 666 35.32 27.37 10.83
CA GLN A 666 34.53 27.05 12.01
C GLN A 666 34.97 25.75 12.68
N VAL A 667 35.53 24.82 11.92
CA VAL A 667 36.03 23.55 12.46
C VAL A 667 37.42 23.30 11.89
N LEU A 668 38.38 22.99 12.77
CA LEU A 668 39.73 22.64 12.37
C LEU A 668 40.15 21.43 13.19
N ASN A 669 40.17 20.26 12.58
CA ASN A 669 40.49 19.01 13.26
C ASN A 669 41.74 18.42 12.62
N LEU A 670 42.88 18.52 13.31
CA LEU A 670 44.12 17.90 12.88
C LEU A 670 44.59 16.83 13.87
N GLY A 671 43.67 16.30 14.67
CA GLY A 671 44.05 15.34 15.68
C GLY A 671 44.49 14.00 15.13
N HIS A 672 45.27 13.29 15.93
CA HIS A 672 45.72 11.93 15.63
C HIS A 672 46.52 11.89 14.32
N ASN A 673 47.66 12.56 14.37
CA ASN A 673 48.61 12.57 13.26
C ASN A 673 50.01 12.54 13.86
N LEU A 674 51.02 12.85 13.05
CA LEU A 674 52.40 12.93 13.47
C LEU A 674 52.94 14.34 13.30
N LEU A 675 52.08 15.33 13.54
CA LEU A 675 52.46 16.72 13.38
C LEU A 675 53.50 17.11 14.41
N THR A 676 54.37 18.05 14.01
CA THR A 676 55.48 18.50 14.85
C THR A 676 55.47 20.02 14.91
N GLY A 677 56.35 20.55 15.76
CA GLY A 677 56.47 21.99 15.91
C GLY A 677 55.50 22.55 16.93
N THR A 678 55.30 23.86 16.85
CA THR A 678 54.43 24.59 17.77
C THR A 678 53.12 24.95 17.11
N ILE A 679 52.13 25.27 17.96
CA ILE A 679 50.86 25.82 17.49
C ILE A 679 51.11 27.28 17.08
N PRO A 680 50.87 27.66 15.83
CA PRO A 680 51.12 29.04 15.42
C PRO A 680 50.30 30.02 16.25
N ASP A 681 50.93 31.15 16.61
CA ASP A 681 50.18 32.24 17.24
C ASP A 681 49.18 32.87 16.27
N SER A 682 49.35 32.67 14.97
CA SER A 682 48.35 33.14 14.01
C SER A 682 46.99 32.54 14.28
N PHE A 683 46.93 31.38 14.94
CA PHE A 683 45.65 30.75 15.26
C PHE A 683 44.74 31.65 16.09
N GLY A 684 45.25 32.76 16.61
CA GLY A 684 44.37 33.75 17.20
C GLY A 684 43.46 34.43 16.21
N GLY A 685 43.75 34.30 14.92
CA GLY A 685 42.94 34.85 13.84
C GLY A 685 41.78 34.00 13.40
N LEU A 686 41.60 32.82 14.02
CA LEU A 686 40.49 31.92 13.67
C LEU A 686 39.23 32.40 14.38
N LYS A 687 38.74 33.56 13.91
CA LYS A 687 37.68 34.26 14.63
C LYS A 687 36.40 33.43 14.72
N ALA A 688 36.06 32.70 13.66
CA ALA A 688 34.82 31.93 13.59
C ALA A 688 34.93 30.55 14.22
N ILE A 689 36.12 30.14 14.66
CA ILE A 689 36.32 28.75 15.02
C ILE A 689 35.55 28.40 16.28
N GLY A 690 34.93 27.22 16.29
CA GLY A 690 34.23 26.72 17.45
C GLY A 690 34.79 25.39 17.93
N VAL A 691 35.37 24.61 17.02
CA VAL A 691 35.99 23.33 17.33
C VAL A 691 37.42 23.36 16.84
N LEU A 692 38.36 23.06 17.73
CA LEU A 692 39.79 22.99 17.38
C LEU A 692 40.37 21.76 18.04
N ASP A 693 40.75 20.77 17.24
CA ASP A 693 41.27 19.49 17.72
C ASP A 693 42.70 19.31 17.19
N LEU A 694 43.67 19.36 18.10
CA LEU A 694 45.08 19.14 17.78
C LEU A 694 45.68 18.02 18.62
N SER A 695 44.84 17.13 19.15
CA SER A 695 45.31 16.10 20.07
C SER A 695 46.04 14.98 19.34
N HIS A 696 46.80 14.21 20.11
CA HIS A 696 47.54 13.04 19.60
C HIS A 696 48.43 13.41 18.42
N ASN A 697 49.39 14.29 18.72
CA ASN A 697 50.44 14.66 17.78
C ASN A 697 51.73 14.76 18.59
N ASP A 698 52.77 15.33 17.96
CA ASP A 698 54.03 15.62 18.63
C ASP A 698 54.30 17.12 18.64
N LEU A 699 53.25 17.90 18.89
CA LEU A 699 53.38 19.35 18.96
C LEU A 699 54.09 19.76 20.24
N GLN A 700 54.97 20.77 20.13
CA GLN A 700 55.78 21.23 21.24
C GLN A 700 55.47 22.69 21.55
N GLY A 701 55.93 23.13 22.71
CA GLY A 701 55.89 24.54 23.05
C GLY A 701 54.70 24.98 23.87
N PHE A 702 54.35 26.25 23.74
CA PHE A 702 53.32 26.90 24.56
C PHE A 702 52.02 27.04 23.78
N LEU A 703 50.92 27.09 24.52
CA LEU A 703 49.63 27.39 23.91
C LEU A 703 49.54 28.88 23.59
N PRO A 704 49.25 29.25 22.35
CA PRO A 704 49.14 30.69 22.04
C PRO A 704 48.13 31.37 22.96
N GLY A 705 48.52 32.54 23.47
CA GLY A 705 47.61 33.28 24.33
C GLY A 705 46.42 33.82 23.58
N SER A 706 46.56 34.05 22.28
CA SER A 706 45.47 34.60 21.48
C SER A 706 44.28 33.66 21.39
N LEU A 707 44.45 32.37 21.74
CA LEU A 707 43.32 31.46 21.77
C LEU A 707 42.24 31.93 22.73
N GLY A 708 42.61 32.73 23.73
CA GLY A 708 41.61 33.33 24.61
C GLY A 708 40.75 34.37 23.92
N GLY A 709 41.21 34.92 22.81
CA GLY A 709 40.47 35.90 22.05
C GLY A 709 39.49 35.32 21.05
N LEU A 710 39.31 34.00 21.05
CA LEU A 710 38.36 33.32 20.16
C LEU A 710 37.04 33.20 20.91
N SER A 711 36.10 34.10 20.61
CA SER A 711 34.88 34.20 21.39
C SER A 711 33.92 33.03 21.15
N PHE A 712 34.11 32.27 20.08
CA PHE A 712 33.22 31.16 19.75
C PHE A 712 33.81 29.79 20.04
N LEU A 713 35.06 29.71 20.50
CA LEU A 713 35.72 28.42 20.73
C LEU A 713 35.02 27.68 21.86
N SER A 714 34.28 26.63 21.52
CA SER A 714 33.53 25.84 22.49
C SER A 714 34.01 24.40 22.60
N ASP A 715 34.99 23.99 21.80
CA ASP A 715 35.48 22.61 21.82
C ASP A 715 36.95 22.62 21.44
N LEU A 716 37.81 22.55 22.46
CA LEU A 716 39.25 22.50 22.28
C LEU A 716 39.78 21.19 22.83
N ASP A 717 40.77 20.61 22.14
CA ASP A 717 41.41 19.40 22.63
C ASP A 717 42.85 19.39 22.12
N VAL A 718 43.79 19.56 23.04
CA VAL A 718 45.21 19.49 22.75
C VAL A 718 45.90 18.41 23.58
N SER A 719 45.14 17.44 24.07
CA SER A 719 45.69 16.39 24.91
C SER A 719 46.61 15.48 24.09
N ASN A 720 47.50 14.78 24.80
CA ASN A 720 48.43 13.82 24.19
C ASN A 720 49.36 14.51 23.20
N ASN A 721 50.08 15.51 23.69
CA ASN A 721 51.13 16.18 22.95
C ASN A 721 52.32 16.38 23.88
N ASN A 722 53.32 17.14 23.42
CA ASN A 722 54.44 17.56 24.23
C ASN A 722 54.32 19.03 24.60
N LEU A 723 53.08 19.50 24.76
CA LEU A 723 52.82 20.89 25.08
C LEU A 723 53.18 21.19 26.53
N THR A 724 53.51 22.45 26.78
CA THR A 724 53.96 22.87 28.10
C THR A 724 53.59 24.33 28.33
N GLY A 725 53.67 24.74 29.59
CA GLY A 725 53.43 26.11 29.97
C GLY A 725 52.01 26.39 30.40
N PRO A 726 51.72 27.63 30.76
CA PRO A 726 50.39 27.98 31.27
C PRO A 726 49.32 27.85 30.20
N ILE A 727 48.11 27.55 30.64
CA ILE A 727 46.95 27.48 29.75
C ILE A 727 46.38 28.89 29.62
N PRO A 728 46.24 29.42 28.39
CA PRO A 728 45.76 30.81 28.23
C PRO A 728 44.58 31.11 29.13
N PHE A 729 44.57 32.31 29.69
CA PHE A 729 43.60 32.66 30.72
C PHE A 729 42.35 33.31 30.15
N GLY A 730 42.42 33.84 28.93
CA GLY A 730 41.30 34.51 28.31
C GLY A 730 40.31 33.54 27.70
N GLY A 731 39.21 34.11 27.21
CA GLY A 731 38.21 33.32 26.53
C GLY A 731 37.63 32.25 27.45
N GLN A 732 37.40 31.07 26.87
CA GLN A 732 36.75 29.96 27.55
C GLN A 732 37.71 28.82 27.86
N LEU A 733 39.01 29.01 27.64
CA LEU A 733 39.95 27.90 27.76
C LEU A 733 40.09 27.40 29.20
N THR A 734 39.83 28.25 30.19
CA THR A 734 39.99 27.82 31.57
C THR A 734 38.84 26.94 32.06
N THR A 735 37.80 26.76 31.25
CA THR A 735 36.62 26.01 31.64
C THR A 735 36.56 24.60 31.04
N PHE A 736 37.39 24.28 30.06
CA PHE A 736 37.24 22.99 29.40
C PHE A 736 37.62 21.87 30.37
N PRO A 737 37.11 20.66 30.14
CA PRO A 737 37.40 19.57 31.08
C PRO A 737 38.88 19.21 31.10
N LEU A 738 39.27 18.59 32.20
CA LEU A 738 40.66 18.17 32.39
C LEU A 738 41.11 17.25 31.27
N THR A 739 40.17 16.47 30.71
CA THR A 739 40.51 15.50 29.68
C THR A 739 41.06 16.17 28.42
N ARG A 740 40.83 17.47 28.26
CA ARG A 740 41.24 18.18 27.05
C ARG A 740 42.67 18.69 27.09
N TYR A 741 43.33 18.66 28.25
CA TYR A 741 44.72 19.09 28.37
C TYR A 741 45.64 18.01 28.90
N ALA A 742 45.13 16.82 29.21
CA ALA A 742 45.93 15.83 29.91
C ALA A 742 46.99 15.22 28.98
N ASN A 743 47.92 14.49 29.59
CA ASN A 743 48.97 13.78 28.87
C ASN A 743 49.85 14.74 28.06
N ASN A 744 50.22 15.86 28.68
CA ASN A 744 51.16 16.81 28.11
C ASN A 744 52.42 16.88 28.96
N SER A 745 53.37 17.71 28.52
CA SER A 745 54.70 17.74 29.09
C SER A 745 54.95 19.00 29.90
N GLY A 746 54.04 19.32 30.83
CA GLY A 746 54.24 20.41 31.75
C GLY A 746 53.25 21.54 31.62
N LEU A 747 52.03 21.25 31.17
CA LEU A 747 50.98 22.26 31.19
C LEU A 747 50.59 22.56 32.64
N CYS A 748 50.33 23.84 32.91
CA CYS A 748 49.95 24.28 34.25
C CYS A 748 48.91 25.39 34.12
N GLY A 749 48.23 25.66 35.22
CA GLY A 749 47.23 26.71 35.23
C GLY A 749 45.83 26.14 35.08
N VAL A 750 44.87 26.86 35.66
CA VAL A 750 43.46 26.42 35.66
C VAL A 750 43.11 25.95 34.26
N PRO A 751 42.43 24.81 34.10
CA PRO A 751 41.89 23.91 35.14
C PRO A 751 42.95 23.03 35.79
N LEU A 752 44.21 23.15 35.38
CA LEU A 752 45.28 22.36 35.95
C LEU A 752 45.77 23.01 37.24
N PRO A 753 46.68 22.35 37.97
CA PRO A 753 47.27 22.98 39.14
C PRO A 753 47.97 24.28 38.75
N PRO A 754 47.97 25.27 39.64
CA PRO A 754 48.50 26.59 39.25
C PRO A 754 49.98 26.54 38.91
N CYS A 755 50.39 27.44 38.03
CA CYS A 755 51.78 27.46 37.57
C CYS A 755 52.75 27.91 38.66
N SER A 756 52.35 28.85 39.52
CA SER A 756 53.29 29.36 40.50
C SER A 756 53.64 28.35 41.58
N SER A 757 52.79 27.34 41.76
CA SER A 757 53.07 26.28 42.73
C SER A 757 53.62 25.05 42.02
N VAL B 31 -67.68 -31.19 5.67
CA VAL B 31 -67.88 -32.58 5.27
C VAL B 31 -67.19 -33.48 6.30
N ASN B 32 -67.37 -33.16 7.58
CA ASN B 32 -66.80 -33.97 8.65
C ASN B 32 -65.28 -34.04 8.53
N ASP B 33 -64.59 -32.97 8.93
CA ASP B 33 -63.14 -32.87 8.82
C ASP B 33 -62.42 -34.16 9.18
N THR B 34 -62.94 -34.91 10.17
CA THR B 34 -62.29 -36.16 10.52
C THR B 34 -62.15 -37.07 9.31
N ALA B 35 -63.12 -37.03 8.40
CA ALA B 35 -63.05 -37.81 7.17
C ALA B 35 -62.16 -37.16 6.12
N LEU B 36 -61.96 -35.84 6.20
CA LEU B 36 -61.11 -35.17 5.21
C LEU B 36 -59.64 -35.54 5.41
N LEU B 37 -59.18 -35.54 6.66
CA LEU B 37 -57.81 -35.98 6.94
C LEU B 37 -57.60 -37.41 6.46
N THR B 38 -58.62 -38.26 6.63
CA THR B 38 -58.52 -39.64 6.17
C THR B 38 -58.28 -39.69 4.66
N ALA B 39 -58.97 -38.83 3.91
CA ALA B 39 -58.75 -38.79 2.46
C ALA B 39 -57.36 -38.27 2.11
N PHE B 40 -56.78 -37.41 2.94
CA PHE B 40 -55.42 -36.95 2.67
C PHE B 40 -54.41 -38.07 2.89
N LYS B 41 -54.54 -38.78 4.02
CA LYS B 41 -53.58 -39.83 4.33
C LYS B 41 -53.61 -40.93 3.27
N GLN B 42 -54.80 -41.24 2.76
CA GLN B 42 -54.95 -42.33 1.80
C GLN B 42 -54.55 -41.89 0.39
N THR B 43 -55.01 -40.73 -0.06
CA THR B 43 -54.74 -40.31 -1.43
C THR B 43 -53.29 -39.85 -1.60
N SER B 44 -52.75 -39.14 -0.61
CA SER B 44 -51.46 -38.46 -0.74
C SER B 44 -50.31 -39.24 -0.14
N ILE B 45 -50.41 -39.66 1.11
CA ILE B 45 -49.28 -40.32 1.78
C ILE B 45 -49.08 -41.70 1.18
N LYS B 46 -47.83 -42.02 0.84
CA LYS B 46 -47.48 -43.31 0.26
C LYS B 46 -46.44 -44.09 1.06
N SER B 47 -45.80 -43.47 2.06
CA SER B 47 -44.85 -44.17 2.90
C SER B 47 -44.65 -43.39 4.19
N ASP B 48 -44.78 -44.07 5.32
CA ASP B 48 -44.58 -43.50 6.65
C ASP B 48 -43.70 -44.47 7.43
N PRO B 49 -42.40 -44.50 7.17
CA PRO B 49 -41.55 -45.51 7.82
C PRO B 49 -41.50 -45.38 9.34
N THR B 50 -41.83 -44.22 9.89
CA THR B 50 -41.84 -44.02 11.34
C THR B 50 -43.19 -44.34 11.98
N ASN B 51 -44.23 -44.62 11.21
CA ASN B 51 -45.57 -44.77 11.75
C ASN B 51 -46.00 -43.48 12.47
N PHE B 52 -45.60 -42.35 11.92
CA PHE B 52 -45.92 -41.06 12.52
C PHE B 52 -47.40 -40.71 12.33
N LEU B 53 -48.07 -41.30 11.34
CA LEU B 53 -49.49 -41.14 11.14
C LEU B 53 -50.29 -42.34 11.66
N GLY B 54 -49.66 -43.22 12.43
CA GLY B 54 -50.35 -44.39 12.97
C GLY B 54 -51.45 -44.07 13.97
N ASN B 55 -51.43 -42.88 14.56
CA ASN B 55 -52.45 -42.49 15.52
C ASN B 55 -53.71 -41.97 14.86
N TRP B 56 -53.82 -42.11 13.54
CA TRP B 56 -54.98 -41.65 12.77
C TRP B 56 -55.89 -42.85 12.56
N ARG B 57 -56.84 -43.07 13.47
CA ARG B 57 -57.70 -44.25 13.36
C ARG B 57 -59.11 -43.94 13.83
N TYR B 58 -60.08 -44.40 13.04
CA TYR B 58 -61.50 -44.31 13.39
C TYR B 58 -62.00 -45.59 14.03
N GLY B 59 -61.28 -46.06 15.06
CA GLY B 59 -61.73 -47.19 15.85
C GLY B 59 -61.89 -46.89 17.33
N SER B 60 -61.04 -46.02 17.87
CA SER B 60 -61.06 -45.68 19.28
C SER B 60 -60.64 -44.22 19.42
N GLY B 61 -61.41 -43.46 20.19
CA GLY B 61 -61.17 -42.03 20.28
C GLY B 61 -61.16 -41.43 18.89
N ARG B 62 -62.18 -41.78 18.10
CA ARG B 62 -62.17 -41.44 16.68
C ARG B 62 -62.10 -39.95 16.42
N ASP B 63 -62.33 -39.11 17.43
CA ASP B 63 -62.17 -37.69 17.23
C ASP B 63 -60.75 -37.42 16.74
N PRO B 64 -60.58 -36.50 15.78
CA PRO B 64 -59.25 -36.28 15.18
C PRO B 64 -58.24 -35.69 16.14
N CYS B 65 -58.68 -35.18 17.29
CA CYS B 65 -57.83 -34.38 18.16
C CYS B 65 -56.83 -35.22 18.94
N THR B 66 -57.11 -36.51 19.13
CA THR B 66 -56.10 -37.39 19.71
C THR B 66 -55.04 -37.76 18.69
N TRP B 67 -55.28 -37.50 17.41
CA TRP B 67 -54.38 -37.91 16.36
C TRP B 67 -53.06 -37.15 16.46
N ARG B 68 -51.98 -37.84 16.13
CA ARG B 68 -50.64 -37.26 16.23
C ARG B 68 -50.49 -36.14 15.20
N GLY B 69 -49.97 -35.00 15.64
CA GLY B 69 -49.76 -33.87 14.76
C GLY B 69 -51.01 -33.05 14.51
N VAL B 70 -52.17 -33.67 14.65
CA VAL B 70 -53.45 -33.00 14.39
C VAL B 70 -53.82 -32.18 15.62
N SER B 71 -53.78 -30.86 15.49
CA SER B 71 -54.20 -29.94 16.54
C SER B 71 -55.60 -29.43 16.22
N CYS B 72 -56.51 -29.59 17.17
CA CYS B 72 -57.91 -29.24 17.00
C CYS B 72 -58.23 -27.92 17.68
N SER B 73 -59.50 -27.53 17.56
CA SER B 73 -60.14 -26.53 18.40
C SER B 73 -61.06 -27.26 19.37
N SER B 74 -61.66 -26.50 20.29
CA SER B 74 -62.47 -27.13 21.33
C SER B 74 -63.65 -27.87 20.74
N ASP B 75 -64.26 -27.33 19.68
CA ASP B 75 -65.46 -27.91 19.10
C ASP B 75 -65.20 -29.17 18.26
N GLY B 76 -63.95 -29.65 18.20
CA GLY B 76 -63.65 -30.91 17.56
C GLY B 76 -63.19 -30.85 16.12
N ARG B 77 -63.06 -29.66 15.54
CA ARG B 77 -62.58 -29.54 14.16
C ARG B 77 -61.08 -29.26 14.16
N VAL B 78 -60.42 -29.69 13.10
CA VAL B 78 -58.97 -29.59 12.96
C VAL B 78 -58.59 -28.17 12.58
N ILE B 79 -57.54 -27.66 13.23
CA ILE B 79 -57.02 -26.33 12.93
C ILE B 79 -55.54 -26.36 12.55
N GLY B 80 -54.85 -27.48 12.68
CA GLY B 80 -53.44 -27.55 12.32
C GLY B 80 -53.00 -28.96 12.07
N LEU B 81 -52.05 -29.11 11.14
CA LEU B 81 -51.44 -30.40 10.82
C LEU B 81 -49.93 -30.19 10.74
N ASP B 82 -49.20 -30.83 11.66
CA ASP B 82 -47.75 -30.68 11.74
C ASP B 82 -47.12 -32.06 11.53
N LEU B 83 -46.55 -32.28 10.33
CA LEU B 83 -45.91 -33.52 9.96
C LEU B 83 -44.48 -33.28 9.51
N ARG B 84 -43.79 -32.35 10.16
CA ARG B 84 -42.48 -31.91 9.71
C ARG B 84 -41.43 -32.98 9.93
N ASN B 85 -40.47 -33.03 8.99
CA ASN B 85 -39.30 -33.91 9.10
C ASN B 85 -39.71 -35.31 9.53
N GLY B 86 -40.78 -35.82 8.93
CA GLY B 86 -41.33 -37.12 9.26
C GLY B 86 -40.98 -38.22 8.29
N GLY B 87 -40.10 -37.97 7.32
CA GLY B 87 -39.76 -38.99 6.35
C GLY B 87 -40.95 -39.46 5.56
N LEU B 88 -41.86 -38.54 5.22
CA LEU B 88 -43.06 -38.90 4.47
C LEU B 88 -42.79 -38.70 2.98
N THR B 89 -43.10 -39.74 2.20
CA THR B 89 -42.90 -39.73 0.76
C THR B 89 -44.23 -39.95 0.08
N GLY B 90 -44.58 -39.06 -0.83
CA GLY B 90 -45.83 -39.22 -1.56
C GLY B 90 -46.03 -38.06 -2.51
N THR B 91 -47.15 -38.12 -3.21
CA THR B 91 -47.53 -37.08 -4.14
C THR B 91 -48.54 -36.18 -3.43
N LEU B 92 -48.26 -34.89 -3.42
CA LEU B 92 -49.06 -33.93 -2.67
C LEU B 92 -49.95 -33.16 -3.64
N ASN B 93 -51.23 -33.12 -3.32
CA ASN B 93 -52.16 -32.17 -3.90
C ASN B 93 -52.82 -31.45 -2.71
N LEU B 94 -52.62 -30.13 -2.65
CA LEU B 94 -53.08 -29.39 -1.48
C LEU B 94 -54.59 -29.37 -1.38
N ASN B 95 -55.30 -29.42 -2.51
CA ASN B 95 -56.75 -29.30 -2.48
C ASN B 95 -57.39 -30.37 -1.63
N ASN B 96 -56.78 -31.56 -1.55
CA ASN B 96 -57.32 -32.60 -0.68
C ASN B 96 -57.14 -32.25 0.80
N LEU B 97 -56.31 -31.25 1.11
CA LEU B 97 -56.09 -30.75 2.46
C LEU B 97 -56.76 -29.41 2.72
N THR B 98 -56.74 -28.51 1.74
CA THR B 98 -57.38 -27.20 1.90
C THR B 98 -58.89 -27.32 1.98
N ALA B 99 -59.46 -28.47 1.62
CA ALA B 99 -60.89 -28.70 1.83
C ALA B 99 -61.27 -28.59 3.29
N LEU B 100 -60.32 -28.77 4.20
CA LEU B 100 -60.59 -28.58 5.62
C LEU B 100 -60.98 -27.13 5.88
N SER B 101 -62.20 -26.93 6.36
CA SER B 101 -62.73 -25.57 6.51
C SER B 101 -61.93 -24.78 7.54
N ASN B 102 -61.51 -25.44 8.62
CA ASN B 102 -60.88 -24.75 9.75
C ASN B 102 -59.36 -24.91 9.77
N LEU B 103 -58.74 -25.44 8.72
CA LEU B 103 -57.30 -25.61 8.72
C LEU B 103 -56.62 -24.25 8.62
N ARG B 104 -55.82 -23.92 9.63
CA ARG B 104 -55.13 -22.64 9.68
C ARG B 104 -53.61 -22.78 9.65
N SER B 105 -53.08 -23.99 9.85
CA SER B 105 -51.63 -24.23 9.89
C SER B 105 -51.34 -25.56 9.24
N LEU B 106 -50.38 -25.57 8.30
CA LEU B 106 -49.99 -26.80 7.62
C LEU B 106 -48.46 -26.84 7.53
N TYR B 107 -47.85 -27.73 8.32
CA TYR B 107 -46.41 -27.93 8.31
C TYR B 107 -46.11 -29.29 7.67
N LEU B 108 -45.59 -29.28 6.45
CA LEU B 108 -45.13 -30.49 5.77
C LEU B 108 -43.69 -30.36 5.32
N GLN B 109 -42.90 -29.52 5.99
CA GLN B 109 -41.52 -29.31 5.59
C GLN B 109 -40.64 -30.47 6.04
N GLY B 110 -39.58 -30.71 5.27
CA GLY B 110 -38.63 -31.76 5.60
C GLY B 110 -39.04 -33.16 5.21
N ASN B 111 -39.95 -33.29 4.25
CA ASN B 111 -40.41 -34.58 3.77
C ASN B 111 -40.04 -34.71 2.29
N ASN B 112 -40.59 -35.75 1.65
CA ASN B 112 -40.33 -36.06 0.25
C ASN B 112 -41.64 -35.98 -0.54
N PHE B 113 -42.43 -34.96 -0.26
CA PHE B 113 -43.68 -34.72 -0.97
C PHE B 113 -43.38 -34.18 -2.36
N SER B 114 -43.98 -34.79 -3.38
CA SER B 114 -43.91 -34.25 -4.73
C SER B 114 -45.17 -33.43 -4.99
N SER B 115 -45.20 -32.77 -6.15
CA SER B 115 -46.33 -31.97 -6.55
C SER B 115 -47.30 -32.77 -7.41
N GLY B 116 -48.58 -32.70 -7.09
CA GLY B 116 -49.62 -33.21 -7.95
C GLY B 116 -50.26 -32.10 -8.75
N ASP B 117 -51.31 -32.44 -9.48
CA ASP B 117 -52.04 -31.42 -10.23
C ASP B 117 -53.05 -30.78 -9.28
N SER B 118 -53.03 -29.45 -9.20
CA SER B 118 -53.92 -28.75 -8.29
C SER B 118 -55.36 -28.87 -8.77
N SER B 119 -56.20 -29.53 -7.97
CA SER B 119 -57.63 -29.53 -8.26
C SER B 119 -58.14 -28.10 -8.33
N SER B 120 -59.33 -27.94 -8.90
CA SER B 120 -59.86 -26.62 -9.21
C SER B 120 -59.69 -25.68 -8.02
N SER B 121 -60.40 -25.94 -6.91
CA SER B 121 -60.26 -25.07 -5.76
C SER B 121 -61.04 -25.62 -4.57
N SER B 122 -60.66 -25.14 -3.40
CA SER B 122 -61.40 -25.33 -2.16
C SER B 122 -61.36 -23.99 -1.44
N GLY B 123 -62.35 -23.72 -0.60
CA GLY B 123 -62.27 -22.52 0.22
C GLY B 123 -61.13 -22.70 1.20
N CYS B 124 -60.28 -21.68 1.32
CA CYS B 124 -59.08 -21.77 2.12
C CYS B 124 -58.97 -20.57 3.04
N SER B 125 -58.63 -20.83 4.31
CA SER B 125 -58.46 -19.78 5.30
C SER B 125 -57.11 -19.88 6.00
N LEU B 126 -56.13 -20.53 5.38
CA LEU B 126 -54.84 -20.75 6.02
C LEU B 126 -54.16 -19.45 6.38
N GLU B 127 -53.48 -19.45 7.52
CA GLU B 127 -52.67 -18.31 7.96
C GLU B 127 -51.17 -18.59 8.01
N VAL B 128 -50.77 -19.85 8.15
CA VAL B 128 -49.35 -20.22 8.17
C VAL B 128 -49.17 -21.47 7.32
N LEU B 129 -48.25 -21.41 6.35
CA LEU B 129 -47.96 -22.53 5.47
C LEU B 129 -46.45 -22.72 5.38
N ASP B 130 -45.99 -23.95 5.53
CA ASP B 130 -44.57 -24.29 5.42
C ASP B 130 -44.44 -25.56 4.62
N LEU B 131 -43.81 -25.48 3.45
CA LEU B 131 -43.57 -26.65 2.60
C LEU B 131 -42.13 -26.72 2.15
N SER B 132 -41.20 -26.37 3.05
CA SER B 132 -39.80 -26.29 2.69
C SER B 132 -39.19 -27.68 2.59
N SER B 133 -38.10 -27.78 1.83
CA SER B 133 -37.36 -29.03 1.66
C SER B 133 -38.27 -30.20 1.31
N ASN B 134 -38.78 -30.15 0.07
CA ASN B 134 -39.56 -31.23 -0.51
C ASN B 134 -39.10 -31.41 -1.95
N SER B 135 -39.87 -32.16 -2.74
CA SER B 135 -39.59 -32.36 -4.15
C SER B 135 -40.73 -31.81 -5.01
N LEU B 136 -41.34 -30.73 -4.55
CA LEU B 136 -42.42 -30.10 -5.32
C LEU B 136 -41.85 -29.52 -6.61
N THR B 137 -42.55 -29.76 -7.71
CA THR B 137 -42.10 -29.32 -9.03
C THR B 137 -43.08 -28.35 -9.69
N ASP B 138 -44.37 -28.55 -9.49
CA ASP B 138 -45.38 -27.69 -10.12
C ASP B 138 -45.54 -26.42 -9.30
N SER B 139 -45.22 -25.27 -9.90
CA SER B 139 -45.38 -23.99 -9.24
C SER B 139 -46.83 -23.51 -9.27
N SER B 140 -47.73 -24.24 -9.94
CA SER B 140 -49.14 -23.92 -9.89
C SER B 140 -49.68 -24.02 -8.47
N ILE B 141 -49.01 -24.79 -7.60
CA ILE B 141 -49.40 -24.83 -6.20
C ILE B 141 -49.21 -23.47 -5.57
N VAL B 142 -48.19 -22.72 -6.02
CA VAL B 142 -47.98 -21.37 -5.51
C VAL B 142 -49.05 -20.41 -6.00
N ASP B 143 -49.42 -20.52 -7.28
CA ASP B 143 -50.48 -19.67 -7.82
C ASP B 143 -51.80 -19.92 -7.11
N TYR B 144 -52.08 -21.19 -6.78
CA TYR B 144 -53.29 -21.52 -6.05
C TYR B 144 -53.30 -20.85 -4.67
N VAL B 145 -52.20 -21.01 -3.92
CA VAL B 145 -52.15 -20.47 -2.57
C VAL B 145 -52.19 -18.94 -2.58
N PHE B 146 -51.63 -18.31 -3.62
CA PHE B 146 -51.68 -16.86 -3.72
C PHE B 146 -53.05 -16.34 -4.14
N SER B 147 -53.84 -17.15 -4.84
CA SER B 147 -55.17 -16.72 -5.27
C SER B 147 -56.22 -17.01 -4.20
N THR B 148 -56.27 -18.24 -3.72
CA THR B 148 -57.09 -18.57 -2.55
C THR B 148 -56.24 -18.35 -1.30
N CYS B 149 -56.72 -18.82 -0.15
CA CYS B 149 -55.98 -18.68 1.11
C CYS B 149 -55.67 -17.21 1.37
N LEU B 150 -56.73 -16.41 1.44
CA LEU B 150 -56.60 -14.96 1.56
C LEU B 150 -56.21 -14.50 2.95
N ASN B 151 -56.10 -15.42 3.92
CA ASN B 151 -55.67 -15.11 5.27
C ASN B 151 -54.21 -15.46 5.53
N LEU B 152 -53.44 -15.79 4.50
CA LEU B 152 -52.05 -16.20 4.68
C LEU B 152 -51.25 -15.10 5.37
N VAL B 153 -50.51 -15.48 6.40
CA VAL B 153 -49.57 -14.58 7.06
C VAL B 153 -48.13 -14.89 6.68
N SER B 154 -47.80 -16.19 6.57
CA SER B 154 -46.46 -16.62 6.20
C SER B 154 -46.57 -17.87 5.35
N VAL B 155 -45.77 -17.92 4.29
CA VAL B 155 -45.68 -19.09 3.41
C VAL B 155 -44.21 -19.31 3.08
N ASN B 156 -43.78 -20.57 3.14
CA ASN B 156 -42.40 -20.93 2.86
C ASN B 156 -42.38 -22.02 1.81
N PHE B 157 -42.00 -21.68 0.58
CA PHE B 157 -41.80 -22.63 -0.49
C PHE B 157 -40.33 -22.92 -0.74
N SER B 158 -39.44 -22.50 0.16
CA SER B 158 -38.02 -22.58 -0.12
C SER B 158 -37.58 -24.03 -0.30
N HIS B 159 -36.37 -24.19 -0.82
CA HIS B 159 -35.75 -25.50 -1.02
C HIS B 159 -36.74 -26.51 -1.59
N ASN B 160 -37.26 -26.16 -2.77
CA ASN B 160 -38.07 -27.08 -3.56
C ASN B 160 -37.52 -27.11 -4.97
N LYS B 161 -38.21 -27.78 -5.89
CA LYS B 161 -37.85 -27.79 -7.30
C LYS B 161 -38.88 -27.04 -8.14
N LEU B 162 -39.60 -26.10 -7.54
CA LEU B 162 -40.59 -25.32 -8.26
C LEU B 162 -39.93 -24.56 -9.41
N ALA B 163 -40.44 -24.76 -10.60
CA ALA B 163 -39.89 -24.19 -11.82
C ALA B 163 -40.89 -23.20 -12.42
N GLY B 164 -40.49 -22.61 -13.55
CA GLY B 164 -41.34 -21.70 -14.28
C GLY B 164 -41.07 -20.25 -13.95
N LYS B 165 -41.75 -19.38 -14.68
CA LYS B 165 -41.59 -17.95 -14.48
C LYS B 165 -42.39 -17.48 -13.26
N LEU B 166 -41.92 -16.40 -12.64
CA LEU B 166 -42.70 -15.72 -11.63
C LEU B 166 -43.70 -14.81 -12.32
N LYS B 167 -44.98 -15.04 -12.09
CA LYS B 167 -46.01 -14.25 -12.73
C LYS B 167 -46.98 -13.62 -11.75
N SER B 168 -47.43 -14.36 -10.75
CA SER B 168 -48.57 -13.96 -9.92
C SER B 168 -48.09 -13.54 -8.55
N SER B 169 -48.58 -12.40 -8.09
CA SER B 169 -48.40 -11.95 -6.72
C SER B 169 -49.61 -12.34 -5.90
N PRO B 170 -49.50 -12.30 -4.56
CA PRO B 170 -50.66 -12.64 -3.74
C PRO B 170 -51.83 -11.73 -4.06
N SER B 171 -53.04 -12.29 -3.97
CA SER B 171 -54.24 -11.56 -4.34
C SER B 171 -54.31 -10.23 -3.60
N ALA B 172 -54.88 -9.23 -4.26
CA ALA B 172 -55.02 -7.91 -3.65
C ALA B 172 -56.00 -7.92 -2.49
N SER B 173 -56.84 -8.94 -2.38
CA SER B 173 -57.76 -9.08 -1.26
C SER B 173 -57.08 -9.61 0.00
N ASN B 174 -55.86 -10.13 -0.11
CA ASN B 174 -55.13 -10.62 1.05
C ASN B 174 -54.54 -9.44 1.81
N LYS B 175 -55.00 -9.25 3.05
CA LYS B 175 -54.62 -8.10 3.86
C LYS B 175 -53.55 -8.42 4.91
N ARG B 176 -53.11 -9.67 5.01
CA ARG B 176 -52.36 -10.11 6.17
C ARG B 176 -50.93 -10.59 5.88
N ILE B 177 -50.63 -11.02 4.65
CA ILE B 177 -49.37 -11.71 4.40
C ILE B 177 -48.20 -10.82 4.77
N THR B 178 -47.27 -11.38 5.55
CA THR B 178 -46.10 -10.67 6.03
C THR B 178 -44.80 -11.24 5.48
N THR B 179 -44.63 -12.56 5.52
CA THR B 179 -43.38 -13.21 5.13
C THR B 179 -43.63 -14.16 3.97
N VAL B 180 -42.80 -14.06 2.93
CA VAL B 180 -42.86 -14.93 1.77
C VAL B 180 -41.43 -15.39 1.47
N ASP B 181 -41.22 -16.70 1.45
CA ASP B 181 -39.91 -17.28 1.17
C ASP B 181 -40.02 -18.18 -0.06
N LEU B 182 -39.50 -17.69 -1.17
CA LEU B 182 -39.44 -18.44 -2.43
C LEU B 182 -38.01 -18.82 -2.80
N SER B 183 -37.13 -18.89 -1.80
CA SER B 183 -35.71 -19.08 -2.07
C SER B 183 -35.42 -20.53 -2.45
N ASN B 184 -34.23 -20.74 -3.02
CA ASN B 184 -33.75 -22.08 -3.35
C ASN B 184 -34.82 -22.88 -4.09
N ASN B 185 -35.14 -22.40 -5.28
CA ASN B 185 -36.10 -23.03 -6.18
C ASN B 185 -35.52 -22.96 -7.58
N ARG B 186 -36.35 -23.23 -8.58
CA ARG B 186 -35.92 -23.23 -9.97
C ARG B 186 -36.74 -22.26 -10.81
N PHE B 187 -37.11 -21.12 -10.22
CA PHE B 187 -37.80 -20.09 -10.99
C PHE B 187 -36.86 -19.54 -12.07
N SER B 188 -37.45 -19.18 -13.21
CA SER B 188 -36.68 -18.90 -14.41
C SER B 188 -37.12 -17.60 -15.06
N ASP B 189 -36.26 -17.09 -15.94
CA ASP B 189 -36.60 -16.00 -16.85
C ASP B 189 -36.96 -14.73 -16.10
N GLU B 190 -37.57 -13.78 -16.81
CA GLU B 190 -37.71 -12.43 -16.29
C GLU B 190 -38.58 -12.37 -15.05
N ILE B 191 -38.36 -11.35 -14.24
CA ILE B 191 -39.21 -11.03 -13.10
C ILE B 191 -40.19 -9.96 -13.55
N PRO B 192 -41.49 -10.09 -13.28
CA PRO B 192 -42.42 -9.03 -13.68
C PRO B 192 -42.04 -7.70 -13.03
N GLU B 193 -42.17 -6.63 -13.81
CA GLU B 193 -41.73 -5.32 -13.34
C GLU B 193 -42.46 -4.92 -12.06
N THR B 194 -43.73 -5.30 -11.93
CA THR B 194 -44.55 -4.95 -10.77
C THR B 194 -44.82 -6.14 -9.87
N PHE B 195 -43.99 -7.19 -9.95
CA PHE B 195 -44.22 -8.37 -9.12
C PHE B 195 -44.20 -8.00 -7.64
N ILE B 196 -43.16 -7.29 -7.20
CA ILE B 196 -43.03 -6.93 -5.80
C ILE B 196 -44.08 -5.90 -5.40
N ALA B 197 -44.33 -4.91 -6.26
CA ALA B 197 -45.27 -3.85 -5.92
C ALA B 197 -46.70 -4.37 -5.77
N ASP B 198 -47.03 -5.46 -6.48
CA ASP B 198 -48.38 -6.00 -6.41
C ASP B 198 -48.64 -6.80 -5.13
N PHE B 199 -47.62 -7.01 -4.31
CA PHE B 199 -47.83 -7.71 -3.04
C PHE B 199 -48.65 -6.84 -2.09
N PRO B 200 -49.42 -7.45 -1.18
CA PRO B 200 -50.11 -6.67 -0.15
C PRO B 200 -49.16 -5.76 0.60
N ASN B 201 -49.70 -4.71 1.22
CA ASN B 201 -48.88 -3.71 1.89
C ASN B 201 -48.32 -4.18 3.23
N SER B 202 -48.74 -5.33 3.73
CA SER B 202 -48.25 -5.82 5.01
C SER B 202 -46.90 -6.54 4.89
N LEU B 203 -46.37 -6.70 3.68
CA LEU B 203 -45.17 -7.51 3.47
C LEU B 203 -44.02 -7.01 4.34
N LYS B 204 -43.34 -7.95 5.00
CA LYS B 204 -42.19 -7.65 5.84
C LYS B 204 -40.95 -8.44 5.45
N HIS B 205 -41.12 -9.70 5.07
CA HIS B 205 -40.01 -10.58 4.69
CA HIS B 205 -40.01 -10.58 4.69
C HIS B 205 -40.28 -11.13 3.30
N LEU B 206 -39.32 -10.98 2.40
CA LEU B 206 -39.42 -11.54 1.06
C LEU B 206 -38.06 -12.08 0.68
N ASP B 207 -37.97 -13.39 0.47
CA ASP B 207 -36.71 -14.05 0.14
C ASP B 207 -36.87 -14.69 -1.23
N LEU B 208 -36.08 -14.21 -2.19
CA LEU B 208 -36.13 -14.71 -3.57
C LEU B 208 -34.78 -15.26 -4.01
N SER B 209 -33.93 -15.65 -3.07
CA SER B 209 -32.60 -16.13 -3.40
C SER B 209 -32.66 -17.53 -4.00
N GLY B 210 -31.53 -17.97 -4.54
CA GLY B 210 -31.39 -19.35 -4.98
C GLY B 210 -32.25 -19.73 -6.18
N ASN B 211 -32.40 -18.83 -7.14
CA ASN B 211 -33.08 -19.13 -8.39
C ASN B 211 -32.23 -18.66 -9.56
N ASN B 212 -32.78 -18.64 -10.77
CA ASN B 212 -32.10 -18.10 -11.94
C ASN B 212 -33.03 -17.14 -12.67
N VAL B 213 -33.67 -16.25 -11.91
CA VAL B 213 -34.51 -15.21 -12.49
C VAL B 213 -33.64 -14.09 -13.05
N THR B 214 -34.15 -13.43 -14.10
CA THR B 214 -33.43 -12.40 -14.82
C THR B 214 -34.23 -11.10 -14.75
N GLY B 215 -33.63 -10.04 -15.29
CA GLY B 215 -34.30 -8.77 -15.45
C GLY B 215 -33.44 -7.57 -15.09
N ASP B 216 -33.69 -6.45 -15.77
CA ASP B 216 -33.04 -5.18 -15.45
C ASP B 216 -33.55 -4.67 -14.11
N PHE B 217 -32.63 -4.49 -13.15
CA PHE B 217 -33.03 -4.11 -11.80
C PHE B 217 -33.64 -2.71 -11.75
N SER B 218 -33.17 -1.79 -12.60
CA SER B 218 -33.67 -0.43 -12.56
C SER B 218 -35.14 -0.35 -12.95
N ARG B 219 -35.64 -1.34 -13.69
CA ARG B 219 -37.03 -1.37 -14.17
C ARG B 219 -37.97 -2.05 -13.18
N LEU B 220 -37.46 -2.46 -12.02
CA LEU B 220 -38.27 -3.19 -11.04
C LEU B 220 -38.85 -2.22 -10.03
N SER B 221 -40.17 -2.26 -9.87
CA SER B 221 -40.87 -1.39 -8.93
C SER B 221 -41.10 -2.13 -7.62
N PHE B 222 -40.69 -1.51 -6.52
CA PHE B 222 -40.99 -1.99 -5.18
C PHE B 222 -42.27 -1.40 -4.62
N GLY B 223 -42.93 -0.50 -5.37
CA GLY B 223 -44.13 0.12 -4.88
C GLY B 223 -43.86 1.08 -3.74
N LEU B 224 -44.83 1.18 -2.83
CA LEU B 224 -44.70 2.08 -1.69
C LEU B 224 -43.77 1.56 -0.60
N CYS B 225 -43.50 0.25 -0.56
CA CYS B 225 -42.45 -0.32 0.27
C CYS B 225 -42.51 0.24 1.70
N GLU B 226 -43.63 -0.03 2.38
CA GLU B 226 -43.91 0.64 3.65
C GLU B 226 -43.66 -0.22 4.89
N ASN B 227 -43.57 -1.55 4.77
CA ASN B 227 -43.27 -2.39 5.91
C ASN B 227 -42.13 -3.37 5.65
N LEU B 228 -41.57 -3.43 4.45
CA LEU B 228 -40.56 -4.43 4.14
C LEU B 228 -39.30 -4.18 4.96
N THR B 229 -38.81 -5.23 5.63
CA THR B 229 -37.62 -5.16 6.46
C THR B 229 -36.52 -6.11 6.03
N VAL B 230 -36.85 -7.20 5.34
CA VAL B 230 -35.90 -8.18 4.86
C VAL B 230 -36.20 -8.42 3.39
N PHE B 231 -35.22 -8.14 2.53
CA PHE B 231 -35.36 -8.40 1.11
C PHE B 231 -34.07 -9.02 0.60
N SER B 232 -34.18 -10.08 -0.19
CA SER B 232 -33.01 -10.73 -0.77
C SER B 232 -33.35 -11.20 -2.18
N LEU B 233 -32.47 -10.87 -3.12
CA LEU B 233 -32.52 -11.40 -4.48
C LEU B 233 -31.22 -12.12 -4.83
N SER B 234 -30.52 -12.62 -3.82
CA SER B 234 -29.17 -13.12 -4.01
C SER B 234 -29.17 -14.41 -4.84
N GLN B 235 -28.07 -14.63 -5.55
CA GLN B 235 -27.85 -15.84 -6.35
C GLN B 235 -28.93 -15.98 -7.42
N ASN B 236 -28.90 -15.03 -8.36
CA ASN B 236 -29.78 -15.04 -9.52
C ASN B 236 -28.98 -14.51 -10.71
N SER B 237 -29.67 -14.15 -11.79
CA SER B 237 -29.01 -13.62 -12.98
C SER B 237 -29.58 -12.24 -13.31
N ILE B 238 -29.68 -11.39 -12.30
CA ILE B 238 -30.19 -10.03 -12.46
C ILE B 238 -29.08 -9.12 -12.94
N SER B 239 -29.44 -8.18 -13.80
CA SER B 239 -28.51 -7.24 -14.43
C SER B 239 -28.97 -5.81 -14.15
N GLY B 240 -28.25 -4.85 -14.74
CA GLY B 240 -28.61 -3.44 -14.62
C GLY B 240 -27.52 -2.61 -13.96
N ASP B 241 -27.44 -1.34 -14.33
CA ASP B 241 -26.43 -0.42 -13.81
C ASP B 241 -27.00 0.64 -12.88
N ARG B 242 -28.27 0.55 -12.50
CA ARG B 242 -28.89 1.53 -11.64
C ARG B 242 -29.78 0.84 -10.61
N PHE B 243 -29.98 1.51 -9.46
CA PHE B 243 -31.02 1.00 -8.58
C PHE B 243 -32.37 1.57 -8.96
N PRO B 244 -33.45 0.82 -8.75
CA PRO B 244 -34.78 1.37 -9.01
C PRO B 244 -35.10 2.52 -8.09
N VAL B 245 -35.85 3.49 -8.62
CA VAL B 245 -36.23 4.65 -7.81
C VAL B 245 -37.14 4.20 -6.68
N SER B 246 -38.00 3.22 -6.94
CA SER B 246 -38.95 2.76 -5.93
C SER B 246 -38.26 2.22 -4.69
N LEU B 247 -37.03 1.73 -4.84
CA LEU B 247 -36.34 1.10 -3.70
C LEU B 247 -36.12 2.09 -2.57
N SER B 248 -35.95 3.37 -2.88
CA SER B 248 -35.70 4.37 -1.84
C SER B 248 -36.90 4.56 -0.91
N ASN B 249 -38.08 4.08 -1.29
CA ASN B 249 -39.25 4.20 -0.42
C ASN B 249 -39.20 3.23 0.75
N CYS B 250 -38.38 2.17 0.65
CA CYS B 250 -38.30 1.17 1.71
CA CYS B 250 -38.29 1.16 1.70
C CYS B 250 -37.47 1.74 2.85
N LYS B 251 -38.13 2.61 3.64
CA LYS B 251 -37.46 3.32 4.73
C LYS B 251 -37.15 2.41 5.92
N LEU B 252 -37.84 1.27 6.05
CA LEU B 252 -37.68 0.40 7.21
C LEU B 252 -36.76 -0.78 6.93
N LEU B 253 -36.07 -0.80 5.79
CA LEU B 253 -35.23 -1.94 5.45
C LEU B 253 -34.14 -2.13 6.48
N GLU B 254 -33.92 -3.39 6.86
CA GLU B 254 -32.88 -3.76 7.82
C GLU B 254 -31.83 -4.68 7.21
N THR B 255 -32.23 -5.62 6.36
CA THR B 255 -31.29 -6.44 5.60
C THR B 255 -31.60 -6.28 4.12
N LEU B 256 -30.57 -5.96 3.33
CA LEU B 256 -30.68 -5.91 1.88
C LEU B 256 -29.57 -6.78 1.30
N ASN B 257 -29.95 -7.86 0.62
CA ASN B 257 -29.01 -8.86 0.13
C ASN B 257 -29.23 -9.01 -1.36
N LEU B 258 -28.26 -8.53 -2.15
CA LEU B 258 -28.32 -8.57 -3.61
C LEU B 258 -27.09 -9.25 -4.19
N SER B 259 -26.50 -10.17 -3.44
CA SER B 259 -25.22 -10.75 -3.79
C SER B 259 -25.37 -11.78 -4.92
N ARG B 260 -24.27 -12.04 -5.60
CA ARG B 260 -24.19 -13.05 -6.65
C ARG B 260 -25.24 -12.79 -7.74
N ASN B 261 -25.13 -11.61 -8.35
CA ASN B 261 -25.94 -11.22 -9.50
C ASN B 261 -25.00 -10.56 -10.51
N SER B 262 -25.58 -9.91 -11.53
CA SER B 262 -24.83 -9.29 -12.61
C SER B 262 -25.01 -7.78 -12.62
N LEU B 263 -25.09 -7.19 -11.43
CA LEU B 263 -25.13 -5.73 -11.32
C LEU B 263 -23.80 -5.12 -11.75
N ILE B 264 -23.89 -4.03 -12.51
CA ILE B 264 -22.73 -3.38 -13.10
C ILE B 264 -22.73 -1.91 -12.71
N GLY B 265 -21.60 -1.26 -12.90
CA GLY B 265 -21.45 0.17 -12.69
C GLY B 265 -20.86 0.50 -11.33
N LYS B 266 -21.12 1.73 -10.89
CA LYS B 266 -20.65 2.19 -9.60
C LYS B 266 -21.68 1.94 -8.52
N ILE B 267 -21.20 1.74 -7.29
CA ILE B 267 -22.11 1.62 -6.15
C ILE B 267 -22.87 2.93 -5.98
N PRO B 268 -24.17 2.91 -5.73
CA PRO B 268 -24.91 4.18 -5.56
C PRO B 268 -24.36 4.99 -4.40
N GLY B 269 -24.33 6.32 -4.58
CA GLY B 269 -23.79 7.24 -3.61
C GLY B 269 -24.74 8.40 -3.33
N ASP B 270 -24.15 9.58 -3.17
CA ASP B 270 -24.87 10.82 -2.86
C ASP B 270 -25.66 10.59 -1.58
N ASP B 271 -26.93 10.98 -1.50
CA ASP B 271 -27.71 10.82 -0.28
C ASP B 271 -28.57 9.56 -0.32
N TYR B 272 -28.37 8.70 -1.31
CA TYR B 272 -29.27 7.57 -1.51
C TYR B 272 -29.33 6.70 -0.26
N TRP B 273 -28.17 6.38 0.30
CA TRP B 273 -28.14 5.49 1.46
C TRP B 273 -28.58 6.18 2.74
N GLY B 274 -28.87 7.49 2.69
CA GLY B 274 -29.54 8.14 3.80
C GLY B 274 -31.01 7.79 3.90
N ASN B 275 -31.60 7.29 2.81
CA ASN B 275 -33.00 6.87 2.84
C ASN B 275 -33.23 5.67 3.74
N PHE B 276 -32.20 4.86 3.99
CA PHE B 276 -32.31 3.62 4.75
C PHE B 276 -31.57 3.82 6.07
N GLN B 277 -32.29 4.33 7.07
CA GLN B 277 -31.73 4.67 8.36
C GLN B 277 -31.84 3.54 9.38
N ASN B 278 -32.33 2.37 8.97
CA ASN B 278 -32.37 1.20 9.84
C ASN B 278 -31.60 0.02 9.30
N LEU B 279 -30.94 0.16 8.15
CA LEU B 279 -30.29 -0.96 7.49
C LEU B 279 -29.16 -1.51 8.35
N ARG B 280 -29.23 -2.81 8.68
CA ARG B 280 -28.21 -3.46 9.49
C ARG B 280 -27.30 -4.37 8.68
N GLN B 281 -27.81 -5.01 7.63
CA GLN B 281 -27.03 -5.93 6.81
C GLN B 281 -27.21 -5.52 5.35
N LEU B 282 -26.10 -5.25 4.68
CA LEU B 282 -26.10 -4.96 3.25
C LEU B 282 -25.10 -5.88 2.56
N SER B 283 -25.52 -6.50 1.47
CA SER B 283 -24.66 -7.37 0.68
C SER B 283 -24.81 -7.02 -0.79
N LEU B 284 -23.71 -6.64 -1.42
CA LEU B 284 -23.63 -6.44 -2.86
C LEU B 284 -22.52 -7.32 -3.46
N ALA B 285 -22.26 -8.45 -2.82
CA ALA B 285 -21.08 -9.25 -3.13
C ALA B 285 -21.24 -9.98 -4.45
N HIS B 286 -20.11 -10.26 -5.08
CA HIS B 286 -20.03 -11.08 -6.30
C HIS B 286 -20.98 -10.54 -7.36
N ASN B 287 -20.89 -9.24 -7.59
CA ASN B 287 -21.49 -8.55 -8.72
C ASN B 287 -20.35 -7.98 -9.57
N LEU B 288 -20.71 -7.13 -10.53
CA LEU B 288 -19.74 -6.52 -11.44
C LEU B 288 -19.52 -5.04 -11.15
N TYR B 289 -19.60 -4.65 -9.87
CA TYR B 289 -19.38 -3.26 -9.51
C TYR B 289 -17.93 -2.85 -9.71
N SER B 290 -17.73 -1.58 -10.05
CA SER B 290 -16.40 -1.04 -10.29
C SER B 290 -16.33 0.33 -9.60
N GLY B 291 -15.23 1.04 -9.84
CA GLY B 291 -15.04 2.32 -9.21
C GLY B 291 -14.63 2.20 -7.75
N GLU B 292 -14.80 3.31 -7.03
CA GLU B 292 -14.46 3.37 -5.62
C GLU B 292 -15.68 3.04 -4.74
N ILE B 293 -15.43 2.89 -3.45
CA ILE B 293 -16.49 2.71 -2.47
C ILE B 293 -17.04 4.09 -2.16
N PRO B 294 -18.33 4.36 -2.40
CA PRO B 294 -18.84 5.72 -2.18
C PRO B 294 -18.72 6.12 -0.72
N PRO B 295 -18.11 7.29 -0.44
CA PRO B 295 -18.08 7.76 0.96
C PRO B 295 -19.46 7.95 1.57
N GLU B 296 -20.45 8.34 0.77
CA GLU B 296 -21.79 8.54 1.29
C GLU B 296 -22.45 7.24 1.72
N LEU B 297 -21.83 6.09 1.42
CA LEU B 297 -22.31 4.83 1.96
C LEU B 297 -22.26 4.82 3.48
N SER B 298 -21.51 5.74 4.09
CA SER B 298 -21.40 5.84 5.53
C SER B 298 -22.68 6.34 6.20
N LEU B 299 -23.68 6.76 5.43
CA LEU B 299 -24.95 7.18 6.03
C LEU B 299 -25.69 6.03 6.71
N LEU B 300 -25.23 4.79 6.53
CA LEU B 300 -25.78 3.64 7.23
C LEU B 300 -25.10 3.37 8.56
N CYS B 301 -24.06 4.14 8.90
CA CYS B 301 -23.16 3.74 9.97
C CYS B 301 -23.74 3.95 11.37
N ARG B 302 -24.89 4.60 11.52
CA ARG B 302 -25.56 4.56 12.80
C ARG B 302 -26.08 3.16 13.12
N THR B 303 -26.41 2.39 12.09
CA THR B 303 -27.08 1.11 12.26
C THR B 303 -26.36 -0.08 11.62
N LEU B 304 -25.48 0.15 10.65
CA LEU B 304 -24.90 -0.96 9.90
C LEU B 304 -24.12 -1.89 10.83
N GLU B 305 -24.41 -3.19 10.72
CA GLU B 305 -23.71 -4.21 11.50
C GLU B 305 -22.92 -5.17 10.63
N VAL B 306 -23.38 -5.46 9.42
CA VAL B 306 -22.73 -6.42 8.52
C VAL B 306 -22.67 -5.79 7.13
N LEU B 307 -21.48 -5.77 6.55
CA LEU B 307 -21.30 -5.30 5.19
C LEU B 307 -20.53 -6.35 4.40
N ASP B 308 -20.97 -6.59 3.17
CA ASP B 308 -20.31 -7.54 2.27
C ASP B 308 -20.30 -6.91 0.88
N LEU B 309 -19.16 -6.36 0.49
CA LEU B 309 -18.95 -5.84 -0.86
C LEU B 309 -17.92 -6.67 -1.63
N SER B 310 -17.74 -7.92 -1.23
CA SER B 310 -16.70 -8.76 -1.81
C SER B 310 -17.06 -9.21 -3.22
N GLY B 311 -16.05 -9.69 -3.94
CA GLY B 311 -16.27 -10.23 -5.28
C GLY B 311 -16.67 -9.21 -6.32
N ASN B 312 -16.11 -8.01 -6.25
CA ASN B 312 -16.34 -6.96 -7.24
C ASN B 312 -15.00 -6.51 -7.81
N SER B 313 -15.03 -5.41 -8.55
CA SER B 313 -13.82 -4.77 -9.06
C SER B 313 -13.66 -3.40 -8.41
N LEU B 314 -13.93 -3.33 -7.11
CA LEU B 314 -13.81 -2.08 -6.37
C LEU B 314 -12.34 -1.74 -6.15
N THR B 315 -12.02 -0.46 -6.29
CA THR B 315 -10.65 0.03 -6.18
C THR B 315 -10.56 1.03 -5.02
N GLY B 316 -9.36 1.57 -4.84
CA GLY B 316 -9.17 2.59 -3.82
C GLY B 316 -9.08 1.99 -2.42
N GLN B 317 -9.84 2.58 -1.50
CA GLN B 317 -9.78 2.19 -0.10
C GLN B 317 -11.15 2.36 0.53
N LEU B 318 -11.27 1.91 1.77
CA LEU B 318 -12.46 2.19 2.56
C LEU B 318 -12.45 3.66 2.94
N PRO B 319 -13.48 4.43 2.61
CA PRO B 319 -13.43 5.88 2.87
C PRO B 319 -13.38 6.22 4.36
N GLN B 320 -12.79 7.38 4.65
CA GLN B 320 -12.63 7.82 6.03
C GLN B 320 -13.96 8.03 6.75
N SER B 321 -15.05 8.25 6.00
CA SER B 321 -16.33 8.51 6.65
C SER B 321 -16.77 7.35 7.51
N PHE B 322 -16.19 6.16 7.30
CA PHE B 322 -16.60 4.95 8.01
C PHE B 322 -16.02 4.83 9.41
N THR B 323 -15.29 5.84 9.90
CA THR B 323 -14.84 5.82 11.28
C THR B 323 -16.00 5.86 12.27
N SER B 324 -17.19 6.26 11.82
CA SER B 324 -18.36 6.38 12.67
C SER B 324 -19.20 5.10 12.73
N CYS B 325 -18.78 4.03 12.07
N CYS B 325 -18.78 4.04 12.04
CA CYS B 325 -19.56 2.79 12.03
CA CYS B 325 -19.51 2.77 12.00
C CYS B 325 -19.21 1.94 13.24
C CYS B 325 -19.16 1.95 13.25
N GLY B 326 -19.67 2.40 14.39
CA GLY B 326 -19.37 1.76 15.65
C GLY B 326 -20.12 0.48 15.92
N SER B 327 -21.10 0.13 15.10
CA SER B 327 -21.87 -1.09 15.26
C SER B 327 -21.47 -2.17 14.28
N LEU B 328 -20.51 -1.89 13.40
CA LEU B 328 -20.13 -2.84 12.35
C LEU B 328 -19.40 -4.01 12.99
N GLN B 329 -19.89 -5.23 12.76
CA GLN B 329 -19.31 -6.45 13.28
C GLN B 329 -18.60 -7.25 12.21
N SER B 330 -19.24 -7.44 11.05
CA SER B 330 -18.67 -8.21 9.96
C SER B 330 -18.47 -7.28 8.77
N LEU B 331 -17.22 -7.13 8.35
CA LEU B 331 -16.86 -6.37 7.17
C LEU B 331 -16.15 -7.30 6.20
N ASN B 332 -16.75 -7.51 5.03
CA ASN B 332 -16.18 -8.39 4.01
C ASN B 332 -16.00 -7.58 2.74
N LEU B 333 -14.74 -7.35 2.37
CA LEU B 333 -14.37 -6.62 1.16
C LEU B 333 -13.40 -7.45 0.32
N GLY B 334 -13.47 -8.78 0.46
CA GLY B 334 -12.53 -9.65 -0.23
C GLY B 334 -12.77 -9.72 -1.72
N ASN B 335 -11.77 -10.23 -2.42
CA ASN B 335 -11.79 -10.38 -3.88
CA ASN B 335 -11.81 -10.38 -3.87
C ASN B 335 -12.19 -9.06 -4.54
N ASN B 336 -11.34 -8.06 -4.34
CA ASN B 336 -11.50 -6.75 -4.94
C ASN B 336 -10.12 -6.27 -5.38
N LYS B 337 -10.02 -4.99 -5.70
CA LYS B 337 -8.75 -4.37 -6.08
C LYS B 337 -8.40 -3.25 -5.10
N LEU B 338 -8.76 -3.44 -3.83
CA LEU B 338 -8.51 -2.42 -2.82
C LEU B 338 -7.04 -2.37 -2.44
N SER B 339 -6.59 -1.20 -2.03
CA SER B 339 -5.21 -0.96 -1.66
C SER B 339 -5.17 0.22 -0.69
N GLY B 340 -3.98 0.51 -0.17
CA GLY B 340 -3.78 1.62 0.73
C GLY B 340 -3.56 1.16 2.15
N ASP B 341 -3.55 2.14 3.06
CA ASP B 341 -3.36 1.90 4.48
C ASP B 341 -4.66 2.01 5.28
N PHE B 342 -5.80 1.76 4.63
CA PHE B 342 -7.08 1.91 5.32
C PHE B 342 -7.27 0.92 6.45
N LEU B 343 -6.51 -0.17 6.49
CA LEU B 343 -6.58 -1.06 7.66
C LEU B 343 -6.21 -0.31 8.93
N SER B 344 -5.33 0.69 8.83
CA SER B 344 -4.88 1.46 9.99
C SER B 344 -5.66 2.74 10.20
N THR B 345 -5.96 3.48 9.12
CA THR B 345 -6.62 4.77 9.26
C THR B 345 -8.13 4.66 9.46
N VAL B 346 -8.75 3.52 9.11
CA VAL B 346 -10.20 3.39 9.23
C VAL B 346 -10.54 2.16 10.06
N VAL B 347 -10.07 1.00 9.62
CA VAL B 347 -10.54 -0.26 10.22
C VAL B 347 -10.16 -0.34 11.69
N SER B 348 -8.97 0.14 12.04
CA SER B 348 -8.52 0.04 13.43
C SER B 348 -9.39 0.84 14.38
N LYS B 349 -10.10 1.84 13.90
CA LYS B 349 -10.97 2.67 14.74
C LYS B 349 -12.38 2.10 14.90
N LEU B 350 -12.68 0.96 14.28
CA LEU B 350 -13.99 0.32 14.42
C LEU B 350 -14.01 -0.50 15.71
N SER B 351 -14.78 -0.04 16.69
CA SER B 351 -14.71 -0.62 18.03
C SER B 351 -15.20 -2.07 18.07
N ARG B 352 -16.27 -2.39 17.32
CA ARG B 352 -16.95 -3.67 17.49
C ARG B 352 -16.70 -4.63 16.34
N ILE B 353 -15.69 -4.38 15.52
CA ILE B 353 -15.38 -5.30 14.43
C ILE B 353 -15.00 -6.65 15.03
N THR B 354 -15.61 -7.71 14.51
CA THR B 354 -15.33 -9.08 14.94
C THR B 354 -14.89 -9.99 13.81
N ASN B 355 -15.36 -9.75 12.59
CA ASN B 355 -15.02 -10.59 11.44
C ASN B 355 -14.61 -9.67 10.29
N LEU B 356 -13.31 -9.65 9.99
CA LEU B 356 -12.75 -8.78 8.97
C LEU B 356 -12.18 -9.65 7.85
N TYR B 357 -12.73 -9.50 6.64
CA TYR B 357 -12.29 -10.26 5.48
C TYR B 357 -11.79 -9.28 4.43
N LEU B 358 -10.48 -9.34 4.15
CA LEU B 358 -9.91 -8.58 3.04
C LEU B 358 -8.94 -9.42 2.22
N PRO B 359 -9.27 -10.65 1.87
CA PRO B 359 -8.38 -11.44 1.02
C PRO B 359 -8.54 -11.09 -0.45
N PHE B 360 -7.50 -11.43 -1.22
CA PHE B 360 -7.50 -11.23 -2.67
C PHE B 360 -7.70 -9.75 -3.00
N ASN B 361 -6.76 -8.93 -2.56
CA ASN B 361 -6.76 -7.51 -2.84
C ASN B 361 -5.33 -7.08 -3.16
N ASN B 362 -5.09 -5.77 -3.17
CA ASN B 362 -3.80 -5.19 -3.53
C ASN B 362 -3.18 -4.41 -2.38
N ILE B 363 -3.39 -4.87 -1.14
CA ILE B 363 -2.88 -4.18 0.03
C ILE B 363 -1.39 -4.50 0.19
N SER B 364 -0.56 -3.46 0.12
CA SER B 364 0.88 -3.58 0.27
C SER B 364 1.30 -3.00 1.62
N GLY B 365 2.59 -3.06 1.89
CA GLY B 365 3.12 -2.63 3.17
C GLY B 365 3.07 -3.74 4.19
N SER B 366 3.42 -3.36 5.41
CA SER B 366 3.36 -4.29 6.54
C SER B 366 1.92 -4.40 7.05
N VAL B 367 1.66 -5.47 7.78
CA VAL B 367 0.36 -5.65 8.41
C VAL B 367 0.26 -4.56 9.49
N PRO B 368 -0.73 -3.67 9.42
CA PRO B 368 -0.74 -2.55 10.38
C PRO B 368 -0.86 -3.07 11.81
N ILE B 369 0.01 -2.55 12.67
CA ILE B 369 -0.01 -2.98 14.07
C ILE B 369 -1.20 -2.38 14.79
N SER B 370 -1.70 -1.24 14.31
CA SER B 370 -2.85 -0.59 14.93
C SER B 370 -4.09 -1.47 14.84
N LEU B 371 -4.06 -2.49 13.98
CA LEU B 371 -5.17 -3.42 13.87
C LEU B 371 -5.43 -4.14 15.19
N THR B 372 -4.46 -4.11 16.11
CA THR B 372 -4.64 -4.72 17.43
C THR B 372 -5.59 -3.91 18.31
N ASN B 373 -5.81 -2.63 18.00
CA ASN B 373 -6.79 -1.86 18.75
C ASN B 373 -8.19 -2.44 18.64
N CYS B 374 -8.43 -3.32 17.67
CA CYS B 374 -9.69 -4.03 17.54
C CYS B 374 -9.68 -5.18 18.53
N SER B 375 -10.14 -4.90 19.75
CA SER B 375 -10.04 -5.85 20.85
C SER B 375 -10.99 -7.03 20.70
N ASN B 376 -11.99 -6.95 19.83
CA ASN B 376 -12.97 -8.02 19.65
C ASN B 376 -12.78 -8.80 18.36
N LEU B 377 -11.64 -8.64 17.67
CA LEU B 377 -11.43 -9.31 16.40
C LEU B 377 -11.26 -10.82 16.63
N ARG B 378 -12.16 -11.61 16.04
CA ARG B 378 -12.11 -13.06 16.10
C ARG B 378 -11.58 -13.69 14.83
N VAL B 379 -11.91 -13.12 13.66
CA VAL B 379 -11.51 -13.69 12.38
C VAL B 379 -10.88 -12.58 11.55
N LEU B 380 -9.65 -12.81 11.11
CA LEU B 380 -8.92 -11.87 10.26
C LEU B 380 -8.35 -12.64 9.07
N ASP B 381 -8.75 -12.27 7.87
CA ASP B 381 -8.28 -12.92 6.65
C ASP B 381 -7.68 -11.86 5.74
N LEU B 382 -6.36 -11.93 5.52
CA LEU B 382 -5.65 -11.00 4.67
C LEU B 382 -4.86 -11.73 3.59
N SER B 383 -5.32 -12.93 3.22
CA SER B 383 -4.58 -13.75 2.27
C SER B 383 -4.64 -13.17 0.86
N SER B 384 -3.63 -13.50 0.07
CA SER B 384 -3.54 -13.06 -1.32
C SER B 384 -3.52 -11.54 -1.41
N ASN B 385 -2.60 -10.93 -0.67
CA ASN B 385 -2.32 -9.51 -0.75
C ASN B 385 -0.83 -9.31 -0.99
N GLU B 386 -0.34 -8.06 -0.87
CA GLU B 386 1.06 -7.75 -1.08
C GLU B 386 1.79 -7.44 0.22
N PHE B 387 1.38 -8.09 1.31
CA PHE B 387 1.97 -7.79 2.62
C PHE B 387 3.42 -8.28 2.69
N THR B 388 4.23 -7.51 3.41
CA THR B 388 5.64 -7.81 3.63
C THR B 388 5.94 -7.68 5.12
N GLY B 389 7.15 -8.10 5.50
CA GLY B 389 7.60 -7.96 6.86
C GLY B 389 7.35 -9.19 7.70
N GLU B 390 7.09 -9.00 8.99
CA GLU B 390 6.92 -10.10 9.92
C GLU B 390 5.44 -10.37 10.19
N VAL B 391 5.17 -11.54 10.73
CA VAL B 391 3.81 -11.92 11.14
C VAL B 391 3.38 -11.02 12.29
N PRO B 392 2.12 -10.58 12.33
CA PRO B 392 1.66 -9.79 13.48
C PRO B 392 1.90 -10.55 14.78
N SER B 393 2.43 -9.82 15.77
CA SER B 393 2.69 -10.39 17.09
C SER B 393 2.02 -9.59 18.19
N GLY B 394 1.21 -8.58 17.83
CA GLY B 394 0.58 -7.72 18.80
C GLY B 394 -0.80 -8.12 19.28
N PHE B 395 -1.57 -8.88 18.49
CA PHE B 395 -2.94 -9.18 18.88
C PHE B 395 -3.02 -9.94 20.19
N CYS B 396 -2.00 -10.75 20.52
CA CYS B 396 -2.09 -11.64 21.66
C CYS B 396 -1.58 -11.02 22.96
N SER B 397 -0.64 -10.08 22.89
CA SER B 397 -0.06 -9.48 24.09
C SER B 397 -0.76 -8.18 24.46
N LEU B 398 -2.10 -8.20 24.46
CA LEU B 398 -2.87 -7.04 24.86
C LEU B 398 -3.19 -7.10 26.36
N GLN B 399 -3.79 -6.01 26.86
CA GLN B 399 -4.16 -5.92 28.26
CA GLN B 399 -4.18 -5.91 28.26
C GLN B 399 -5.34 -6.81 28.64
N SER B 400 -5.85 -7.63 27.71
CA SER B 400 -6.97 -8.51 27.98
C SER B 400 -6.77 -9.82 27.23
N SER B 401 -7.47 -10.85 27.68
CA SER B 401 -7.41 -12.15 27.02
C SER B 401 -7.78 -11.98 25.55
N SER B 402 -6.89 -12.42 24.67
CA SER B 402 -7.13 -12.29 23.24
C SER B 402 -8.24 -13.24 22.81
N VAL B 403 -9.17 -12.73 21.99
CA VAL B 403 -10.27 -13.53 21.48
C VAL B 403 -10.02 -14.00 20.05
N LEU B 404 -8.83 -13.77 19.53
CA LEU B 404 -8.53 -14.15 18.14
C LEU B 404 -8.62 -15.66 17.98
N GLU B 405 -9.43 -16.09 17.01
CA GLU B 405 -9.62 -17.51 16.73
C GLU B 405 -9.06 -17.95 15.38
N LYS B 406 -9.10 -17.09 14.37
CA LYS B 406 -8.60 -17.43 13.04
C LYS B 406 -7.67 -16.34 12.54
N LEU B 407 -6.46 -16.74 12.15
CA LEU B 407 -5.48 -15.86 11.53
C LEU B 407 -5.08 -16.47 10.19
N LEU B 408 -5.40 -15.77 9.10
CA LEU B 408 -5.21 -16.25 7.74
C LEU B 408 -4.48 -15.20 6.92
N ILE B 409 -3.20 -15.44 6.62
CA ILE B 409 -2.38 -14.48 5.89
C ILE B 409 -1.68 -15.16 4.72
N ALA B 410 -2.31 -16.18 4.14
CA ALA B 410 -1.67 -16.96 3.09
C ALA B 410 -1.45 -16.13 1.83
N ASN B 411 -0.46 -16.56 1.04
CA ASN B 411 -0.13 -15.95 -0.25
C ASN B 411 0.18 -14.46 -0.10
N ASN B 412 1.14 -14.18 0.79
CA ASN B 412 1.71 -12.84 0.91
C ASN B 412 3.24 -12.97 0.83
N TYR B 413 3.95 -11.89 1.13
CA TYR B 413 5.41 -11.89 1.09
C TYR B 413 6.00 -11.70 2.48
N LEU B 414 5.32 -12.23 3.50
CA LEU B 414 5.84 -12.15 4.86
C LEU B 414 7.12 -12.95 5.00
N SER B 415 8.04 -12.43 5.82
CA SER B 415 9.36 -13.02 6.01
C SER B 415 9.63 -13.18 7.50
N GLY B 416 10.76 -13.82 7.80
CA GLY B 416 11.16 -14.02 9.18
C GLY B 416 10.70 -15.34 9.75
N THR B 417 10.64 -15.38 11.08
CA THR B 417 10.24 -16.56 11.83
C THR B 417 8.82 -16.41 12.35
N VAL B 418 8.23 -17.54 12.71
CA VAL B 418 6.90 -17.57 13.34
C VAL B 418 7.03 -16.96 14.73
N PRO B 419 6.42 -15.81 15.00
CA PRO B 419 6.62 -15.17 16.31
C PRO B 419 6.14 -16.08 17.45
N VAL B 420 6.94 -16.11 18.52
CA VAL B 420 6.56 -16.85 19.71
C VAL B 420 5.36 -16.22 20.39
N GLU B 421 5.08 -14.95 20.09
CA GLU B 421 3.97 -14.25 20.74
C GLU B 421 2.63 -14.90 20.45
N LEU B 422 2.53 -15.68 19.36
CA LEU B 422 1.28 -16.35 19.03
C LEU B 422 0.83 -17.31 20.13
N GLY B 423 1.75 -17.77 20.98
CA GLY B 423 1.36 -18.62 22.08
C GLY B 423 0.42 -17.95 23.06
N LYS B 424 0.42 -16.62 23.10
CA LYS B 424 -0.47 -15.88 23.99
C LYS B 424 -1.89 -15.81 23.45
N CYS B 425 -2.09 -16.09 22.16
CA CYS B 425 -3.44 -16.14 21.60
C CYS B 425 -4.03 -17.52 21.90
N LYS B 426 -4.42 -17.69 23.16
CA LYS B 426 -4.88 -18.98 23.64
C LYS B 426 -6.19 -19.42 23.00
N SER B 427 -6.89 -18.52 22.30
CA SER B 427 -8.14 -18.85 21.63
C SER B 427 -7.96 -19.24 20.16
N LEU B 428 -6.72 -19.30 19.66
CA LEU B 428 -6.51 -19.63 18.26
C LEU B 428 -6.95 -21.05 17.96
N LYS B 429 -7.69 -21.22 16.86
CA LYS B 429 -8.03 -22.52 16.32
C LYS B 429 -7.48 -22.75 14.93
N THR B 430 -7.10 -21.70 14.19
CA THR B 430 -6.67 -21.83 12.81
C THR B 430 -5.57 -20.81 12.52
N ILE B 431 -4.41 -21.29 12.09
CA ILE B 431 -3.30 -20.46 11.65
C ILE B 431 -2.95 -20.86 10.23
N ASP B 432 -3.05 -19.91 9.30
CA ASP B 432 -2.74 -20.15 7.89
C ASP B 432 -1.70 -19.12 7.44
N LEU B 433 -0.43 -19.55 7.39
CA LEU B 433 0.68 -18.71 6.96
C LEU B 433 1.33 -19.25 5.69
N SER B 434 0.59 -20.04 4.91
CA SER B 434 1.19 -20.72 3.77
C SER B 434 1.56 -19.73 2.67
N PHE B 435 2.43 -20.20 1.78
CA PHE B 435 2.91 -19.43 0.63
C PHE B 435 3.44 -18.07 1.05
N ASN B 436 4.38 -18.08 1.98
CA ASN B 436 5.17 -16.91 2.33
C ASN B 436 6.65 -17.28 2.23
N ALA B 437 7.54 -16.41 2.68
CA ALA B 437 8.97 -16.69 2.70
C ALA B 437 9.47 -16.88 4.13
N LEU B 438 8.64 -17.50 4.98
CA LEU B 438 9.00 -17.70 6.36
C LEU B 438 10.11 -18.74 6.47
N THR B 439 10.88 -18.65 7.55
CA THR B 439 12.04 -19.51 7.77
C THR B 439 12.13 -19.90 9.24
N GLY B 440 13.14 -20.70 9.57
CA GLY B 440 13.40 -21.09 10.94
C GLY B 440 12.51 -22.21 11.42
N LEU B 441 12.52 -22.38 12.74
CA LEU B 441 11.78 -23.46 13.39
C LEU B 441 10.40 -23.00 13.80
N ILE B 442 9.49 -23.96 13.99
CA ILE B 442 8.18 -23.71 14.57
C ILE B 442 8.34 -23.79 16.09
N PRO B 443 8.17 -22.68 16.82
CA PRO B 443 8.35 -22.75 18.27
C PRO B 443 7.33 -23.67 18.93
N LYS B 444 7.74 -24.30 20.03
CA LYS B 444 6.85 -25.17 20.77
C LYS B 444 5.63 -24.44 21.29
N GLU B 445 5.68 -23.12 21.43
CA GLU B 445 4.50 -22.39 21.89
C GLU B 445 3.35 -22.54 20.92
N ILE B 446 3.64 -22.84 19.65
CA ILE B 446 2.57 -23.12 18.69
C ILE B 446 1.98 -24.49 18.95
N TRP B 447 2.83 -25.50 19.16
CA TRP B 447 2.38 -26.86 19.40
C TRP B 447 1.69 -27.03 20.75
N THR B 448 1.56 -25.98 21.55
CA THR B 448 0.89 -26.07 22.85
C THR B 448 -0.36 -25.20 22.93
N LEU B 449 -0.74 -24.51 21.85
CA LEU B 449 -1.98 -23.75 21.86
C LEU B 449 -3.13 -24.70 22.19
N PRO B 450 -3.86 -24.49 23.29
CA PRO B 450 -4.85 -25.51 23.71
C PRO B 450 -5.97 -25.74 22.72
N LYS B 451 -6.41 -24.70 22.00
CA LYS B 451 -7.57 -24.79 21.12
C LYS B 451 -7.20 -24.94 19.65
N LEU B 452 -5.91 -25.10 19.34
CA LEU B 452 -5.49 -25.18 17.95
C LEU B 452 -6.09 -26.41 17.27
N SER B 453 -6.56 -26.20 16.06
CA SER B 453 -7.18 -27.26 15.25
C SER B 453 -6.57 -27.37 13.87
N ASP B 454 -6.22 -26.25 13.24
CA ASP B 454 -5.68 -26.24 11.88
C ASP B 454 -4.35 -25.53 11.86
N LEU B 455 -3.30 -26.24 11.49
CA LEU B 455 -1.95 -25.69 11.33
C LEU B 455 -1.58 -25.79 9.86
N VAL B 456 -1.71 -24.68 9.13
CA VAL B 456 -1.55 -24.66 7.68
C VAL B 456 -0.43 -23.69 7.36
N MET B 457 0.76 -24.22 7.05
CA MET B 457 1.92 -23.38 6.79
C MET B 457 2.77 -23.93 5.66
N TRP B 458 2.16 -24.55 4.66
CA TRP B 458 2.93 -25.13 3.57
C TRP B 458 3.46 -24.03 2.64
N ALA B 459 4.40 -24.41 1.78
CA ALA B 459 5.03 -23.51 0.82
C ALA B 459 5.84 -22.43 1.54
N ASN B 460 6.64 -22.85 2.51
CA ASN B 460 7.61 -21.96 3.14
C ASN B 460 8.97 -22.64 3.17
N ASN B 461 9.94 -22.04 3.87
CA ASN B 461 11.27 -22.60 4.03
C ASN B 461 11.54 -22.94 5.49
N LEU B 462 10.53 -23.45 6.19
CA LEU B 462 10.64 -23.77 7.60
C LEU B 462 11.50 -25.01 7.82
N THR B 463 12.22 -25.03 8.94
CA THR B 463 13.13 -26.10 9.28
C THR B 463 12.71 -26.73 10.62
N GLY B 464 13.49 -27.70 11.07
CA GLY B 464 13.19 -28.42 12.29
C GLY B 464 12.32 -29.63 12.05
N GLY B 465 11.81 -30.18 13.17
CA GLY B 465 10.99 -31.36 13.12
C GLY B 465 9.73 -31.18 13.95
N ILE B 466 8.91 -32.24 13.94
CA ILE B 466 7.68 -32.25 14.73
C ILE B 466 8.02 -32.68 16.16
N PRO B 467 7.64 -31.91 17.18
CA PRO B 467 7.93 -32.33 18.55
C PRO B 467 7.27 -33.66 18.88
N GLU B 468 7.82 -34.33 19.89
CA GLU B 468 7.30 -35.63 20.33
C GLU B 468 6.02 -35.52 21.15
N SER B 469 5.59 -34.30 21.50
CA SER B 469 4.47 -34.07 22.40
C SER B 469 3.29 -33.43 21.69
N ILE B 470 2.97 -33.88 20.48
CA ILE B 470 1.92 -33.27 19.69
C ILE B 470 0.56 -33.75 20.18
N CYS B 471 -0.41 -32.84 20.23
CA CYS B 471 -1.79 -33.13 20.58
C CYS B 471 -1.93 -33.61 22.01
N VAL B 472 -0.85 -33.62 22.79
CA VAL B 472 -0.90 -34.01 24.20
C VAL B 472 -0.84 -32.77 25.06
N ASP B 473 0.19 -31.95 24.88
CA ASP B 473 0.26 -30.64 25.50
C ASP B 473 -0.46 -29.58 24.68
N GLY B 474 -0.60 -29.79 23.36
CA GLY B 474 -1.33 -28.90 22.50
C GLY B 474 -2.68 -29.46 22.09
N GLY B 475 -3.33 -28.74 21.18
CA GLY B 475 -4.68 -29.10 20.78
C GLY B 475 -4.71 -30.34 19.91
N ASN B 476 -5.83 -31.04 19.97
CA ASN B 476 -6.07 -32.22 19.14
C ASN B 476 -6.40 -31.74 17.73
N LEU B 477 -5.41 -31.74 16.86
CA LEU B 477 -5.53 -31.09 15.56
C LEU B 477 -6.51 -31.83 14.65
N GLU B 478 -7.13 -31.07 13.75
CA GLU B 478 -7.85 -31.62 12.61
C GLU B 478 -7.02 -31.61 11.34
N THR B 479 -6.07 -30.69 11.24
CA THR B 479 -5.32 -30.48 10.01
C THR B 479 -3.87 -30.15 10.32
N LEU B 480 -2.95 -30.87 9.69
CA LEU B 480 -1.51 -30.61 9.79
C LEU B 480 -0.92 -30.57 8.38
N ILE B 481 -0.73 -29.36 7.86
CA ILE B 481 -0.37 -29.13 6.47
C ILE B 481 0.95 -28.37 6.47
N LEU B 482 2.07 -29.08 6.32
CA LEU B 482 3.39 -28.48 6.34
C LEU B 482 4.23 -28.96 5.16
N ASN B 483 3.58 -29.35 4.07
CA ASN B 483 4.31 -29.79 2.88
C ASN B 483 5.11 -28.62 2.30
N ASN B 484 6.06 -28.98 1.44
CA ASN B 484 6.94 -28.00 0.78
C ASN B 484 7.59 -27.08 1.80
N ASN B 485 8.28 -27.71 2.75
CA ASN B 485 9.08 -27.02 3.75
C ASN B 485 10.42 -27.73 3.86
N LEU B 486 11.21 -27.40 4.87
CA LEU B 486 12.51 -28.04 5.10
C LEU B 486 12.51 -28.85 6.40
N LEU B 487 11.35 -29.39 6.77
CA LEU B 487 11.25 -30.12 8.03
C LEU B 487 12.14 -31.35 8.00
N THR B 488 12.74 -31.66 9.15
CA THR B 488 13.68 -32.76 9.31
C THR B 488 13.18 -33.69 10.41
N GLY B 489 13.91 -34.78 10.62
CA GLY B 489 13.55 -35.72 11.66
C GLY B 489 12.45 -36.68 11.24
N SER B 490 11.92 -37.37 12.25
CA SER B 490 10.92 -38.41 12.05
C SER B 490 9.55 -37.93 12.53
N LEU B 491 8.53 -38.68 12.13
CA LEU B 491 7.16 -38.39 12.56
CA LEU B 491 7.17 -38.40 12.56
C LEU B 491 6.92 -39.04 13.92
N PRO B 492 6.64 -38.27 14.97
CA PRO B 492 6.53 -38.87 16.31
C PRO B 492 5.39 -39.87 16.41
N GLU B 493 5.58 -40.87 17.26
CA GLU B 493 4.52 -41.82 17.56
C GLU B 493 3.35 -41.16 18.27
N SER B 494 3.56 -40.00 18.88
CA SER B 494 2.48 -39.26 19.54
C SER B 494 1.44 -38.78 18.53
N ILE B 495 1.75 -38.86 17.23
CA ILE B 495 0.78 -38.56 16.19
C ILE B 495 -0.47 -39.38 16.41
N SER B 496 -0.33 -40.52 17.09
CA SER B 496 -1.47 -41.34 17.44
C SER B 496 -2.46 -40.62 18.34
N LYS B 497 -2.04 -39.54 19.00
CA LYS B 497 -2.90 -38.82 19.91
C LYS B 497 -3.83 -37.84 19.20
N CYS B 498 -3.58 -37.53 17.94
CA CYS B 498 -4.39 -36.57 17.20
C CYS B 498 -5.59 -37.28 16.56
N THR B 499 -6.44 -37.81 17.43
CA THR B 499 -7.56 -38.63 16.97
C THR B 499 -8.51 -37.86 16.07
N ASN B 500 -8.58 -36.53 16.22
CA ASN B 500 -9.47 -35.72 15.41
C ASN B 500 -8.89 -35.44 14.02
N MET B 501 -7.66 -35.88 13.75
CA MET B 501 -6.98 -35.50 12.52
C MET B 501 -7.78 -35.96 11.30
N LEU B 502 -7.87 -35.07 10.30
CA LEU B 502 -8.52 -35.35 9.02
C LEU B 502 -7.55 -35.37 7.86
N TRP B 503 -6.51 -34.53 7.89
CA TRP B 503 -5.63 -34.34 6.74
C TRP B 503 -4.23 -34.06 7.24
N ILE B 504 -3.29 -34.92 6.87
CA ILE B 504 -1.87 -34.72 7.14
C ILE B 504 -1.17 -34.55 5.80
N SER B 505 -0.43 -33.46 5.65
CA SER B 505 0.33 -33.18 4.44
C SER B 505 1.73 -32.74 4.86
N LEU B 506 2.70 -33.61 4.62
CA LEU B 506 4.11 -33.33 4.91
C LEU B 506 4.98 -33.64 3.69
N SER B 507 4.39 -33.60 2.50
CA SER B 507 5.13 -33.90 1.29
C SER B 507 6.23 -32.87 1.06
N SER B 508 7.23 -33.27 0.27
CA SER B 508 8.32 -32.40 -0.12
C SER B 508 8.96 -31.72 1.08
N ASN B 509 9.25 -32.54 2.10
CA ASN B 509 10.05 -32.13 3.24
C ASN B 509 11.30 -33.02 3.29
N LEU B 510 12.06 -32.89 4.38
CA LEU B 510 13.26 -33.69 4.59
C LEU B 510 13.07 -34.73 5.68
N LEU B 511 11.86 -35.28 5.81
CA LEU B 511 11.58 -36.20 6.90
C LEU B 511 12.29 -37.53 6.71
N THR B 512 12.63 -38.16 7.82
CA THR B 512 13.30 -39.45 7.82
C THR B 512 12.61 -40.40 8.79
N GLY B 513 13.18 -41.58 8.99
CA GLY B 513 12.60 -42.52 9.92
C GLY B 513 11.47 -43.32 9.30
N GLU B 514 10.77 -44.03 10.17
CA GLU B 514 9.67 -44.90 9.78
C GLU B 514 8.33 -44.19 9.96
N ILE B 515 7.32 -44.69 9.25
CA ILE B 515 5.95 -44.22 9.42
C ILE B 515 5.46 -44.82 10.74
N PRO B 516 5.10 -44.00 11.73
CA PRO B 516 4.70 -44.59 13.02
C PRO B 516 3.42 -45.40 12.88
N VAL B 517 3.41 -46.57 13.51
CA VAL B 517 2.23 -47.42 13.50
C VAL B 517 1.06 -46.77 14.20
N GLY B 518 1.32 -45.76 15.04
CA GLY B 518 0.25 -45.08 15.74
C GLY B 518 -0.75 -44.39 14.83
N ILE B 519 -0.41 -44.23 13.54
CA ILE B 519 -1.35 -43.63 12.60
C ILE B 519 -2.65 -44.43 12.56
N GLY B 520 -2.58 -45.73 12.87
CA GLY B 520 -3.77 -46.56 12.84
C GLY B 520 -4.83 -46.13 13.83
N LYS B 521 -4.44 -45.39 14.87
CA LYS B 521 -5.38 -44.84 15.84
C LYS B 521 -6.16 -43.66 15.31
N LEU B 522 -5.79 -43.12 14.14
CA LEU B 522 -6.44 -41.93 13.59
C LEU B 522 -7.57 -42.41 12.68
N GLU B 523 -8.72 -42.65 13.30
CA GLU B 523 -9.89 -43.18 12.62
C GLU B 523 -10.70 -42.10 11.91
N LYS B 524 -10.35 -40.83 12.07
CA LYS B 524 -10.96 -39.76 11.29
C LYS B 524 -10.06 -39.31 10.14
N LEU B 525 -8.81 -39.77 10.10
CA LEU B 525 -7.89 -39.35 9.07
C LEU B 525 -8.40 -39.80 7.71
N ALA B 526 -8.55 -38.84 6.80
CA ALA B 526 -9.03 -39.11 5.45
C ALA B 526 -7.96 -38.97 4.39
N ILE B 527 -6.97 -38.10 4.62
CA ILE B 527 -5.92 -37.82 3.65
C ILE B 527 -4.59 -37.87 4.38
N LEU B 528 -3.63 -38.60 3.81
CA LEU B 528 -2.28 -38.69 4.35
C LEU B 528 -1.32 -38.56 3.17
N GLN B 529 -0.57 -37.47 3.14
CA GLN B 529 0.39 -37.21 2.07
C GLN B 529 1.77 -37.11 2.69
N LEU B 530 2.68 -37.98 2.26
CA LEU B 530 4.04 -37.99 2.78
C LEU B 530 5.05 -38.19 1.65
N GLY B 531 4.69 -37.80 0.43
CA GLY B 531 5.55 -38.04 -0.71
C GLY B 531 6.78 -37.15 -0.71
N ASN B 532 7.76 -37.55 -1.51
CA ASN B 532 9.00 -36.80 -1.69
C ASN B 532 9.68 -36.54 -0.35
N ASN B 533 9.91 -37.61 0.40
CA ASN B 533 10.70 -37.57 1.62
C ASN B 533 11.66 -38.75 1.59
N SER B 534 12.31 -39.03 2.72
CA SER B 534 13.25 -40.15 2.83
C SER B 534 12.77 -41.15 3.86
N LEU B 535 11.45 -41.40 3.88
CA LEU B 535 10.90 -42.38 4.81
C LEU B 535 11.42 -43.77 4.46
N THR B 536 11.68 -44.56 5.50
CA THR B 536 12.15 -45.93 5.36
C THR B 536 11.20 -46.87 6.12
N GLY B 537 11.54 -48.14 6.11
CA GLY B 537 10.74 -49.14 6.78
C GLY B 537 9.59 -49.64 5.93
N ASN B 538 8.65 -50.30 6.61
CA ASN B 538 7.50 -50.88 5.95
C ASN B 538 6.37 -49.88 5.80
N ILE B 539 5.45 -50.19 4.91
CA ILE B 539 4.15 -49.54 4.90
C ILE B 539 3.35 -50.20 6.02
N PRO B 540 3.15 -49.55 7.16
CA PRO B 540 2.53 -50.26 8.29
C PRO B 540 1.15 -50.80 7.92
N SER B 541 0.90 -52.04 8.34
CA SER B 541 -0.42 -52.63 8.12
C SER B 541 -1.49 -51.92 8.93
N GLU B 542 -1.11 -51.19 9.98
CA GLU B 542 -2.08 -50.49 10.81
C GLU B 542 -2.82 -49.41 10.06
N LEU B 543 -2.34 -49.00 8.87
CA LEU B 543 -3.09 -48.06 8.06
C LEU B 543 -4.47 -48.58 7.73
N GLY B 544 -4.67 -49.91 7.75
CA GLY B 544 -5.97 -50.48 7.47
C GLY B 544 -7.01 -50.15 8.51
N ASN B 545 -6.59 -49.68 9.68
CA ASN B 545 -7.51 -49.28 10.74
C ASN B 545 -7.93 -47.82 10.63
N CYS B 546 -7.46 -47.10 9.61
CA CYS B 546 -7.89 -45.74 9.34
C CYS B 546 -9.25 -45.84 8.64
N LYS B 547 -10.32 -45.73 9.42
CA LYS B 547 -11.64 -46.05 8.91
C LYS B 547 -12.05 -45.14 7.76
N ASN B 548 -11.57 -43.89 7.76
CA ASN B 548 -11.99 -42.90 6.78
C ASN B 548 -10.90 -42.58 5.76
N LEU B 549 -9.80 -43.32 5.76
CA LEU B 549 -8.69 -43.00 4.87
C LEU B 549 -9.11 -43.21 3.42
N ILE B 550 -9.08 -42.14 2.64
CA ILE B 550 -9.45 -42.20 1.22
C ILE B 550 -8.33 -41.72 0.31
N TRP B 551 -7.25 -41.16 0.85
CA TRP B 551 -6.18 -40.58 0.05
C TRP B 551 -4.87 -40.88 0.76
N LEU B 552 -4.06 -41.75 0.17
CA LEU B 552 -2.77 -42.14 0.73
C LEU B 552 -1.72 -41.93 -0.35
N ASP B 553 -0.74 -41.07 -0.05
CA ASP B 553 0.30 -40.70 -1.01
C ASP B 553 1.65 -40.80 -0.32
N LEU B 554 2.43 -41.82 -0.68
CA LEU B 554 3.75 -42.06 -0.09
C LEU B 554 4.81 -42.18 -1.18
N ASN B 555 4.62 -41.52 -2.32
CA ASN B 555 5.51 -41.73 -3.44
C ASN B 555 6.87 -41.09 -3.20
N SER B 556 7.87 -41.60 -3.93
CA SER B 556 9.23 -41.06 -3.91
C SER B 556 9.81 -41.06 -2.49
N ASN B 557 9.68 -42.20 -1.82
CA ASN B 557 10.29 -42.44 -0.53
C ASN B 557 11.22 -43.65 -0.63
N ASN B 558 11.72 -44.11 0.51
CA ASN B 558 12.64 -45.25 0.57
C ASN B 558 12.00 -46.42 1.31
N LEU B 559 10.72 -46.66 1.05
CA LEU B 559 10.03 -47.75 1.73
C LEU B 559 10.37 -49.08 1.08
N THR B 560 10.30 -50.13 1.88
CA THR B 560 10.57 -51.48 1.43
C THR B 560 9.53 -52.40 2.06
N GLY B 561 9.77 -53.70 1.98
CA GLY B 561 8.80 -54.65 2.45
C GLY B 561 7.73 -54.90 1.40
N ASN B 562 6.68 -55.56 1.84
CA ASN B 562 5.58 -55.97 0.97
C ASN B 562 4.43 -54.97 1.05
N LEU B 563 3.60 -54.99 0.01
CA LEU B 563 2.37 -54.19 0.05
C LEU B 563 1.44 -54.80 1.09
N PRO B 564 1.05 -54.05 2.13
CA PRO B 564 0.11 -54.62 3.10
C PRO B 564 -1.27 -54.78 2.47
N GLY B 565 -1.80 -55.99 2.55
CA GLY B 565 -3.14 -56.25 2.05
C GLY B 565 -4.22 -55.54 2.83
N GLU B 566 -3.92 -55.05 4.02
CA GLU B 566 -4.90 -54.36 4.85
C GLU B 566 -5.28 -53.00 4.30
N LEU B 567 -4.54 -52.47 3.32
CA LEU B 567 -4.91 -51.17 2.76
C LEU B 567 -6.31 -51.19 2.17
N ALA B 568 -6.77 -52.37 1.73
CA ALA B 568 -8.10 -52.53 1.16
C ALA B 568 -9.11 -53.06 2.17
N SER B 569 -8.72 -53.28 3.42
CA SER B 569 -9.64 -53.88 4.39
C SER B 569 -10.84 -52.99 4.69
N GLN B 570 -10.74 -51.70 4.43
CA GLN B 570 -11.86 -50.78 4.63
C GLN B 570 -12.69 -50.58 3.37
N ALA B 571 -12.36 -51.26 2.27
CA ALA B 571 -13.14 -51.13 1.05
C ALA B 571 -14.60 -51.46 1.30
N GLY B 572 -15.49 -50.63 0.79
CA GLY B 572 -16.92 -50.83 0.97
C GLY B 572 -17.46 -50.42 2.32
N LEU B 573 -16.65 -49.80 3.17
CA LEU B 573 -17.07 -49.41 4.51
C LEU B 573 -16.75 -47.97 4.87
N VAL B 574 -16.01 -47.25 4.03
CA VAL B 574 -15.57 -45.90 4.38
C VAL B 574 -16.77 -44.97 4.45
N MET B 575 -16.85 -44.19 5.54
CA MET B 575 -17.87 -43.15 5.68
C MET B 575 -17.26 -41.78 5.41
N PRO B 576 -18.01 -40.86 4.82
CA PRO B 576 -17.48 -39.49 4.64
C PRO B 576 -17.27 -38.81 5.98
N GLY B 577 -16.48 -37.74 5.94
CA GLY B 577 -16.13 -37.04 7.15
C GLY B 577 -15.99 -35.53 6.98
N SER B 578 -15.47 -34.87 8.02
CA SER B 578 -15.41 -33.41 8.02
C SER B 578 -14.34 -32.85 7.11
N VAL B 579 -13.56 -33.68 6.42
CA VAL B 579 -12.61 -33.16 5.44
C VAL B 579 -13.33 -32.57 4.24
N SER B 580 -14.63 -32.85 4.09
CA SER B 580 -15.40 -32.30 2.99
C SER B 580 -15.60 -30.80 3.16
N GLY B 581 -15.62 -30.09 2.03
CA GLY B 581 -15.89 -28.67 2.03
C GLY B 581 -14.69 -27.78 2.19
N LYS B 582 -13.48 -28.31 1.99
CA LYS B 582 -12.25 -27.53 2.12
C LYS B 582 -11.72 -27.19 0.74
N GLN B 583 -11.16 -25.99 0.61
CA GLN B 583 -10.63 -25.56 -0.67
C GLN B 583 -9.40 -26.39 -1.02
N PHE B 584 -9.36 -26.88 -2.26
CA PHE B 584 -8.24 -27.69 -2.71
C PHE B 584 -7.91 -27.31 -4.15
N ALA B 585 -6.68 -27.63 -4.55
CA ALA B 585 -6.24 -27.51 -5.92
C ALA B 585 -5.43 -28.75 -6.27
N PHE B 586 -5.68 -29.31 -7.45
CA PHE B 586 -4.95 -30.47 -7.93
C PHE B 586 -4.26 -30.10 -9.23
N VAL B 587 -2.93 -30.22 -9.26
CA VAL B 587 -2.14 -29.93 -10.44
C VAL B 587 -1.73 -31.26 -11.06
N ARG B 588 -2.31 -31.59 -12.21
CA ARG B 588 -2.02 -32.86 -12.86
C ARG B 588 -0.75 -32.75 -13.69
N ASN B 589 0.21 -33.64 -13.42
CA ASN B 589 1.43 -33.74 -14.22
C ASN B 589 1.15 -34.58 -15.46
N GLU B 590 1.10 -33.93 -16.62
CA GLU B 590 0.77 -34.57 -17.88
C GLU B 590 2.00 -35.02 -18.66
N GLY B 591 3.11 -35.33 -17.98
CA GLY B 591 4.32 -35.80 -18.60
C GLY B 591 4.52 -37.30 -18.56
N GLY B 592 3.48 -38.06 -18.24
CA GLY B 592 3.59 -39.50 -18.22
C GLY B 592 4.20 -40.02 -16.92
N THR B 593 4.81 -41.21 -17.01
CA THR B 593 5.41 -41.82 -15.83
C THR B 593 6.75 -41.17 -15.48
N ASP B 594 7.44 -40.61 -16.47
CA ASP B 594 8.71 -39.95 -16.22
C ASP B 594 8.58 -38.84 -15.18
N CYS B 595 7.41 -38.20 -15.10
CA CYS B 595 7.17 -37.20 -14.06
C CYS B 595 6.81 -37.89 -12.76
N ARG B 596 7.45 -37.45 -11.67
CA ARG B 596 7.34 -38.14 -10.39
C ARG B 596 5.96 -37.93 -9.78
N GLY B 597 5.34 -39.02 -9.34
CA GLY B 597 4.03 -38.97 -8.72
C GLY B 597 2.91 -38.84 -9.74
N ALA B 598 1.70 -39.10 -9.26
CA ALA B 598 0.50 -38.99 -10.10
C ALA B 598 -0.10 -37.59 -10.09
N GLY B 599 0.35 -36.71 -9.21
CA GLY B 599 -0.14 -35.34 -9.19
C GLY B 599 0.15 -34.70 -7.84
N GLY B 600 -0.36 -33.49 -7.69
CA GLY B 600 -0.22 -32.78 -6.43
C GLY B 600 -1.53 -32.21 -5.93
N LEU B 601 -2.00 -32.71 -4.79
CA LEU B 601 -3.13 -32.12 -4.08
C LEU B 601 -2.60 -31.18 -3.01
N VAL B 602 -3.12 -29.96 -2.99
CA VAL B 602 -2.66 -28.94 -2.05
C VAL B 602 -3.88 -28.24 -1.47
N GLU B 603 -3.84 -27.98 -0.17
CA GLU B 603 -4.82 -27.08 0.44
C GLU B 603 -4.63 -25.69 -0.14
N PHE B 604 -5.73 -25.06 -0.56
CA PHE B 604 -5.64 -23.86 -1.39
C PHE B 604 -6.52 -22.72 -0.87
N GLU B 605 -6.82 -22.70 0.42
CA GLU B 605 -7.56 -21.58 0.99
C GLU B 605 -6.73 -20.31 0.90
N GLY B 606 -7.34 -19.25 0.34
CA GLY B 606 -6.70 -17.95 0.33
C GLY B 606 -5.52 -17.81 -0.60
N ILE B 607 -5.41 -18.66 -1.61
CA ILE B 607 -4.28 -18.63 -2.53
C ILE B 607 -4.80 -18.40 -3.95
N ARG B 608 -4.12 -17.55 -4.69
CA ARG B 608 -4.42 -17.32 -6.09
C ARG B 608 -3.85 -18.45 -6.94
N ALA B 609 -4.60 -18.86 -7.96
CA ALA B 609 -4.13 -19.91 -8.86
C ALA B 609 -2.82 -19.52 -9.54
N GLU B 610 -2.61 -18.22 -9.78
CA GLU B 610 -1.39 -17.77 -10.44
C GLU B 610 -0.16 -18.12 -9.61
N ARG B 611 -0.26 -18.01 -8.28
CA ARG B 611 0.88 -18.32 -7.44
C ARG B 611 1.29 -19.78 -7.55
N LEU B 612 0.35 -20.65 -7.91
CA LEU B 612 0.65 -22.07 -8.07
C LEU B 612 1.24 -22.36 -9.45
N GLU B 613 0.80 -21.62 -10.48
CA GLU B 613 1.35 -21.77 -11.82
C GLU B 613 2.80 -21.33 -11.91
N HIS B 614 3.30 -20.56 -10.94
CA HIS B 614 4.69 -20.15 -10.91
C HIS B 614 5.49 -20.89 -9.84
N PHE B 615 4.89 -21.88 -9.18
CA PHE B 615 5.58 -22.69 -8.19
C PHE B 615 6.53 -23.66 -8.90
N PRO B 616 7.81 -23.70 -8.54
CA PRO B 616 8.74 -24.54 -9.32
C PRO B 616 8.34 -26.01 -9.36
N MET B 617 7.65 -26.54 -8.34
CA MET B 617 7.11 -27.89 -8.46
C MET B 617 6.15 -27.99 -9.65
N VAL B 618 5.46 -26.89 -9.97
CA VAL B 618 4.52 -26.90 -11.08
C VAL B 618 5.27 -27.05 -12.40
N HIS B 619 6.44 -26.42 -12.52
CA HIS B 619 7.24 -26.49 -13.73
C HIS B 619 8.17 -27.70 -13.77
N SER B 620 8.19 -28.52 -12.72
CA SER B 620 9.01 -29.73 -12.75
C SER B 620 8.57 -30.67 -13.87
N CYS B 621 7.27 -30.71 -14.16
CA CYS B 621 6.73 -31.46 -15.28
C CYS B 621 6.25 -30.48 -16.35
N PRO B 622 6.68 -30.62 -17.61
CA PRO B 622 6.40 -29.54 -18.59
C PRO B 622 4.93 -29.23 -18.80
N LYS B 623 4.04 -30.22 -18.76
CA LYS B 623 2.63 -30.02 -19.05
C LYS B 623 1.81 -30.21 -17.78
N THR B 624 0.99 -29.21 -17.46
CA THR B 624 0.17 -29.26 -16.26
C THR B 624 -1.16 -28.56 -16.52
N ARG B 625 -2.14 -28.95 -15.71
CA ARG B 625 -3.45 -28.32 -15.67
C ARG B 625 -3.88 -28.29 -14.21
N ILE B 626 -4.41 -27.15 -13.78
CA ILE B 626 -4.73 -26.92 -12.37
C ILE B 626 -6.24 -27.07 -12.19
N TYR B 627 -6.63 -28.16 -11.55
CA TYR B 627 -8.00 -28.35 -11.12
C TYR B 627 -8.18 -27.76 -9.73
N SER B 628 -9.38 -27.23 -9.47
CA SER B 628 -9.63 -26.49 -8.24
C SER B 628 -11.08 -26.66 -7.84
N GLY B 629 -11.35 -26.45 -6.56
CA GLY B 629 -12.72 -26.53 -6.07
C GLY B 629 -12.73 -26.76 -4.56
N MET B 630 -13.80 -27.41 -4.11
CA MET B 630 -14.02 -27.74 -2.71
C MET B 630 -14.09 -29.25 -2.57
N THR B 631 -13.43 -29.78 -1.56
CA THR B 631 -13.41 -31.23 -1.37
C THR B 631 -14.83 -31.76 -1.27
N MET B 632 -15.12 -32.82 -2.02
CA MET B 632 -16.47 -33.38 -2.11
C MET B 632 -16.40 -34.88 -2.26
N TYR B 633 -17.05 -35.59 -1.35
CA TYR B 633 -17.17 -37.04 -1.47
C TYR B 633 -18.13 -37.39 -2.61
N MET B 634 -17.82 -38.47 -3.32
CA MET B 634 -18.70 -38.98 -4.37
C MET B 634 -19.54 -40.16 -3.90
N PHE B 635 -19.53 -40.47 -2.61
CA PHE B 635 -20.41 -41.48 -2.05
C PHE B 635 -20.92 -40.99 -0.70
N SER B 636 -22.09 -41.48 -0.31
CA SER B 636 -22.67 -41.13 0.98
C SER B 636 -22.38 -42.16 2.06
N SER B 637 -22.08 -43.40 1.67
CA SER B 637 -21.71 -44.44 2.61
C SER B 637 -21.06 -45.59 1.84
N ASN B 638 -20.47 -46.51 2.59
CA ASN B 638 -19.94 -47.75 2.02
C ASN B 638 -18.91 -47.50 0.92
N GLY B 639 -18.06 -46.49 1.11
CA GLY B 639 -17.06 -46.12 0.13
C GLY B 639 -15.78 -46.92 0.29
N SER B 640 -14.78 -46.52 -0.49
CA SER B 640 -13.46 -47.13 -0.48
C SER B 640 -12.42 -46.05 -0.62
N MET B 641 -11.16 -46.45 -0.70
CA MET B 641 -10.10 -45.49 -0.96
C MET B 641 -10.23 -44.91 -2.36
N ILE B 642 -9.84 -43.65 -2.50
CA ILE B 642 -10.02 -42.90 -3.74
C ILE B 642 -8.71 -42.70 -4.47
N TYR B 643 -7.61 -42.52 -3.73
CA TYR B 643 -6.32 -42.16 -4.30
C TYR B 643 -5.25 -42.94 -3.56
N LEU B 644 -4.48 -43.74 -4.27
CA LEU B 644 -3.40 -44.54 -3.67
C LEU B 644 -2.19 -44.44 -4.58
N ASP B 645 -1.20 -43.66 -4.16
CA ASP B 645 0.05 -43.49 -4.90
C ASP B 645 1.19 -43.98 -4.01
N LEU B 646 1.80 -45.10 -4.39
CA LEU B 646 2.94 -45.67 -3.68
C LEU B 646 4.16 -45.79 -4.60
N SER B 647 4.20 -45.01 -5.67
CA SER B 647 5.24 -45.18 -6.69
C SER B 647 6.59 -44.68 -6.19
N TYR B 648 7.64 -45.10 -6.89
CA TYR B 648 9.01 -44.68 -6.61
C TYR B 648 9.40 -45.02 -5.17
N ASN B 649 9.34 -46.30 -4.87
CA ASN B 649 9.84 -46.88 -3.63
C ASN B 649 10.52 -48.18 -4.00
N ALA B 650 10.78 -49.04 -3.02
CA ALA B 650 11.36 -50.35 -3.26
C ALA B 650 10.49 -51.44 -2.64
N VAL B 651 9.18 -51.33 -2.82
CA VAL B 651 8.25 -52.34 -2.31
C VAL B 651 8.31 -53.56 -3.22
N SER B 652 8.41 -54.74 -2.63
CA SER B 652 8.54 -56.00 -3.34
C SER B 652 7.31 -56.88 -3.08
N GLY B 653 7.34 -58.08 -3.63
CA GLY B 653 6.25 -59.01 -3.44
C GLY B 653 5.12 -58.81 -4.44
N SER B 654 4.03 -59.51 -4.17
CA SER B 654 2.89 -59.53 -5.07
C SER B 654 1.84 -58.50 -4.63
N ILE B 655 1.10 -58.00 -5.61
CA ILE B 655 0.02 -57.05 -5.37
C ILE B 655 -1.10 -57.81 -4.67
N PRO B 656 -1.55 -57.39 -3.49
CA PRO B 656 -2.66 -58.10 -2.85
C PRO B 656 -3.87 -58.14 -3.77
N LEU B 657 -4.47 -59.32 -3.88
CA LEU B 657 -5.62 -59.47 -4.77
C LEU B 657 -6.78 -58.61 -4.32
N GLY B 658 -6.90 -58.39 -3.00
CA GLY B 658 -7.99 -57.59 -2.46
C GLY B 658 -8.01 -56.15 -2.93
N TYR B 659 -6.88 -55.65 -3.45
CA TYR B 659 -6.84 -54.25 -3.89
C TYR B 659 -7.89 -53.97 -4.95
N GLY B 660 -8.29 -54.99 -5.72
CA GLY B 660 -9.25 -54.79 -6.79
C GLY B 660 -10.67 -54.57 -6.31
N ALA B 661 -10.93 -54.71 -5.01
CA ALA B 661 -12.26 -54.55 -4.45
C ALA B 661 -12.53 -53.12 -3.98
N MET B 662 -11.68 -52.18 -4.36
CA MET B 662 -11.86 -50.77 -4.03
C MET B 662 -12.61 -50.13 -5.18
N GLY B 663 -13.94 -50.02 -5.03
CA GLY B 663 -14.79 -49.64 -6.15
C GLY B 663 -14.75 -48.17 -6.50
N TYR B 664 -14.37 -47.31 -5.55
CA TYR B 664 -14.27 -45.88 -5.81
C TYR B 664 -12.85 -45.43 -6.10
N LEU B 665 -11.87 -46.33 -6.02
CA LEU B 665 -10.49 -45.97 -6.33
C LEU B 665 -10.39 -45.41 -7.74
N GLN B 666 -9.92 -44.17 -7.85
CA GLN B 666 -9.79 -43.50 -9.14
C GLN B 666 -8.37 -43.41 -9.65
N VAL B 667 -7.38 -43.40 -8.75
CA VAL B 667 -5.97 -43.37 -9.13
C VAL B 667 -5.26 -44.45 -8.34
N LEU B 668 -4.50 -45.29 -9.05
CA LEU B 668 -3.69 -46.32 -8.42
C LEU B 668 -2.33 -46.34 -9.11
N ASN B 669 -1.31 -45.80 -8.43
CA ASN B 669 0.03 -45.70 -8.98
C ASN B 669 0.98 -46.54 -8.12
N LEU B 670 1.38 -47.69 -8.65
CA LEU B 670 2.37 -48.56 -8.03
C LEU B 670 3.63 -48.66 -8.88
N GLY B 671 3.85 -47.69 -9.78
CA GLY B 671 4.97 -47.78 -10.70
C GLY B 671 6.30 -47.59 -10.00
N HIS B 672 7.35 -48.11 -10.65
CA HIS B 672 8.73 -47.96 -10.21
C HIS B 672 8.92 -48.53 -8.81
N ASN B 673 8.73 -49.84 -8.72
CA ASN B 673 8.94 -50.60 -7.50
C ASN B 673 9.54 -51.93 -7.88
N LEU B 674 9.52 -52.89 -6.94
CA LEU B 674 10.05 -54.23 -7.16
C LEU B 674 8.95 -55.27 -7.06
N LEU B 675 7.74 -54.92 -7.50
CA LEU B 675 6.62 -55.84 -7.42
C LEU B 675 6.82 -57.02 -8.36
N THR B 676 6.33 -58.18 -7.94
CA THR B 676 6.46 -59.42 -8.69
C THR B 676 5.10 -60.09 -8.78
N GLY B 677 5.03 -61.17 -9.54
CA GLY B 677 3.79 -61.90 -9.72
C GLY B 677 2.96 -61.36 -10.86
N THR B 678 1.68 -61.68 -10.81
CA THR B 678 0.75 -61.33 -11.86
C THR B 678 -0.10 -60.13 -11.46
N ILE B 679 -0.69 -59.49 -12.47
CA ILE B 679 -1.68 -58.44 -12.24
C ILE B 679 -2.96 -59.12 -11.79
N PRO B 680 -3.51 -58.78 -10.63
CA PRO B 680 -4.73 -59.46 -10.18
C PRO B 680 -5.85 -59.35 -11.19
N ASP B 681 -6.55 -60.46 -11.39
CA ASP B 681 -7.80 -60.41 -12.14
C ASP B 681 -8.85 -59.62 -11.39
N SER B 682 -8.68 -59.47 -10.08
CA SER B 682 -9.58 -58.64 -9.28
C SER B 682 -9.60 -57.21 -9.77
N PHE B 683 -8.52 -56.76 -10.41
CA PHE B 683 -8.44 -55.39 -10.90
C PHE B 683 -9.54 -55.05 -11.88
N GLY B 684 -10.30 -56.04 -12.36
CA GLY B 684 -11.50 -55.75 -13.13
C GLY B 684 -12.58 -55.10 -12.31
N GLY B 685 -12.49 -55.16 -10.99
CA GLY B 685 -13.45 -54.52 -10.11
C GLY B 685 -13.16 -53.07 -9.82
N LEU B 686 -12.03 -52.54 -10.31
CA LEU B 686 -11.69 -51.13 -10.11
C LEU B 686 -12.41 -50.27 -11.14
N LYS B 687 -13.75 -50.29 -11.05
CA LYS B 687 -14.58 -49.69 -12.09
C LYS B 687 -14.40 -48.18 -12.18
N ALA B 688 -14.15 -47.51 -11.05
CA ALA B 688 -14.04 -46.05 -11.05
C ALA B 688 -12.64 -45.58 -11.47
N ILE B 689 -11.71 -46.50 -11.70
CA ILE B 689 -10.32 -46.12 -11.90
C ILE B 689 -10.15 -45.40 -13.23
N GLY B 690 -9.36 -44.33 -13.22
CA GLY B 690 -9.01 -43.59 -14.40
C GLY B 690 -7.51 -43.58 -14.64
N VAL B 691 -6.74 -43.71 -13.56
CA VAL B 691 -5.29 -43.75 -13.63
C VAL B 691 -4.83 -45.07 -13.01
N LEU B 692 -4.07 -45.84 -13.77
CA LEU B 692 -3.49 -47.10 -13.30
C LEU B 692 -2.07 -47.17 -13.85
N ASP B 693 -1.08 -47.05 -12.97
CA ASP B 693 0.32 -47.03 -13.36
C ASP B 693 1.01 -48.19 -12.66
N LEU B 694 1.41 -49.20 -13.45
CA LEU B 694 2.13 -50.36 -12.94
C LEU B 694 3.46 -50.56 -13.67
N SER B 695 3.99 -49.49 -14.27
CA SER B 695 5.20 -49.59 -15.06
C SER B 695 6.43 -49.73 -14.15
N HIS B 696 7.52 -50.19 -14.75
CA HIS B 696 8.81 -50.33 -14.08
C HIS B 696 8.67 -51.16 -12.81
N ASN B 697 8.28 -52.41 -13.00
CA ASN B 697 8.22 -53.40 -11.94
C ASN B 697 8.73 -54.72 -12.52
N ASP B 698 8.54 -55.81 -11.78
CA ASP B 698 8.86 -57.15 -12.24
C ASP B 698 7.59 -57.98 -12.34
N LEU B 699 6.52 -57.38 -12.84
CA LEU B 699 5.27 -58.10 -13.00
C LEU B 699 5.35 -59.08 -14.15
N GLN B 700 4.78 -60.26 -13.95
CA GLN B 700 4.83 -61.36 -14.90
C GLN B 700 3.41 -61.73 -15.32
N GLY B 701 3.32 -62.51 -16.39
CA GLY B 701 2.06 -63.10 -16.79
C GLY B 701 1.28 -62.28 -17.79
N PHE B 702 -0.04 -62.45 -17.79
CA PHE B 702 -0.92 -61.82 -18.75
C PHE B 702 -1.65 -60.62 -18.16
N LEU B 703 -2.05 -59.71 -19.02
CA LEU B 703 -2.93 -58.61 -18.62
C LEU B 703 -4.34 -59.14 -18.41
N PRO B 704 -4.94 -58.97 -17.24
CA PRO B 704 -6.31 -59.46 -17.05
C PRO B 704 -7.26 -58.87 -18.08
N GLY B 705 -8.10 -59.73 -18.65
CA GLY B 705 -9.08 -59.26 -19.61
C GLY B 705 -10.14 -58.38 -18.99
N SER B 706 -10.40 -58.56 -17.69
CA SER B 706 -11.43 -57.77 -17.03
C SER B 706 -11.08 -56.29 -17.00
N LEU B 707 -9.82 -55.94 -17.23
CA LEU B 707 -9.44 -54.54 -17.38
C LEU B 707 -10.16 -53.88 -18.54
N GLY B 708 -10.62 -54.67 -19.52
CA GLY B 708 -11.41 -54.14 -20.60
C GLY B 708 -12.77 -53.62 -20.17
N GLY B 709 -13.24 -54.01 -19.00
CA GLY B 709 -14.49 -53.53 -18.47
C GLY B 709 -14.40 -52.23 -17.72
N LEU B 710 -13.23 -51.59 -17.72
CA LEU B 710 -13.03 -50.31 -17.04
C LEU B 710 -13.30 -49.20 -18.03
N SER B 711 -14.52 -48.65 -18.01
CA SER B 711 -14.94 -47.68 -19.01
C SER B 711 -14.30 -46.32 -18.82
N PHE B 712 -13.74 -46.03 -17.65
CA PHE B 712 -13.16 -44.73 -17.37
C PHE B 712 -11.64 -44.73 -17.40
N LEU B 713 -11.00 -45.88 -17.64
CA LEU B 713 -9.55 -45.95 -17.60
C LEU B 713 -8.99 -45.10 -18.73
N SER B 714 -8.43 -43.94 -18.38
CA SER B 714 -7.93 -42.98 -19.36
C SER B 714 -6.41 -42.79 -19.29
N ASP B 715 -5.73 -43.44 -18.34
CA ASP B 715 -4.29 -43.26 -18.19
C ASP B 715 -3.73 -44.59 -17.67
N LEU B 716 -3.20 -45.40 -18.59
CA LEU B 716 -2.61 -46.69 -18.27
C LEU B 716 -1.14 -46.69 -18.65
N ASP B 717 -0.33 -47.35 -17.82
CA ASP B 717 1.09 -47.53 -18.13
C ASP B 717 1.55 -48.82 -17.47
N VAL B 718 1.85 -49.83 -18.28
CA VAL B 718 2.39 -51.09 -17.81
C VAL B 718 3.74 -51.38 -18.46
N SER B 719 4.41 -50.36 -18.97
CA SER B 719 5.68 -50.54 -19.65
C SER B 719 6.77 -50.95 -18.66
N ASN B 720 7.82 -51.56 -19.19
CA ASN B 720 8.98 -51.96 -18.39
C ASN B 720 8.57 -52.95 -17.31
N ASN B 721 7.96 -54.06 -17.75
CA ASN B 721 7.60 -55.16 -16.88
C ASN B 721 7.98 -56.46 -17.57
N ASN B 722 7.55 -57.58 -16.98
CA ASN B 722 7.73 -58.91 -17.55
C ASN B 722 6.43 -59.45 -18.12
N LEU B 723 5.54 -58.56 -18.58
CA LEU B 723 4.26 -58.97 -19.10
C LEU B 723 4.40 -59.55 -20.49
N THR B 724 3.47 -60.44 -20.83
CA THR B 724 3.49 -61.13 -22.12
C THR B 724 2.06 -61.48 -22.48
N GLY B 725 1.87 -61.82 -23.75
CA GLY B 725 0.58 -62.26 -24.22
C GLY B 725 -0.25 -61.14 -24.82
N PRO B 726 -1.47 -61.48 -25.26
CA PRO B 726 -2.30 -60.49 -25.94
C PRO B 726 -2.76 -59.38 -25.02
N ILE B 727 -2.95 -58.20 -25.61
CA ILE B 727 -3.47 -57.04 -24.90
C ILE B 727 -4.99 -57.10 -24.99
N PRO B 728 -5.72 -57.09 -23.86
CA PRO B 728 -7.17 -57.22 -23.91
C PRO B 728 -7.81 -56.31 -24.95
N PHE B 729 -8.86 -56.82 -25.58
CA PHE B 729 -9.52 -56.17 -26.71
C PHE B 729 -10.65 -55.23 -26.32
N GLY B 730 -11.25 -55.41 -25.15
CA GLY B 730 -12.35 -54.57 -24.72
C GLY B 730 -11.89 -53.26 -24.09
N GLY B 731 -12.88 -52.43 -23.78
CA GLY B 731 -12.59 -51.20 -23.06
C GLY B 731 -11.63 -50.29 -23.81
N GLN B 732 -10.72 -49.69 -23.04
CA GLN B 732 -9.81 -48.68 -23.56
C GLN B 732 -8.38 -49.18 -23.71
N LEU B 733 -8.13 -50.46 -23.46
CA LEU B 733 -6.75 -50.94 -23.42
C LEU B 733 -6.10 -50.88 -24.81
N THR B 734 -6.89 -50.95 -25.87
CA THR B 734 -6.39 -50.89 -27.23
C THR B 734 -6.13 -49.47 -27.71
N THR B 735 -6.41 -48.44 -26.89
CA THR B 735 -6.38 -47.07 -27.36
C THR B 735 -5.12 -46.31 -26.95
N PHE B 736 -4.38 -46.81 -25.96
CA PHE B 736 -3.25 -46.08 -25.38
C PHE B 736 -2.04 -46.07 -26.32
N PRO B 737 -1.16 -45.09 -26.15
CA PRO B 737 0.04 -45.02 -27.01
C PRO B 737 0.98 -46.20 -26.81
N LEU B 738 1.82 -46.45 -27.83
CA LEU B 738 2.78 -47.55 -27.75
C LEU B 738 3.71 -47.44 -26.55
N THR B 739 4.04 -46.22 -26.12
CA THR B 739 4.99 -46.06 -25.02
C THR B 739 4.45 -46.67 -23.74
N ARG B 740 3.16 -46.95 -23.67
CA ARG B 740 2.53 -47.44 -22.45
C ARG B 740 2.61 -48.96 -22.29
N TYR B 741 3.05 -49.68 -23.34
CA TYR B 741 3.19 -51.13 -23.28
C TYR B 741 4.60 -51.60 -23.56
N ALA B 742 5.53 -50.70 -23.85
CA ALA B 742 6.83 -51.09 -24.36
C ALA B 742 7.70 -51.73 -23.28
N ASN B 743 8.80 -52.34 -23.73
CA ASN B 743 9.80 -52.94 -22.83
C ASN B 743 9.20 -54.01 -21.95
N ASN B 744 8.37 -54.88 -22.53
CA ASN B 744 7.84 -56.05 -21.85
C ASN B 744 8.40 -57.30 -22.52
N SER B 745 8.08 -58.46 -21.94
CA SER B 745 8.68 -59.71 -22.37
C SER B 745 7.73 -60.50 -23.27
N GLY B 746 7.24 -59.85 -24.33
CA GLY B 746 6.45 -60.54 -25.33
C GLY B 746 5.00 -60.14 -25.40
N LEU B 747 4.67 -58.91 -25.03
CA LEU B 747 3.31 -58.41 -25.23
C LEU B 747 3.03 -58.29 -26.72
N CYS B 748 1.80 -58.65 -27.10
CA CYS B 748 1.38 -58.60 -28.49
C CYS B 748 -0.07 -58.15 -28.57
N GLY B 749 -0.48 -57.76 -29.76
CA GLY B 749 -1.83 -57.31 -30.00
C GLY B 749 -1.92 -55.79 -30.05
N VAL B 750 -2.87 -55.30 -30.85
CA VAL B 750 -3.09 -53.87 -31.07
C VAL B 750 -3.05 -53.15 -29.73
N PRO B 751 -2.37 -51.99 -29.61
CA PRO B 751 -1.65 -51.25 -30.66
C PRO B 751 -0.30 -51.86 -31.06
N LEU B 752 0.11 -52.97 -30.47
CA LEU B 752 1.34 -53.65 -30.86
C LEU B 752 1.10 -54.55 -32.06
N PRO B 753 2.16 -55.15 -32.60
CA PRO B 753 1.98 -56.08 -33.71
C PRO B 753 1.09 -57.23 -33.31
N PRO B 754 0.31 -57.77 -34.25
CA PRO B 754 -0.67 -58.80 -33.89
C PRO B 754 -0.01 -60.06 -33.34
N CYS B 755 -0.75 -60.75 -32.46
CA CYS B 755 -0.22 -61.95 -31.84
C CYS B 755 -0.09 -63.09 -32.85
N SER B 756 -0.99 -63.13 -33.83
CA SER B 756 -1.06 -64.23 -34.78
C SER B 756 0.10 -64.23 -35.77
N SER B 757 0.90 -63.17 -35.83
CA SER B 757 2.00 -63.09 -36.77
C SER B 757 3.31 -63.61 -36.17
C1 NAG C . 21.84 50.74 1.60
C2 NAG C . 23.27 50.24 1.79
C3 NAG C . 23.54 50.03 3.28
C4 NAG C . 23.19 51.27 4.08
C5 NAG C . 21.77 51.75 3.73
C6 NAG C . 21.35 53.03 4.41
C7 NAG C . 24.15 48.87 -0.11
C8 NAG C . 24.64 50.11 -0.81
N2 NAG C . 23.51 49.02 1.07
O3 NAG C . 24.88 49.66 3.44
O4 NAG C . 23.24 50.89 5.44
O5 NAG C . 21.67 51.93 2.33
O6 NAG C . 20.03 53.34 4.05
O7 NAG C . 24.29 47.77 -0.64
H2 NAG C . 23.87 50.92 1.43
H3 NAG C . 22.95 49.32 3.58
H4 NAG C . 23.82 51.97 3.86
H5 NAG C . 21.15 51.05 4.02
H61 NAG C . 21.98 53.72 4.15
H62 NAG C . 21.46 52.92 5.37
H81 NAG C . 25.20 49.87 -1.55
H82 NAG C . 25.15 50.65 -0.17
H83 NAG C . 23.88 50.63 -1.12
HN2 NAG C . 23.22 48.31 1.45
HO3 NAG C . 25.03 49.56 4.27
HO6 NAG C . 19.95 53.23 3.21
C1 NAG C . 24.35 51.47 6.16
C2 NAG C . 24.18 51.00 7.60
C3 NAG C . 25.36 51.42 8.46
C4 NAG C . 26.67 50.98 7.81
C5 NAG C . 26.71 51.55 6.38
C6 NAG C . 27.99 51.19 5.65
C7 NAG C . 21.81 50.79 8.26
C8 NAG C . 20.64 51.53 8.87
N2 NAG C . 22.94 51.51 8.15
O3 NAG C . 25.20 50.84 9.74
O4 NAG C . 27.72 51.47 8.61
O5 NAG C . 25.60 51.07 5.65
O6 NAG C . 27.97 51.77 4.36
O7 NAG C . 21.71 49.63 7.93
H2 NAG C . 24.14 50.03 7.59
H3 NAG C . 25.38 52.38 8.52
H4 NAG C . 26.69 50.01 7.76
H5 NAG C . 26.68 52.51 6.43
H61 NAG C . 28.05 50.22 5.59
H62 NAG C . 28.74 51.49 6.17
H81 NAG C . 20.02 51.76 8.17
H82 NAG C . 20.96 52.34 9.30
H83 NAG C . 20.22 50.96 9.53
HN2 NAG C . 22.94 52.33 8.42
HO3 NAG C . 25.88 51.06 10.21
HO4 NAG C . 28.35 50.90 8.60
HO6 NAG C . 27.27 51.53 3.96
C1 NAG D . 2.25 30.45 -4.14
C2 NAG D . 2.98 29.86 -5.34
C3 NAG D . 4.33 29.29 -4.91
C4 NAG D . 5.13 30.28 -4.08
C5 NAG D . 4.25 30.96 -3.01
C6 NAG D . 4.96 32.11 -2.32
C7 NAG D . 1.54 28.87 -7.12
C8 NAG D . 0.84 27.59 -7.50
N2 NAG D . 2.21 28.80 -5.96
O3 NAG D . 5.02 28.94 -6.08
O4 NAG D . 6.14 29.53 -3.45
O5 NAG D . 3.06 31.45 -3.58
O6 NAG D . 4.28 32.46 -1.15
O7 NAG D . 1.49 29.87 -7.83
H2 NAG D . 3.10 30.57 -5.99
H3 NAG D . 4.14 28.53 -4.33
H4 NAG D . 5.45 30.96 -4.68
H5 NAG D . 4.03 30.29 -2.34
H61 NAG D . 5.02 32.85 -2.95
H62 NAG D . 5.87 31.83 -2.13
H81 NAG D . 1.17 27.28 -8.34
H82 NAG D . -0.12 27.75 -7.55
H83 NAG D . 1.01 26.92 -6.80
HN2 NAG D . 2.19 28.06 -5.53
HO3 NAG D . 5.81 28.72 -5.86
HO6 NAG D . 4.40 31.85 -0.56
C1 NAG D . 7.42 29.77 -4.04
C2 NAG D . 8.46 29.28 -3.02
C3 NAG D . 9.87 29.47 -3.59
C4 NAG D . 9.99 28.89 -4.99
C5 NAG D . 8.81 29.33 -5.88
C6 NAG D . 8.78 28.65 -7.23
C7 NAG D . 7.55 29.56 -0.74
C8 NAG D . 7.54 30.47 0.47
N2 NAG D . 8.31 29.99 -1.78
O3 NAG D . 10.76 28.85 -2.71
O4 NAG D . 11.21 29.38 -5.50
O5 NAG D . 7.60 29.06 -5.24
O6 NAG D . 9.87 29.05 -8.01
O7 NAG D . 6.94 28.51 -0.75
H2 NAG D . 8.32 28.33 -2.86
H3 NAG D . 10.01 30.43 -3.66
H4 NAG D . 9.97 27.92 -4.91
H5 NAG D . 8.92 30.28 -6.03
H61 NAG D . 7.93 28.85 -7.65
H62 NAG D . 8.78 27.68 -7.08
H81 NAG D . 6.65 30.80 0.60
H82 NAG D . 8.14 31.21 0.31
H83 NAG D . 7.83 29.96 1.25
HN2 NAG D . 8.72 30.74 -1.70
HO3 NAG D . 11.54 29.12 -2.90
HO6 NAG D . 9.83 28.65 -8.76
C1 BMA D . 12.11 28.29 -5.83
C2 BMA D . 13.37 28.92 -6.41
C3 BMA D . 14.45 27.84 -6.65
C4 BMA D . 14.61 26.79 -5.55
C5 BMA D . 13.37 26.50 -4.72
C6 BMA D . 13.61 26.02 -3.29
O2 BMA D . 13.79 29.94 -5.55
O3 BMA D . 15.65 28.54 -6.93
O4 BMA D . 14.98 25.62 -6.26
O5 BMA D . 12.41 27.55 -4.66
O6 BMA D . 12.40 25.37 -2.96
H2 BMA D . 13.13 29.27 -7.28
H3 BMA D . 14.15 27.34 -7.42
H4 BMA D . 15.29 27.10 -4.92
H5 BMA D . 12.95 25.76 -5.19
H61 BMA D . 13.80 26.76 -2.69
H62 BMA D . 14.37 25.43 -3.24
HO2 BMA D . 13.26 30.60 -5.65
HO4 BMA D . 15.33 25.07 -5.71
C1 MAN D . 12.43 24.72 -1.68
C2 MAN D . 10.99 24.25 -1.43
C3 MAN D . 10.09 25.48 -1.50
C4 MAN D . 10.51 26.43 -0.39
C5 MAN D . 12.01 26.77 -0.49
C6 MAN D . 12.54 27.46 0.75
O2 MAN D . 10.98 23.65 -0.15
O3 MAN D . 8.75 25.07 -1.41
O4 MAN D . 9.70 27.58 -0.55
O5 MAN D . 12.80 25.60 -0.67
O6 MAN D . 12.19 26.73 1.91
H2 MAN D . 10.74 23.59 -2.09
H3 MAN D . 10.21 25.91 -2.37
H4 MAN D . 10.36 26.00 0.46
H5 MAN D . 12.10 27.35 -1.26
H61 MAN D . 12.17 28.36 0.78
H62 MAN D . 13.50 27.55 0.67
HO2 MAN D . 11.72 23.83 0.24
HO4 MAN D . 10.10 28.13 -1.07
C1 MAN D . 8.22 24.76 -2.72
C2 MAN D . 6.70 24.97 -2.69
C3 MAN D . 6.11 24.09 -1.61
C4 MAN D . 6.51 22.63 -1.82
C5 MAN D . 8.01 22.49 -2.08
C6 MAN D . 8.35 21.10 -2.62
O2 MAN D . 6.16 24.59 -3.94
O3 MAN D . 4.72 24.26 -1.66
O4 MAN D . 6.13 21.97 -0.63
O5 MAN D . 8.45 23.42 -3.05
O6 MAN D . 8.10 21.05 -4.00
H2 MAN D . 6.57 25.92 -2.53
H3 MAN D . 6.47 24.38 -0.75
H4 MAN D . 6.05 22.30 -2.60
H5 MAN D . 8.47 22.62 -1.24
H61 MAN D . 7.82 20.45 -2.14
H62 MAN D . 9.29 20.92 -2.41
HO3 MAN D . 4.47 24.09 -2.46
HO4 MAN D . 5.29 21.99 -0.54
HO6 MAN D . 8.83 21.24 -4.41
C1 MAN D . 6.65 25.44 -4.99
C2 MAN D . 5.47 25.75 -5.90
C3 MAN D . 4.89 24.45 -6.45
C4 MAN D . 5.97 23.59 -7.10
C5 MAN D . 7.20 23.48 -6.18
C6 MAN D . 8.38 22.84 -6.89
O2 MAN D . 5.96 26.58 -6.94
O3 MAN D . 3.88 24.79 -7.37
O4 MAN D . 5.40 22.32 -7.35
O5 MAN D . 7.62 24.75 -5.72
O6 MAN D . 9.53 22.96 -6.07
H2 MAN D . 4.79 26.23 -5.39
H3 MAN D . 4.54 23.95 -5.70
H4 MAN D . 6.25 24.03 -7.92
H5 MAN D . 6.96 22.93 -5.42
H61 MAN D . 8.50 23.29 -7.74
H62 MAN D . 8.17 21.92 -7.09
HO2 MAN D . 5.33 27.11 -7.16
HO3 MAN D . 3.31 24.15 -7.38
HO4 MAN D . 5.55 22.09 -8.15
HO6 MAN D . 9.27 23.21 -5.30
C1 MAN D . 12.64 27.49 3.06
C2 MAN D . 12.76 26.51 4.24
C3 MAN D . 11.38 26.01 4.66
C4 MAN D . 10.46 27.18 4.95
C5 MAN D . 10.41 28.09 3.72
C6 MAN D . 9.59 29.34 3.99
O2 MAN D . 13.40 27.21 5.29
O3 MAN D . 11.55 25.21 5.81
O4 MAN D . 9.19 26.65 5.26
O5 MAN D . 11.71 28.51 3.38
O6 MAN D . 10.18 30.43 3.33
H2 MAN D . 13.28 25.75 3.94
H3 MAN D . 11.00 25.51 3.94
H4 MAN D . 10.81 27.68 5.71
H5 MAN D . 10.00 27.61 2.99
H61 MAN D . 9.54 29.48 4.95
H62 MAN D . 8.68 29.19 3.68
HO3 MAN D . 12.30 25.41 6.16
HO4 MAN D . 9.25 25.82 5.37
HO6 MAN D . 10.80 30.14 2.83
C1 MAN D . 14.76 26.75 5.42
C2 MAN D . 15.16 26.89 6.88
C3 MAN D . 14.99 28.35 7.28
C4 MAN D . 15.85 29.24 6.38
C5 MAN D . 15.58 28.93 4.90
C6 MAN D . 16.63 29.56 4.00
O2 MAN D . 16.49 26.48 6.99
O3 MAN D . 15.34 28.46 8.64
O4 MAN D . 15.52 30.58 6.70
O5 MAN D . 15.61 27.54 4.65
O6 MAN D . 17.91 29.13 4.42
H2 MAN D . 14.59 26.33 7.44
H3 MAN D . 14.06 28.61 7.15
H4 MAN D . 16.77 29.04 6.57
H5 MAN D . 14.71 29.29 4.68
H61 MAN D . 16.54 30.53 4.05
H62 MAN D . 16.45 29.30 3.08
HO2 MAN D . 16.80 26.38 6.20
HO3 MAN D . 15.54 29.28 8.79
HO4 MAN D . 16.17 31.09 6.51
HO6 MAN D . 17.90 28.29 4.49
C1 MAN D . 15.82 28.54 -8.36
C2 MAN D . 17.32 28.51 -8.68
C3 MAN D . 17.97 29.78 -8.12
C4 MAN D . 17.29 31.00 -8.74
C5 MAN D . 15.79 30.92 -8.47
C6 MAN D . 15.03 32.02 -9.18
O2 MAN D . 17.44 28.47 -10.08
O3 MAN D . 19.34 29.72 -8.44
O4 MAN D . 17.88 32.12 -8.15
O5 MAN D . 15.25 29.69 -8.92
O6 MAN D . 13.74 32.10 -8.64
H2 MAN D . 17.70 27.72 -8.26
H3 MAN D . 17.85 29.79 -7.17
H4 MAN D . 17.44 30.99 -9.70
H5 MAN D . 15.65 31.02 -7.51
H61 MAN D . 15.02 31.82 -10.13
H62 MAN D . 15.51 32.86 -9.07
HO3 MAN D . 19.64 30.51 -8.44
HO4 MAN D . 17.62 32.83 -8.56
HO6 MAN D . 13.44 31.31 -8.53
C1 MAN D . 17.48 27.11 -10.56
C2 MAN D . 18.77 26.93 -11.34
C3 MAN D . 18.80 27.96 -12.47
C4 MAN D . 17.55 27.83 -13.33
C5 MAN D . 16.28 27.80 -12.47
C6 MAN D . 15.06 27.40 -13.28
O2 MAN D . 18.78 25.61 -11.82
O3 MAN D . 19.97 27.74 -13.21
O4 MAN D . 17.54 28.94 -14.21
O5 MAN D . 16.40 26.87 -11.41
O6 MAN D . 14.06 26.94 -12.40
H2 MAN D . 19.53 27.06 -10.74
H3 MAN D . 18.79 28.84 -12.07
H4 MAN D . 17.60 26.99 -13.82
H5 MAN D . 16.14 28.69 -12.11
H61 MAN D . 15.32 26.72 -13.92
H62 MAN D . 14.75 28.17 -13.78
HO3 MAN D . 20.24 26.95 -13.05
HO4 MAN D . 16.81 28.99 -14.62
HO6 MAN D . 13.96 27.51 -11.78
C1 NAG E . 3.53 6.71 7.29
C2 NAG E . 3.20 5.81 8.49
C3 NAG E . 3.66 6.50 9.77
C4 NAG E . 5.14 6.87 9.69
C5 NAG E . 5.43 7.61 8.38
C6 NAG E . 6.91 7.83 8.15
C7 NAG E . 1.25 4.27 8.50
C8 NAG E . -0.24 4.23 8.63
N2 NAG E . 1.79 5.51 8.56
O3 NAG E . 3.39 5.64 10.85
O4 NAG E . 5.43 7.69 10.79
O5 NAG E . 4.92 6.89 7.26
O6 NAG E . 7.59 6.59 8.14
O7 NAG E . 1.90 3.24 8.37
H2 NAG E . 3.67 4.97 8.37
H3 NAG E . 3.17 7.33 9.86
H4 NAG E . 5.64 6.03 9.70
H5 NAG E . 4.99 8.47 8.43
H61 NAG E . 7.24 8.42 8.84
H62 NAG E . 7.02 8.30 7.31
H81 NAG E . -0.61 3.64 7.95
H82 NAG E . -0.60 5.12 8.52
H83 NAG E . -0.49 3.89 9.50
HN2 NAG E . 1.25 6.17 8.66
HO3 NAG E . 3.56 6.05 11.57
HO6 NAG E . 8.42 6.74 8.12
C1 NAG E . 6.43 7.06 11.63
C2 NAG E . 7.06 8.13 12.54
C3 NAG E . 8.09 7.48 13.46
C4 NAG E . 7.46 6.32 14.22
C5 NAG E . 6.79 5.36 13.24
C6 NAG E . 6.06 4.21 13.92
C7 NAG E . 7.10 10.41 11.64
C8 NAG E . 7.88 11.40 10.80
N2 NAG E . 7.66 9.19 11.78
O3 NAG E . 8.59 8.47 14.32
O4 NAG E . 8.47 5.68 14.96
O5 NAG E . 5.86 6.06 12.44
O6 NAG E . 6.98 3.43 14.65
O7 NAG E . 6.04 10.73 12.15
H2 NAG E . 6.34 8.51 13.08
H3 NAG E . 8.80 7.12 12.91
H4 NAG E . 6.78 6.69 14.81
H5 NAG E . 7.48 4.98 12.68
H61 NAG E . 5.60 3.71 13.25
H62 NAG E . 5.38 4.59 14.50
H81 NAG E . 7.34 11.69 10.05
H82 NAG E . 8.69 10.97 10.48
H83 NAG E . 8.11 12.17 11.35
HN2 NAG E . 8.41 9.04 11.40
HO3 NAG E . 9.22 8.12 14.78
HO6 NAG E . 6.54 2.84 15.07
C1 NAG F . 33.78 3.43 7.94
C2 NAG F . 33.32 3.38 9.40
C3 NAG F . 33.16 1.92 9.84
C4 NAG F . 32.23 1.16 8.90
C5 NAG F . 32.74 1.36 7.45
C6 NAG F . 31.86 0.76 6.37
C7 NAG F . 33.99 5.36 10.68
C8 NAG F . 35.06 5.97 11.56
N2 NAG F . 34.24 4.11 10.24
O3 NAG F . 32.69 1.91 11.16
O4 NAG F . 32.24 -0.22 9.26
O5 NAG F . 32.86 2.73 7.14
O6 NAG F . 31.99 -0.64 6.39
O7 NAG F . 32.97 5.98 10.42
H2 NAG F . 32.45 3.81 9.47
H3 NAG F . 34.04 1.50 9.77
H4 NAG F . 31.34 1.52 8.98
H5 NAG F . 33.61 0.91 7.43
H61 NAG F . 32.13 1.13 5.53
H62 NAG F . 30.96 1.04 6.53
H81 NAG F . 35.42 6.76 11.11
H82 NAG F . 35.76 5.32 11.70
H83 NAG F . 34.67 6.24 12.40
HN2 NAG F . 34.96 3.72 10.46
HO3 NAG F . 32.74 1.12 11.45
HO6 NAG F . 32.81 -0.83 6.35
C1 NAG F . 31.07 -0.58 10.05
C2 NAG F . 30.62 -2.02 9.72
C3 NAG F . 29.43 -2.40 10.58
C4 NAG F . 29.72 -2.20 12.05
C5 NAG F . 30.25 -0.78 12.28
C6 NAG F . 30.67 -0.54 13.71
C7 NAG F . 30.95 -2.88 7.42
C8 NAG F . 30.35 -2.91 6.05
N2 NAG F . 30.25 -2.18 8.34
O3 NAG F . 29.11 -3.75 10.29
O4 NAG F . 28.51 -2.42 12.74
O5 NAG F . 31.36 -0.53 11.44
O6 NAG F . 29.54 -0.64 14.56
O7 NAG F . 32.00 -3.47 7.68
H2 NAG F . 31.39 -2.57 9.90
H3 NAG F . 28.69 -1.81 10.34
H4 NAG F . 30.40 -2.83 12.32
H5 NAG F . 29.55 -0.15 12.06
H61 NAG F . 31.08 0.34 13.78
H62 NAG F . 31.36 -1.19 13.94
H81 NAG F . 29.88 -3.74 5.92
H82 NAG F . 31.06 -2.83 5.39
H83 NAG F . 29.73 -2.16 5.96
HN2 NAG F . 29.52 -1.80 8.08
HO3 NAG F . 28.33 -3.89 10.58
HO4 NAG F . 28.01 -1.72 12.67
HO6 NAG F . 29.78 -0.42 15.34
C1 NAG G . 45.54 2.37 7.11
C2 NAG G . 46.31 1.05 6.97
C3 NAG G . 45.68 -0.04 7.81
C4 NAG G . 45.46 0.42 9.25
C5 NAG G . 44.70 1.74 9.23
C6 NAG G . 44.43 2.31 10.60
C7 NAG G . 47.37 0.86 4.73
C8 NAG G . 47.14 0.37 3.33
N2 NAG G . 46.35 0.66 5.58
O3 NAG G . 46.53 -1.17 7.74
O4 NAG G . 44.71 -0.60 9.88
O5 NAG G . 45.43 2.70 8.48
O6 NAG G . 45.63 2.46 11.31
O7 NAG G . 48.42 1.41 5.04
H2 NAG G . 47.22 1.20 7.28
H3 NAG G . 44.81 -0.23 7.45
H4 NAG G . 46.31 0.54 9.69
H5 NAG G . 43.84 1.59 8.81
H61 NAG G . 43.80 1.73 11.06
H62 NAG G . 43.97 3.17 10.49
H81 NAG G . 47.95 -0.06 3.00
H82 NAG G . 46.90 1.11 2.76
H83 NAG G . 46.41 -0.29 3.34
HN2 NAG G . 45.64 0.27 5.28
HO3 NAG G . 46.19 -1.78 8.21
C1 NAG G . 45.10 -0.84 11.25
C2 NAG G . 44.09 -1.83 11.84
C3 NAG G . 44.47 -2.20 13.27
C4 NAG G . 45.91 -2.68 13.32
C5 NAG G . 46.83 -1.63 12.66
C6 NAG G . 48.28 -2.05 12.63
C7 NAG G . 42.36 -0.17 12.44
C8 NAG G . 40.91 0.19 12.25
N2 NAG G . 42.75 -1.29 11.80
O3 NAG G . 43.58 -3.20 13.70
O4 NAG G . 46.24 -2.88 14.67
O5 NAG G . 46.39 -1.38 11.33
O6 NAG G . 48.71 -2.34 13.93
O7 NAG G . 43.10 0.53 13.11
H2 NAG G . 44.13 -2.62 11.29
H3 NAG G . 44.40 -1.41 13.82
H4 NAG G . 45.97 -3.51 12.82
H5 NAG G . 46.76 -0.81 13.17
H61 NAG G . 48.79 -1.32 12.23
H62 NAG G . 48.37 -2.81 12.03
H81 NAG G . 40.45 0.17 13.10
H82 NAG G . 40.49 -0.44 11.65
H83 NAG G . 40.84 1.09 11.87
HN2 NAG G . 42.17 -1.73 11.34
HO3 NAG G . 43.75 -3.36 14.52
HO4 NAG G . 46.50 -2.14 15.01
HO6 NAG G . 49.56 -2.29 13.95
C1 NAG H . 38.64 40.67 -1.85
C2 NAG H . 40.05 41.18 -1.54
C3 NAG H . 40.46 42.17 -2.62
C4 NAG H . 40.28 41.61 -4.03
C5 NAG H . 38.87 41.02 -4.16
C6 NAG H . 38.59 40.36 -5.49
C7 NAG H . 40.63 41.36 0.92
C8 NAG H . 41.25 39.98 0.94
N2 NAG H . 40.10 41.82 -0.25
O3 NAG H . 41.79 42.53 -2.37
O4 NAG H . 40.50 42.71 -4.89
O5 NAG H . 38.64 40.07 -3.13
O6 NAG H . 39.63 39.46 -5.81
O7 NAG H . 40.60 42.02 1.95
H2 NAG H . 40.65 40.42 -1.53
H3 NAG H . 39.86 42.93 -2.57
H4 NAG H . 40.91 40.90 -4.20
H5 NAG H . 38.23 41.76 -4.07
H61 NAG H . 38.51 41.06 -6.17
H62 NAG H . 37.73 39.93 -5.44
H81 NAG H . 41.90 39.94 1.65
H82 NAG H . 41.69 39.82 0.08
H83 NAG H . 40.56 39.32 1.07
HN2 NAG H . 39.74 42.60 -0.22
HO3 NAG H . 42.25 41.82 -2.34
HO6 NAG H . 39.63 38.85 -5.21
C1 NAG H . 40.98 42.45 -6.24
C2 NAG H . 42.09 43.47 -6.46
C3 NAG H . 42.62 43.36 -7.90
C4 NAG H . 43.04 41.93 -8.18
C5 NAG H . 41.89 40.98 -7.83
C6 NAG H . 42.23 39.52 -8.08
C7 NAG H . 41.90 45.58 -5.12
C8 NAG H . 42.78 44.99 -4.05
N2 NAG H . 41.62 44.80 -6.20
O3 NAG H . 43.67 44.27 -8.05
O4 NAG H . 43.37 41.87 -9.55
O5 NAG H . 41.52 41.16 -6.47
O6 NAG H . 41.29 38.68 -7.46
O7 NAG H . 41.43 46.70 -4.99
H2 NAG H . 42.83 43.27 -5.85
H3 NAG H . 41.89 43.59 -8.50
H4 NAG H . 43.81 41.72 -7.62
H5 NAG H . 41.13 41.18 -8.38
H61 NAG H . 43.13 39.36 -7.74
H62 NAG H . 42.27 39.37 -9.04
H81 NAG H . 42.66 45.49 -3.22
H82 NAG H . 43.70 45.05 -4.34
H83 NAG H . 42.55 44.06 -3.91
HN2 NAG H . 41.11 45.14 -6.80
HO3 NAG H . 43.86 44.30 -8.87
HO4 NAG H . 43.99 41.30 -9.66
HO6 NAG H . 40.88 39.14 -6.86
C1 NAG I . 46.57 9.48 28.74
C2 NAG I . 45.14 9.16 28.28
C3 NAG I . 44.67 7.86 28.95
C4 NAG I . 45.67 6.74 28.68
C5 NAG I . 47.06 7.21 29.11
C6 NAG I . 48.17 6.19 28.90
C7 NAG I . 43.58 10.99 27.67
C8 NAG I . 42.69 12.06 28.22
N2 NAG I . 44.24 10.25 28.60
O3 NAG I . 43.40 7.55 28.47
O4 NAG I . 45.25 5.60 29.40
O5 NAG I . 47.39 8.39 28.40
O6 NAG I . 48.17 5.78 27.55
O7 NAG I . 43.70 10.81 26.46
H2 NAG I . 45.14 9.04 27.32
H3 NAG I . 44.65 8.02 29.91
H4 NAG I . 45.67 6.57 27.73
H5 NAG I . 47.05 7.37 30.07
H61 NAG I . 48.02 5.44 29.49
H62 NAG I . 49.01 6.59 29.15
H81 NAG I . 43.06 12.93 27.99
H82 NAG I . 42.64 11.97 29.19
H83 NAG I . 41.81 11.98 27.84
HN2 NAG I . 44.12 10.43 29.43
HO3 NAG I . 43.10 6.88 28.90
HO6 NAG I . 48.73 5.14 27.46
C1 NAG I . 45.08 4.51 28.49
C2 NAG I . 45.44 3.20 29.21
C3 NAG I . 45.23 2.02 28.28
C4 NAG I . 43.81 2.03 27.72
C5 NAG I . 43.53 3.40 27.09
C6 NAG I . 42.12 3.55 26.55
C7 NAG I . 47.15 3.10 30.99
C8 NAG I . 48.63 3.14 31.26
N2 NAG I . 46.80 3.22 29.70
O3 NAG I . 45.50 0.85 28.98
O4 NAG I . 43.73 0.99 26.78
O5 NAG I . 43.75 4.41 28.04
O6 NAG I . 41.22 3.69 27.63
O7 NAG I . 46.34 2.97 31.91
H2 NAG I . 44.86 3.12 29.98
H3 NAG I . 45.84 2.12 27.53
H4 NAG I . 43.20 1.90 28.46
H5 NAG I . 44.13 3.51 26.33
H61 NAG I . 41.92 2.79 25.99
H62 NAG I . 42.10 4.33 25.98
H81 NAG I . 48.88 4.04 31.53
H82 NAG I . 49.10 2.89 30.45
H83 NAG I . 48.85 2.52 31.96
HN2 NAG I . 47.42 3.31 29.12
HO3 NAG I . 45.47 0.19 28.44
HO4 NAG I . 42.92 0.71 26.74
HO6 NAG I . 41.36 4.43 28.00
C1 NAG J . -29.38 -18.81 -15.92
C2 NAG J . -28.88 -19.92 -16.85
C3 NAG J . -27.80 -19.37 -17.77
C4 NAG J . -28.28 -18.11 -18.49
C5 NAG J . -28.86 -17.12 -17.49
C6 NAG J . -29.45 -15.88 -18.13
C7 NAG J . -28.96 -22.20 -15.88
C8 NAG J . -28.16 -23.21 -15.10
N2 NAG J . -28.33 -21.03 -16.12
O3 NAG J . -27.43 -20.38 -18.67
O4 NAG J . -27.15 -17.58 -19.14
O5 NAG J . -29.87 -17.74 -16.71
O6 NAG J . -30.41 -16.25 -19.09
O7 NAG J . -30.09 -22.44 -16.28
H2 NAG J . -29.65 -20.24 -17.34
H3 NAG J . -27.06 -19.09 -17.21
H4 NAG J . -28.98 -18.37 -19.12
H5 NAG J . -28.14 -16.82 -16.91
H61 NAG J . -28.73 -15.36 -18.52
H62 NAG J . -29.83 -15.31 -17.43
H81 NAG J . -28.64 -23.44 -14.29
H82 NAG J . -27.30 -22.83 -14.87
H83 NAG J . -28.04 -24.01 -15.64
HN2 NAG J . -27.54 -20.94 -15.80
HO3 NAG J . -26.75 -20.11 -19.10
HO6 NAG J . -30.56 -15.58 -19.59
C1 NAG J . -27.40 -17.33 -20.54
C2 NAG J . -26.21 -16.48 -21.00
C3 NAG J . -26.24 -16.26 -22.52
C4 NAG J . -26.39 -17.60 -23.23
C5 NAG J . -27.63 -18.32 -22.68
C6 NAG J . -27.88 -19.66 -23.35
C7 NAG J . -25.44 -14.85 -19.25
C8 NAG J . -24.49 -15.88 -18.70
N2 NAG J . -26.20 -15.21 -20.31
O3 NAG J . -25.07 -15.59 -22.87
O4 NAG J . -26.50 -17.32 -24.61
O5 NAG J . -27.48 -18.51 -21.29
O6 NAG J . -29.05 -20.24 -22.83
O7 NAG J . -25.53 -13.75 -18.74
H2 NAG J . -25.40 -16.96 -20.79
H3 NAG J . -27.03 -15.72 -22.72
H4 NAG J . -25.60 -18.13 -23.05
H5 NAG J . -28.41 -17.77 -22.86
H61 NAG J . -27.10 -20.22 -23.21
H62 NAG J . -27.94 -19.51 -24.31
H81 NAG J . -23.89 -15.44 -18.06
H82 NAG J . -23.97 -16.26 -19.41
H83 NAG J . -24.98 -16.57 -18.24
HN2 NAG J . -26.76 -14.63 -20.61
HO3 NAG J . -25.07 -15.52 -23.72
HO4 NAG J . -26.20 -17.97 -25.05
HO6 NAG J . -28.94 -20.35 -21.99
C1 NAG K . -26.99 -13.16 1.51
C2 NAG K . -26.33 -13.46 2.87
C3 NAG K . -25.23 -14.50 2.65
C4 NAG K . -25.76 -15.74 1.94
C5 NAG K . -26.58 -15.35 0.72
C6 NAG K . -27.32 -16.53 0.09
C7 NAG K . -26.29 -11.71 4.61
C8 NAG K . -25.56 -10.48 5.08
N2 NAG K . -25.79 -12.27 3.49
O3 NAG K . -24.68 -14.82 3.90
O4 NAG K . -24.63 -16.48 1.54
O5 NAG K . -27.55 -14.37 1.04
O6 NAG K . -27.17 -16.52 -1.30
O7 NAG K . -27.25 -12.15 5.21
H2 NAG K . -27.02 -13.81 3.47
H3 NAG K . -24.57 -14.10 2.07
H4 NAG K . -26.33 -16.21 2.57
H5 NAG K . -25.98 -14.98 0.06
H61 NAG K . -28.25 -16.47 0.36
H62 NAG K . -26.96 -17.34 0.49
H81 NAG K . -26.10 -9.69 4.87
H82 NAG K . -24.70 -10.42 4.63
H83 NAG K . -25.42 -10.54 6.04
HN2 NAG K . -25.11 -11.91 3.10
HO3 NAG K . -24.12 -15.45 3.79
HO6 NAG K . -27.46 -15.78 -1.60
C1 NAG K . -24.48 -17.72 2.25
C2 NAG K . -23.69 -18.64 1.34
C3 NAG K . -23.43 -19.99 2.01
C4 NAG K . -22.87 -19.82 3.42
C5 NAG K . -23.63 -18.75 4.21
C6 NAG K . -22.95 -18.38 5.50
C7 NAG K . -24.00 -18.20 -1.06
C8 NAG K . -24.83 -18.49 -2.27
N2 NAG K . -24.38 -18.81 0.08
O3 NAG K . -22.54 -20.71 1.20
O4 NAG K . -22.99 -21.08 4.05
O5 NAG K . -23.77 -17.57 3.45
O6 NAG K . -23.83 -17.66 6.33
O7 NAG K . -23.03 -17.44 -1.13
H2 NAG K . -22.82 -18.24 1.16
H3 NAG K . -24.29 -20.44 2.10
H4 NAG K . -21.96 -19.52 3.32
H5 NAG K . -24.51 -19.11 4.41
H61 NAG K . -22.15 -17.86 5.30
H62 NAG K . -22.65 -19.20 5.93
H81 NAG K . -25.25 -17.67 -2.57
H82 NAG K . -25.52 -19.14 -2.05
H83 NAG K . -24.27 -18.84 -2.97
HN2 NAG K . -25.06 -19.32 0.07
HO3 NAG K . -22.43 -21.47 1.54
HO6 NAG K . -23.40 -17.36 7.00
C1 BMA K . -21.74 -21.37 4.71
C2 BMA K . -21.90 -22.67 5.51
C3 BMA K . -20.54 -23.12 6.10
C4 BMA K . -19.33 -22.99 5.17
C5 BMA K . -19.40 -21.87 4.14
C6 BMA K . -18.59 -22.06 2.87
O2 BMA K . -22.48 -23.62 4.66
O3 BMA K . -20.73 -24.42 6.58
O4 BMA K . -18.24 -22.74 6.04
O5 BMA K . -20.71 -21.52 3.74
O6 BMA K . -18.58 -20.76 2.31
H2 BMA K . -22.48 -22.46 6.26
H3 BMA K . -20.36 -22.49 6.81
H4 BMA K . -19.24 -23.82 4.67
H5 BMA K . -19.00 -21.11 4.61
H61 BMA K . -19.01 -22.70 2.27
H62 BMA K . -17.70 -22.38 3.05
HO2 BMA K . -23.29 -23.41 4.55
HO4 BMA K . -17.52 -22.81 5.60
C1 MAN K . -20.81 -24.34 8.02
C2 MAN K . -20.37 -25.67 8.62
C3 MAN K . -21.30 -26.76 8.14
C4 MAN K . -22.73 -26.42 8.56
C5 MAN K . -23.10 -25.03 8.01
C6 MAN K . -24.44 -24.57 8.52
O2 MAN K . -20.46 -25.53 10.01
O3 MAN K . -20.87 -27.99 8.70
O4 MAN K . -23.58 -27.43 8.05
O5 MAN K . -22.13 -24.07 8.41
O6 MAN K . -24.29 -23.28 9.07
H2 MAN K . -19.46 -25.84 8.34
H3 MAN K . -21.27 -26.82 7.17
H4 MAN K . -22.77 -26.40 9.53
H5 MAN K . -23.13 -25.10 7.03
H61 MAN K . -24.77 -25.20 9.16
H62 MAN K . -25.07 -24.57 7.78
HO3 MAN K . -21.26 -28.62 8.29
HO4 MAN K . -24.38 -27.25 8.27
HO6 MAN K . -23.63 -22.91 8.70
C1 MAN K . -19.27 -24.97 10.58
C2 MAN K . -18.79 -25.93 11.66
C3 MAN K . -19.88 -26.04 12.72
C4 MAN K . -20.24 -24.66 13.25
C5 MAN K . -20.62 -23.74 12.07
C6 MAN K . -20.89 -22.32 12.53
O2 MAN K . -17.60 -25.45 12.25
O3 MAN K . -19.41 -26.89 13.73
O4 MAN K . -21.31 -24.82 14.16
O5 MAN K . -19.55 -23.72 11.14
O6 MAN K . -21.70 -21.69 11.56
H2 MAN K . -18.61 -26.77 11.21
H3 MAN K . -20.67 -26.42 12.30
H4 MAN K . -19.46 -24.28 13.70
H5 MAN K . -21.43 -24.08 11.66
H61 MAN K . -20.04 -21.86 12.63
H62 MAN K . -21.31 -22.35 13.39
HO3 MAN K . -18.56 -26.95 13.65
HO4 MAN K . -21.35 -24.14 14.67
HO6 MAN K . -21.39 -21.87 10.79
C1 MAN K . -16.46 -25.46 11.37
C2 MAN K . -16.00 -26.90 11.10
C3 MAN K . -15.59 -27.56 12.42
C4 MAN K . -14.54 -26.71 13.13
C5 MAN K . -15.03 -25.26 13.25
C6 MAN K . -13.96 -24.35 13.81
O2 MAN K . -14.91 -26.81 10.21
O3 MAN K . -15.11 -28.85 12.11
O4 MAN K . -14.33 -27.30 14.40
O5 MAN K . -15.40 -24.77 11.97
O6 MAN K . -14.18 -23.04 13.35
H2 MAN K . -16.73 -27.39 10.72
H3 MAN K . -16.37 -27.61 12.99
H4 MAN K . -13.72 -26.72 12.61
H5 MAN K . -15.79 -25.24 13.86
H61 MAN K . -13.09 -24.69 13.53
H62 MAN K . -13.99 -24.41 14.78
HO2 MAN K . -14.36 -27.43 10.41
HO3 MAN K . -14.40 -28.98 12.58
HO4 MAN K . -13.78 -26.84 14.84
HO6 MAN K . -15.01 -22.87 13.43
C1 MAN K . -17.65 -20.63 1.23
C2 MAN K . -17.61 -19.16 0.84
C3 MAN K . -19.04 -18.71 0.56
C4 MAN K . -19.68 -19.63 -0.50
C5 MAN K . -19.44 -21.12 -0.21
C6 MAN K . -19.76 -21.98 -1.41
O2 MAN K . -16.79 -19.05 -0.30
O3 MAN K . -19.02 -17.36 0.15
O4 MAN K . -21.07 -19.33 -0.50
O5 MAN K . -18.08 -21.37 0.13
O6 MAN K . -18.86 -21.70 -2.46
H2 MAN K . -17.24 -18.64 1.56
H3 MAN K . -19.55 -18.81 1.37
H4 MAN K . -19.25 -19.41 -1.34
H5 MAN K . -20.02 -21.36 0.53
H61 MAN K . -20.68 -21.83 -1.67
H62 MAN K . -19.69 -22.91 -1.13
HO2 MAN K . -17.01 -18.34 -0.71
HO4 MAN K . -21.48 -19.91 -0.01
C1 MAN K . -19.16 -16.48 1.30
C2 MAN K . -19.93 -15.23 0.88
C3 MAN K . -19.16 -14.50 -0.22
C4 MAN K . -17.75 -14.18 0.26
C5 MAN K . -17.07 -15.44 0.81
C6 MAN K . -15.76 -15.12 1.50
O2 MAN K . -20.06 -14.40 2.01
O3 MAN K . -19.88 -13.34 -0.55
O4 MAN K . -17.06 -13.67 -0.87
O5 MAN K . -17.90 -16.08 1.77
O6 MAN K . -16.01 -14.91 2.87
H2 MAN K . -20.80 -15.52 0.57
H3 MAN K . -19.10 -15.10 -0.98
H4 MAN K . -17.79 -13.52 0.97
H5 MAN K . -16.90 -16.04 0.06
H61 MAN K . -15.38 -14.33 1.08
H62 MAN K . -15.15 -15.85 1.34
HO3 MAN K . -20.36 -13.12 0.12
HO4 MAN K . -16.63 -14.30 -1.24
HO6 MAN K . -16.30 -15.64 3.20
C1 MAN K . -20.87 -15.04 3.03
C2 MAN K . -21.62 -13.95 3.78
C3 MAN K . -20.62 -13.00 4.43
C4 MAN K . -19.62 -13.77 5.29
C5 MAN K . -19.02 -14.94 4.53
C6 MAN K . -18.22 -15.87 5.43
O2 MAN K . -22.42 -14.59 4.74
O3 MAN K . -21.34 -12.07 5.20
O4 MAN K . -18.62 -12.83 5.68
O5 MAN K . -20.04 -15.73 3.92
O6 MAN K . -17.11 -16.34 4.73
H2 MAN K . -22.17 -13.46 3.16
H3 MAN K . -20.13 -12.57 3.72
H4 MAN K . -20.08 -14.12 6.07
H5 MAN K . -18.43 -14.59 3.84
H61 MAN K . -18.80 -16.59 5.72
H62 MAN K . -17.98 -15.37 6.22
HO2 MAN K . -23.07 -14.08 4.93
HO3 MAN K . -21.98 -12.47 5.59
HO4 MAN K . -18.56 -12.82 6.54
HO6 MAN K . -17.35 -16.96 4.22
C1 MAN K . -19.30 -22.47 -3.61
C2 MAN K . -18.28 -22.30 -4.74
C3 MAN K . -18.28 -20.86 -5.27
C4 MAN K . -19.70 -20.50 -5.70
C5 MAN K . -20.62 -20.67 -4.50
C6 MAN K . -22.07 -20.39 -4.83
O2 MAN K . -18.67 -23.19 -5.76
O3 MAN K . -17.36 -20.78 -6.32
O4 MAN K . -19.67 -19.18 -6.17
O5 MAN K . -20.56 -22.01 -4.02
O6 MAN K . -22.87 -21.38 -4.23
H2 MAN K . -17.41 -22.51 -4.38
H3 MAN K . -18.03 -20.27 -4.55
H4 MAN K . -19.98 -21.10 -6.41
H5 MAN K . -20.34 -20.04 -3.81
H61 MAN K . -22.16 -20.39 -5.81
H62 MAN K . -22.29 -19.51 -4.53
HO3 MAN K . -16.76 -21.36 -6.17
HO4 MAN K . -20.33 -19.05 -6.69
HO6 MAN K . -22.42 -22.10 -4.21
C1 MAN K . -17.77 -24.31 -5.79
C2 MAN K . -17.78 -24.86 -7.21
C3 MAN K . -19.18 -25.40 -7.53
C4 MAN K . -19.60 -26.42 -6.48
C5 MAN K . -19.50 -25.79 -5.09
C6 MAN K . -19.79 -26.77 -3.98
O2 MAN K . -16.80 -25.87 -7.27
O3 MAN K . -19.13 -25.96 -8.83
O4 MAN K . -20.92 -26.82 -6.78
O5 MAN K . -18.18 -25.30 -4.88
O6 MAN K . -18.83 -27.80 -4.00
H2 MAN K . -17.57 -24.15 -7.83
H3 MAN K . -19.80 -24.67 -7.51
H4 MAN K . -19.00 -27.19 -6.52
H5 MAN K . -20.15 -25.06 -5.03
H61 MAN K . -20.69 -27.12 -4.11
H62 MAN K . -19.80 -26.29 -3.14
HO2 MAN K . -17.06 -26.45 -7.83
HO3 MAN K . -19.72 -26.58 -8.87
HO4 MAN K . -21.06 -27.60 -6.47
HO6 MAN K . -18.07 -27.44 -3.99
C1 NAG L . -3.57 -6.22 -7.98
C2 NAG L . -2.65 -5.81 -9.13
C3 NAG L . -2.99 -6.66 -10.36
C4 NAG L . -2.93 -8.14 -10.03
C5 NAG L . -3.74 -8.44 -8.76
C6 NAG L . -3.55 -9.86 -8.26
C7 NAG L . -1.69 -3.56 -9.33
C8 NAG L . -1.98 -2.13 -9.70
N2 NAG L . -2.73 -4.41 -9.42
O3 NAG L . -2.09 -6.32 -11.38
O4 NAG L . -3.45 -8.84 -11.13
O5 NAG L . -3.37 -7.58 -7.71
O6 NAG L . -2.19 -10.11 -8.01
O7 NAG L . -0.56 -3.90 -8.98
H2 NAG L . -1.74 -6.00 -8.85
H3 NAG L . -3.90 -6.45 -10.62
H4 NAG L . -1.99 -8.36 -9.86
H5 NAG L . -4.67 -8.31 -8.98
H61 NAG L . -3.91 -10.47 -8.93
H62 NAG L . -4.09 -9.98 -7.47
H81 NAG L . -2.09 -1.61 -8.89
H82 NAG L . -2.80 -2.10 -10.21
H83 NAG L . -1.25 -1.78 -10.22
HN2 NAG L . -3.49 -4.11 -9.68
HO3 NAG L . -2.29 -6.77 -12.07
HO6 NAG L . -2.10 -10.91 -7.77
C1 NAG L . -2.44 -9.70 -11.67
C2 NAG L . -3.13 -10.73 -12.58
C3 NAG L . -2.08 -11.63 -13.22
C4 NAG L . -1.02 -10.79 -13.93
C5 NAG L . -0.46 -9.76 -12.95
C6 NAG L . 0.57 -8.81 -13.56
C7 NAG L . -5.43 -11.34 -11.93
C8 NAG L . -6.23 -12.28 -11.08
N2 NAG L . -4.10 -11.50 -11.86
O3 NAG L . -2.76 -12.50 -14.10
O4 NAG L . -0.03 -11.68 -14.39
O5 NAG L . -1.50 -8.97 -12.42
O6 NAG L . 1.69 -9.54 -14.00
O7 NAG L . -5.97 -10.50 -12.64
H2 NAG L . -3.60 -10.24 -13.27
H3 NAG L . -1.63 -12.13 -12.52
H4 NAG L . -1.45 -10.33 -14.67
H5 NAG L . 0.00 -10.25 -12.24
H61 NAG L . 0.80 -8.15 -12.89
H62 NAG L . 0.14 -8.34 -14.28
H81 NAG L . -6.68 -11.77 -10.37
H82 NAG L . -5.65 -12.95 -10.69
H83 NAG L . -6.90 -12.71 -11.63
HN2 NAG L . -3.80 -12.13 -11.34
HO3 NAG L . -2.20 -13.09 -14.35
HO6 NAG L . 1.46 -10.01 -14.66
C1 BMA L . -0.33 -12.09 -15.75
C2 BMA L . 0.92 -11.81 -16.57
C3 BMA L . 0.69 -12.23 -18.04
C4 BMA L . -0.17 -13.49 -18.24
C5 BMA L . -0.62 -14.23 -16.97
C6 BMA L . 0.16 -15.52 -16.69
O2 BMA L . 2.01 -12.46 -15.98
O3 BMA L . 1.97 -12.35 -18.61
O4 BMA L . -1.32 -13.05 -18.97
O5 BMA L . -0.67 -13.46 -15.78
O6 BMA L . -0.61 -16.30 -15.81
H2 BMA L . 1.05 -10.84 -16.57
H3 BMA L . 0.17 -11.52 -18.45
H4 BMA L . 0.37 -14.12 -18.73
H5 BMA L . -1.54 -14.48 -17.16
H61 BMA L . 1.02 -15.30 -16.30
H62 BMA L . 0.34 -15.99 -17.52
HO2 BMA L . 2.36 -11.91 -15.43
HO3 BMA L . 1.93 -12.18 -19.43
HO4 BMA L . -1.52 -13.65 -19.53
HO6 BMA L . -0.88 -15.81 -15.18
C1 NAG M . 11.09 -32.75 -3.56
C2 NAG M . 11.18 -32.63 -5.09
C3 NAG M . 12.41 -31.82 -5.47
C4 NAG M . 12.45 -30.47 -4.75
C5 NAG M . 12.25 -30.70 -3.25
C6 NAG M . 12.16 -29.41 -2.44
C7 NAG M . 10.28 -34.52 -6.43
C8 NAG M . 10.67 -35.86 -6.98
N2 NAG M . 11.26 -33.92 -5.71
O3 NAG M . 12.40 -31.67 -6.87
O4 NAG M . 13.71 -29.90 -5.05
O5 NAG M . 11.08 -31.45 -3.01
O6 NAG M . 13.37 -28.71 -2.53
O7 NAG M . 9.18 -34.03 -6.65
H2 NAG M . 10.37 -32.18 -5.38
H3 NAG M . 13.20 -32.31 -5.16
H4 NAG M . 11.72 -29.92 -5.08
H5 NAG M . 13.02 -31.19 -2.93
H61 NAG M . 11.94 -29.64 -1.53
H62 NAG M . 11.41 -28.90 -2.78
H81 NAG M . 9.89 -36.43 -7.02
H82 NAG M . 11.34 -36.26 -6.40
H83 NAG M . 11.04 -35.75 -7.87
HN2 NAG M . 11.99 -34.34 -5.62
HO3 NAG M . 13.06 -31.17 -7.08
HO6 NAG M . 13.48 -28.47 -3.35
C1 NAG M . 13.59 -28.76 -5.93
C2 NAG M . 14.98 -28.39 -6.46
C3 NAG M . 14.89 -27.25 -7.46
C4 NAG M . 13.84 -27.52 -8.52
C5 NAG M . 12.52 -27.91 -7.86
C6 NAG M . 11.43 -28.24 -8.85
C7 NAG M . 16.81 -28.85 -4.87
C8 NAG M . 17.66 -28.24 -3.78
N2 NAG M . 15.89 -28.02 -5.40
O3 NAG M . 16.17 -27.07 -8.03
O4 NAG M . 13.71 -26.34 -9.29
O5 NAG M . 12.74 -29.03 -7.01
O6 NAG M . 11.24 -27.16 -9.73
O7 NAG M . 16.97 -30.00 -5.23
H2 NAG M . 15.32 -29.18 -6.89
H3 NAG M . 14.61 -26.45 -6.97
H4 NAG M . 14.16 -28.26 -9.07
H5 NAG M . 12.21 -27.16 -7.33
H61 NAG M . 10.62 -28.45 -8.35
H62 NAG M . 11.68 -29.05 -9.32
H81 NAG M . 17.61 -28.81 -2.99
H82 NAG M . 17.32 -27.36 -3.55
H83 NAG M . 18.57 -28.17 -4.07
HN2 NAG M . 15.82 -27.22 -5.09
HO3 NAG M . 16.16 -26.32 -8.44
HO4 NAG M . 13.46 -26.55 -10.07
HO6 NAG M . 10.59 -27.34 -10.25
C1 NAG N . 16.59 -43.18 -0.83
C2 NAG N . 18.08 -43.41 -0.56
C3 NAG N . 18.92 -42.35 -1.26
C4 NAG N . 18.55 -42.29 -2.74
C5 NAG N . 17.04 -42.12 -2.89
C6 NAG N . 16.57 -42.10 -4.34
C7 NAG N . 18.47 -44.58 1.56
C8 NAG N . 18.74 -44.43 3.04
N2 NAG N . 18.33 -43.44 0.86
O3 NAG N . 20.27 -42.67 -1.08
O4 NAG N . 19.26 -41.21 -3.31
O5 NAG N . 16.37 -43.16 -2.23
O6 NAG N . 17.13 -43.18 -5.03
O7 NAG N . 18.42 -45.69 1.06
H2 NAG N . 18.33 -44.28 -0.93
H3 NAG N . 18.72 -41.49 -0.87
H4 NAG N . 18.81 -43.13 -3.14
H5 NAG N . 16.80 -41.26 -2.50
H61 NAG N . 16.83 -41.24 -4.72
H62 NAG N . 15.61 -42.12 -4.35
H81 NAG N . 17.92 -44.62 3.52
H82 NAG N . 19.01 -43.51 3.22
H83 NAG N . 19.44 -45.04 3.31
HN2 NAG N . 18.39 -42.70 1.27
HO3 NAG N . 20.74 -42.05 -1.41
C1 NAG N . 19.93 -41.71 -4.48
C2 NAG N . 20.36 -40.54 -5.39
C3 NAG N . 21.12 -41.09 -6.59
C4 NAG N . 22.25 -42.03 -6.17
C5 NAG N . 21.71 -43.07 -5.18
C6 NAG N . 22.78 -44.01 -4.63
C7 NAG N . 18.28 -40.08 -6.68
C8 NAG N . 17.22 -39.04 -6.90
N2 NAG N . 19.23 -39.75 -5.78
O3 NAG N . 21.60 -40.00 -7.32
O4 NAG N . 22.71 -42.63 -7.36
O5 NAG N . 21.09 -42.43 -4.10
O6 NAG N . 23.32 -44.79 -5.67
O7 NAG N . 18.26 -41.15 -7.30
H2 NAG N . 20.95 -39.96 -4.87
H3 NAG N . 20.49 -41.62 -7.10
H4 NAG N . 22.93 -41.51 -5.72
H5 NAG N . 21.08 -43.63 -5.66
H61 NAG N . 22.37 -44.55 -3.94
H62 NAG N . 23.45 -43.47 -4.20
H81 NAG N . 17.28 -38.69 -7.79
H82 NAG N . 17.34 -38.33 -6.26
H83 NAG N . 16.34 -39.45 -6.77
HN2 NAG N . 19.15 -38.98 -5.40
HO3 NAG N . 21.99 -40.30 -8.01
HO4 NAG N . 23.55 -42.80 -7.27
HO6 NAG N . 23.92 -45.29 -5.34
C1 NAG O . -22.07 -50.82 4.37
C2 NAG O . -22.15 -52.33 4.14
C3 NAG O . -23.04 -52.93 5.22
C4 NAG O . -22.54 -52.54 6.60
C5 NAG O . -22.41 -51.01 6.67
C6 NAG O . -21.91 -50.47 7.99
C7 NAG O . -21.96 -53.08 1.76
C8 NAG O . -20.49 -53.34 1.95
N2 NAG O . -22.65 -52.63 2.82
O3 NAG O . -23.04 -54.32 5.03
O4 NAG O . -23.51 -53.04 7.51
O5 NAG O . -21.54 -50.56 5.65
O6 NAG O . -21.51 -49.13 7.86
O7 NAG O . -22.48 -53.30 0.67
H2 NAG O . -21.26 -52.71 4.21
H3 NAG O . -23.94 -52.56 5.13
H4 NAG O . -21.67 -52.92 6.77
H5 NAG O . -23.30 -50.63 6.54
H61 NAG O . -21.17 -51.03 8.29
H62 NAG O . -22.62 -50.58 8.65
H81 NAG O . -20.14 -53.79 1.16
H82 NAG O . -20.36 -53.91 2.73
H83 NAG O . -20.03 -52.50 2.08
HN2 NAG O . -23.50 -52.50 2.71
HO3 NAG O . -22.24 -54.59 5.08
HO6 NAG O . -20.82 -49.10 7.37
C1 NAG O . -22.96 -53.57 8.74
C2 NAG O . -23.04 -55.11 8.68
C3 NAG O . -22.49 -55.69 9.98
C4 NAG O . -21.09 -55.15 10.25
C5 NAG O . -21.13 -53.62 10.21
C6 NAG O . -19.79 -52.96 10.46
C7 NAG O . -24.95 -56.24 7.44
C8 NAG O . -24.09 -56.67 6.28
N2 NAG O . -24.40 -55.55 8.48
O3 NAG O . -22.51 -57.08 9.89
O4 NAG O . -20.69 -55.64 11.51
O5 NAG O . -21.61 -53.21 8.95
O6 NAG O . -19.95 -51.56 10.51
O7 NAG O . -26.13 -56.52 7.43
H2 NAG O . -22.51 -55.42 7.93
H3 NAG O . -23.07 -55.38 10.71
H4 NAG O . -20.50 -55.48 9.55
H5 NAG O . -21.70 -53.31 10.92
H61 NAG O . -19.17 -53.23 9.76
H62 NAG O . -19.42 -53.30 11.30
H81 NAG O . -24.26 -57.61 6.09
H82 NAG O . -23.15 -56.54 6.49
H83 NAG O . -24.32 -56.15 5.49
HN2 NAG O . -24.94 -55.34 9.11
HO3 NAG O . -22.32 -57.39 10.66
HO4 NAG O . -19.84 -55.61 11.56
HO6 NAG O . -19.17 -51.20 10.60
C1 NAG P . 12.84 -49.06 -22.95
C2 NAG P . 12.60 -47.57 -22.65
C3 NAG P . 13.69 -46.72 -23.31
C4 NAG P . 15.07 -47.21 -22.93
C5 NAG P . 15.17 -48.71 -23.22
C6 NAG P . 16.50 -49.33 -22.83
C7 NAG P . 10.27 -46.82 -22.28
C8 NAG P . 9.01 -46.39 -22.97
N2 NAG P . 11.29 -47.15 -23.09
O3 NAG P . 13.47 -45.39 -22.92
O4 NAG P . 16.01 -46.48 -23.70
O5 NAG P . 14.14 -49.39 -22.54
O6 NAG P . 16.73 -49.11 -21.45
O7 NAG P . 10.35 -46.84 -21.06
H2 NAG P . 12.64 -47.46 -21.69
H3 NAG P . 13.59 -46.83 -24.27
H4 NAG P . 15.19 -47.06 -21.98
H5 NAG P . 15.08 -48.83 -24.17
H61 NAG P . 17.19 -48.94 -23.38
H62 NAG P . 16.47 -50.28 -23.04
H81 NAG P . 8.30 -47.03 -22.75
H82 NAG P . 9.15 -46.38 -23.93
H83 NAG P . 8.75 -45.51 -22.67
HN2 NAG P . 11.17 -47.11 -23.94
HO3 NAG P . 14.04 -44.90 -23.33
HO6 NAG P . 17.54 -49.31 -21.29
C1 NAG P . 16.56 -45.39 -22.93
C2 NAG P . 17.92 -45.04 -23.53
C3 NAG P . 18.52 -43.85 -22.79
C4 NAG P . 17.54 -42.68 -22.85
C5 NAG P . 16.19 -43.12 -22.28
C6 NAG P . 15.11 -42.06 -22.35
C7 NAG P . 18.96 -47.04 -24.51
C8 NAG P . 19.94 -48.16 -24.27
N2 NAG P . 18.81 -46.17 -23.49
O3 NAG P . 19.75 -43.53 -23.38
O4 NAG P . 18.10 -41.62 -22.10
O5 NAG P . 15.72 -44.25 -22.99
O6 NAG P . 14.64 -41.95 -23.68
O7 NAG P . 18.36 -46.94 -25.58
H2 NAG P . 17.79 -44.80 -24.46
H3 NAG P . 18.65 -44.09 -21.86
H4 NAG P . 17.42 -42.43 -23.78
H5 NAG P . 16.32 -43.34 -21.35
H61 NAG P . 15.49 -41.22 -22.03
H62 NAG P . 14.40 -42.29 -21.74
H81 NAG P . 19.46 -48.99 -24.17
H82 NAG P . 20.45 -47.97 -23.46
H83 NAG P . 20.55 -48.22 -25.02
HN2 NAG P . 19.25 -46.30 -22.77
HO3 NAG P . 20.11 -42.91 -22.93
HO4 NAG P . 17.84 -40.88 -22.43
HO6 NAG P . 14.23 -42.66 -23.88
C01 A1JMI Q . 28.75 25.71 8.54
C02 A1JMI Q . 27.53 24.77 8.53
C03 A1JMI Q . 26.94 24.62 10.00
C04 A1JMI Q . 25.65 23.76 10.11
C05 A1JMI Q . 25.73 22.98 11.46
C06 A1JMI Q . 26.94 23.59 12.25
C07 A1JMI Q . 27.93 23.94 11.07
C08 A1JMI Q . 29.11 24.71 11.69
C09 A1JMI Q . 29.80 23.95 12.85
C10 A1JMI Q . 28.90 23.52 14.00
C11 A1JMI Q . 27.67 22.81 13.42
C12 A1JMI Q . 26.72 22.53 14.56
C13 A1JMI Q . 27.32 21.62 15.66
C14 A1JMI Q . 28.70 22.03 16.20
C15 A1JMI Q . 29.65 22.61 15.11
C16 A1JMI Q . 30.87 23.30 15.80
C17 A1JMI Q . 30.49 24.29 16.85
C18 A1JMI Q . 29.63 23.56 17.86
C19 A1JMI Q . 28.38 23.03 17.27
C22 A1JMI Q . 30.20 21.29 14.59
C23 A1JMI Q . 28.55 22.68 10.47
C24 A1JMI Q . 26.38 25.10 7.49
C25 A1JMI Q . 26.90 25.43 6.02
C26 A1JMI Q . 27.18 24.19 5.09
C27 A1JMI Q . 25.90 23.69 4.44
C28 A1JMI Q . 28.27 24.60 4.04
C29 A1JMI Q . 28.75 23.44 3.17
C30 A1JMI Q . 27.88 25.80 3.15
O20 A1JMI Q . 29.25 24.49 18.76
O21 A1JMI Q . 29.77 25.30 16.20
O31 A1JMI Q . 25.91 26.25 5.48
O32 A1JMI Q . 25.62 26.15 7.99
H011 A1JMI Q . 29.64 25.30 9.02
H012 A1JMI Q . 28.57 26.67 9.04
H013 A1JMI Q . 29.10 26.00 7.53
H021 A1JMI Q . 27.89 23.77 8.21
H031 A1JMI Q . 26.76 25.72 10.18
H041 A1JMI Q . 25.48 23.06 9.24
H042 A1JMI Q . 24.70 24.34 10.02
H052 A1JMI Q . 24.76 23.03 12.02
H051 A1JMI Q . 25.82 21.88 11.29
H061 A1JMI Q . 26.54 24.53 12.69
H082 A1JMI Q . 28.76 25.70 12.03
H081 A1JMI Q . 29.83 24.97 10.89
H092 A1JMI Q . 30.34 23.04 12.48
H091 A1JMI Q . 30.65 24.53 13.27
H101 A1JMI Q . 28.49 24.46 14.50
H111 A1JMI Q . 28.03 21.81 13.11
H121 A1JMI Q . 25.82 22.06 14.17
H122 A1JMI Q . 26.43 23.47 15.02
H131 A1JMI Q . 27.56 20.59 15.37
H132 A1JMI Q . 26.78 21.57 16.60
H141 A1JMI Q . 29.12 21.21 16.87
H161 A1JMI Q . 31.54 22.64 16.41
H162 A1JMI Q . 31.50 23.97 15.16
H171 A1JMI Q . 31.46 24.52 17.36
H181 A1JMI Q . 30.26 22.64 18.18
H192 A1JMI Q . 27.74 22.33 17.89
H191 A1JMI Q . 27.75 23.71 16.62
H221 A1JMI Q . 30.67 20.77 15.43
H223 A1JMI Q . 29.37 20.71 14.19
H222 A1JMI Q . 30.93 21.52 13.81
H231 A1JMI Q . 28.94 22.00 11.22
H232 A1JMI Q . 29.39 22.93 9.81
H233 A1JMI Q . 27.83 22.12 9.86
H241 A1JMI Q . 25.79 24.15 7.41
H251 A1JMI Q . 27.88 25.95 6.15
H261 A1JMI Q . 27.54 23.34 5.71
H271 A1JMI Q . 25.60 24.28 3.57
H272 A1JMI Q . 25.04 23.71 5.11
H273 A1JMI Q . 25.98 22.65 4.09
H281 A1JMI Q . 29.17 24.89 4.64
H293 A1JMI Q . 29.17 22.62 3.78
H291 A1JMI Q . 29.53 23.75 2.46
H292 A1JMI Q . 27.93 23.00 2.58
H302 A1JMI Q . 28.64 26.06 2.39
H301 A1JMI Q . 26.96 25.65 2.57
H303 A1JMI Q . 27.71 26.73 3.69
H201 A1JMI Q . 28.74 25.14 18.24
H211 A1JMI Q . 30.13 25.45 15.33
H311 A1JMI Q . 25.13 26.21 6.04
H321 A1JMI Q . 24.75 25.81 8.21
C1 NAG R . 11.85 67.34 -1.14
C2 NAG R . 13.01 66.86 -0.27
C3 NAG R . 13.00 67.60 1.07
C4 NAG R . 12.92 69.10 0.86
C5 NAG R . 11.73 69.43 -0.05
C6 NAG R . 11.56 70.91 -0.33
C7 NAG R . 13.89 64.55 -0.43
C8 NAG R . 13.62 63.12 -0.05
N2 NAG R . 12.96 65.44 -0.03
O3 NAG R . 14.15 67.23 1.77
O4 NAG R . 12.77 69.69 2.14
O5 NAG R . 11.91 68.75 -1.27
O6 NAG R . 12.79 71.48 -0.68
O7 NAG R . 14.90 64.86 -1.05
H2 NAG R . 13.83 67.06 -0.75
H3 NAG R . 12.20 67.33 1.54
H4 NAG R . 13.74 69.40 0.44
H5 NAG R . 10.91 69.13 0.39
H61 NAG R . 11.17 71.32 0.47
H62 NAG R . 10.89 71.01 -1.02
H81 NAG R . 13.88 62.54 -0.80
H82 NAG R . 12.68 63.01 0.13
H83 NAG R . 14.13 62.89 0.73
HN2 NAG R . 12.28 65.14 0.40
HO3 NAG R . 14.83 67.40 1.28
HO6 NAG R . 12.68 72.32 -0.76
C1 NAG S . 3.76 36.46 13.26
C2 NAG S . 4.75 36.56 14.43
C3 NAG S . 4.47 35.43 15.42
C4 NAG S . 3.01 35.45 15.84
C5 NAG S . 2.12 35.42 14.60
C6 NAG S . 0.64 35.49 14.92
C7 NAG S . 7.02 37.50 14.10
C8 NAG S . 8.39 37.16 13.60
N2 NAG S . 6.12 36.50 14.00
O3 NAG S . 5.35 35.59 16.50
O4 NAG S . 2.81 34.31 16.65
O5 NAG S . 2.45 36.51 13.76
O6 NAG S . 0.33 36.76 15.44
O7 NAG S . 6.76 38.60 14.57
H2 NAG S . 4.61 37.43 14.83
H3 NAG S . 4.64 34.59 14.96
H4 NAG S . 2.84 36.26 16.34
H5 NAG S . 2.27 34.59 14.13
H61 NAG S . 0.43 34.78 15.55
H62 NAG S . 0.14 35.30 14.11
H81 NAG S . 8.69 37.85 12.98
H82 NAG S . 8.37 36.31 13.12
H83 NAG S . 9.01 37.10 14.34
HN2 NAG S . 6.39 35.76 13.66
HO3 NAG S . 5.21 34.94 17.04
HO6 NAG S . 0.47 37.33 14.83
C1 NAG T . -14.89 45.02 -14.17
C2 NAG T . -14.62 45.48 -15.60
C3 NAG T . -15.80 46.32 -16.07
C4 NAG T . -17.11 45.58 -15.90
C5 NAG T . -17.23 44.98 -14.51
C6 NAG T . -18.42 44.06 -14.34
C7 NAG T . -12.28 45.80 -16.32
C8 NAG T . -11.13 46.77 -16.29
N2 NAG T . -13.39 46.22 -15.69
O3 NAG T . -15.55 46.68 -17.41
O4 NAG T . -18.13 46.55 -16.12
O5 NAG T . -16.07 44.24 -14.18
O6 NAG T . -18.25 42.90 -15.12
O7 NAG T . -12.18 44.73 -16.89
H2 NAG T . -14.52 44.68 -16.15
H3 NAG T . -15.83 47.11 -15.51
H4 NAG T . -17.13 44.85 -16.55
H5 NAG T . -17.34 45.71 -13.88
H61 NAG T . -19.22 44.54 -14.59
H62 NAG T . -18.52 43.84 -13.39
H81 NAG T . -10.40 46.39 -15.77
H82 NAG T . -11.42 47.60 -15.89
H83 NAG T . -10.82 46.95 -17.20
HN2 NAG T . -13.38 47.00 -15.32
HO3 NAG T . -16.18 47.19 -17.66
HO4 NAG T . -18.80 46.16 -16.47
HO6 NAG T . -17.62 42.43 -14.77
C1 NAG U . 23.74 -3.17 2.88
C2 NAG U . 22.91 -2.01 3.45
C3 NAG U . 22.51 -2.28 4.89
C4 NAG U . 21.85 -3.65 5.02
C5 NAG U . 22.81 -4.70 4.46
C6 NAG U . 22.28 -6.11 4.53
C7 NAG U . 23.07 0.44 3.20
C8 NAG U . 24.03 1.61 3.20
N2 NAG U . 23.63 -0.76 3.39
O3 NAG U . 21.67 -1.25 5.31
O4 NAG U . 21.56 -3.86 6.38
O5 NAG U . 23.08 -4.39 3.12
O6 NAG U . 21.99 -6.45 5.88
O7 NAG U . 21.87 0.62 3.05
H2 NAG U . 22.12 -1.94 2.90
H3 NAG U . 23.33 -2.31 5.43
H4 NAG U . 21.03 -3.65 4.49
H5 NAG U . 23.63 -4.68 4.99
H61 NAG U . 22.94 -6.71 4.16
H62 NAG U . 21.49 -6.17 3.98
H81 NAG U . 24.04 2.01 2.31
H82 NAG U . 24.92 1.29 3.42
H83 NAG U . 23.75 2.26 3.86
HN2 NAG U . 24.48 -0.80 3.49
HO3 NAG U . 21.51 -1.35 6.15
HO4 NAG U . 20.89 -4.37 6.44
HO6 NAG U . 21.69 -7.25 5.89
C01 A1JMI V . -11.35 -37.04 -6.84
C02 A1JMI V . -10.71 -35.63 -6.89
C03 A1JMI V . -10.52 -35.15 -8.38
C04 A1JMI V . -9.93 -33.71 -8.50
C05 A1JMI V . -8.97 -33.72 -9.75
C06 A1JMI V . -9.23 -35.06 -10.49
C07 A1JMI V . -9.53 -36.02 -9.29
C08 A1JMI V . -10.02 -37.36 -9.86
C09 A1JMI V . -9.03 -38.00 -10.88
C10 A1JMI V . -8.63 -37.11 -12.07
C11 A1JMI V . -8.19 -35.74 -11.52
C12 A1JMI V . -7.92 -34.84 -12.71
C13 A1JMI V . -6.80 -35.37 -13.65
C14 A1JMI V . -6.95 -36.82 -14.12
C15 A1JMI V . -7.51 -37.78 -13.04
C16 A1JMI V . -7.95 -39.14 -13.70
C17 A1JMI V . -8.86 -38.96 -14.87
C18 A1JMI V . -8.15 -38.06 -15.86
C19 A1JMI V . -7.85 -36.71 -15.31
C22 A1JMI V . -6.18 -38.10 -12.35
C23 A1JMI V . -8.26 -36.34 -8.49
C24 A1JMI V . -11.48 -34.56 -5.99
C25 A1JMI V . -11.81 -34.99 -4.48
C26 A1JMI V . -10.64 -34.66 -3.48
C27 A1JMI V . -10.77 -33.19 -3.07
C28 A1JMI V . -10.58 -35.61 -2.22
C29 A1JMI V . -9.33 -35.30 -1.38
C30 A1JMI V . -11.82 -35.64 -1.32
O20 A1JMI V . -9.02 -37.85 -16.89
O21 A1JMI V . -10.02 -38.34 -14.38
O31 A1JMI V . -12.97 -34.30 -4.11
O32 A1JMI V . -12.63 -34.21 -6.71
H011 A1JMI V . -10.63 -37.85 -6.64
H012 A1JMI V . -11.85 -37.35 -7.77
H013 A1JMI V . -12.12 -37.16 -6.07
H021 A1JMI V . -9.68 -35.69 -6.45
H031 A1JMI V . -11.59 -35.22 -8.71
H041 A1JMI V . -9.41 -33.34 -7.57
H042 A1JMI V . -10.70 -32.90 -8.57
H052 A1JMI V . -9.13 -32.82 -10.38
H051 A1JMI V . -7.90 -33.58 -9.43
H061 A1JMI V . -10.15 -34.87 -11.09
H082 A1JMI V . -11.02 -37.23 -10.31
H081 A1JMI V . -10.22 -38.06 -9.02
H092 A1JMI V . -8.09 -38.36 -10.39
H091 A1JMI V . -9.43 -38.96 -11.30
H101 A1JMI V . -9.55 -36.88 -12.70
H111 A1JMI V . -7.18 -35.90 -11.08
H121 A1JMI V . -7.64 -33.85 -12.35
H122 A1JMI V . -8.84 -34.73 -13.28
H131 A1JMI V . -5.80 -35.44 -13.24
H132 A1JMI V . -6.72 -34.89 -14.63
H141 A1JMI V . -6.01 -37.17 -14.68
H161 A1JMI V . -7.15 -39.74 -14.19
H162 A1JMI V . -8.59 -39.82 -13.08
H171 A1JMI V . -8.92 -39.97 -15.32
H181 A1JMI V . -7.13 -38.60 -16.05
H192 A1JMI V . -7.19 -36.02 -15.90
H191 A1JMI V . -8.67 -36.15 -14.79
H221 A1JMI V . -5.46 -38.42 -13.12
H223 A1JMI V . -5.83 -37.20 -11.84
H222 A1JMI V . -6.36 -38.91 -11.62
H231 A1JMI V . -7.44 -36.66 -9.14
H232 A1JMI V . -8.41 -37.15 -7.77
H233 A1JMI V . -7.89 -35.48 -7.93
H241 A1JMI V . -10.75 -33.70 -5.85
H251 A1JMI V . -12.01 -36.09 -4.50
H261 A1JMI V . -9.68 -34.83 -4.02
H271 A1JMI V . -11.47 -33.03 -2.24
H272 A1JMI V . -11.12 -32.54 -3.89
H273 A1JMI V . -9.81 -32.74 -2.75
H281 A1JMI V . -10.46 -36.64 -2.63
H293 A1JMI V . -9.08 -36.12 -0.69
H291 A1JMI V . -9.47 -34.40 -0.75
H292 A1JMI V . -8.44 -35.12 -2.00
H302 A1JMI V . -12.17 -34.65 -0.99
H301 A1JMI V . -12.70 -36.09 -1.77
H303 A1JMI V . -11.68 -36.19 -0.38
H201 A1JMI V . -9.89 -37.96 -16.48
H211 A1JMI V . -10.39 -38.85 -13.67
H311 A1JMI V . -13.65 -34.52 -4.74
H321 A1JMI V . -12.84 -33.30 -6.50
C1 NAG W . -38.71 -39.44 -2.95
C2 NAG W . -38.03 -40.80 -2.75
C3 NAG W . -37.61 -41.40 -4.09
C4 NAG W . -38.78 -41.41 -5.07
C5 NAG W . -39.37 -40.00 -5.15
C6 NAG W . -40.54 -39.86 -6.09
C7 NAG W . -36.73 -41.21 -0.65
C8 NAG W . -37.82 -42.09 -0.12
N2 NAG W . -36.90 -40.66 -1.87
O3 NAG W . -37.12 -42.69 -3.84
O4 NAG W . -38.28 -41.83 -6.32
O5 NAG W . -39.78 -39.59 -3.86
O6 NAG W . -41.02 -38.54 -6.07
O7 NAG W . -35.72 -41.02 0.01
H2 NAG W . -38.68 -41.40 -2.34
H3 NAG W . -36.92 -40.83 -4.47
H4 NAG W . -39.46 -42.02 -4.74
H5 NAG W . -38.68 -39.40 -5.48
H61 NAG W . -41.22 -40.50 -5.83
H62 NAG W . -40.25 -40.12 -6.98
H81 NAG W . -37.53 -42.53 0.70
H82 NAG W . -38.06 -42.75 -0.79
H83 NAG W . -38.60 -41.53 0.08
HN2 NAG W . -36.26 -40.16 -2.16
HO3 NAG W . -36.78 -42.98 -4.57
HO6 NAG W . -41.58 -38.44 -6.70
C1 NAG X . -48.06 -1.95 6.82
C2 NAG X . -48.65 -2.42 8.17
C3 NAG X . -49.99 -1.71 8.38
C4 NAG X . -49.81 -0.21 8.27
C5 NAG X . -49.12 0.15 6.94
C6 NAG X . -48.84 1.62 6.78
C7 NAG X . -48.14 -4.65 9.08
C8 NAG X . -48.49 -6.11 8.98
N2 NAG X . -48.82 -3.84 8.24
O3 NAG X . -50.49 -2.09 9.64
O4 NAG X . -51.09 0.38 8.36
O5 NAG X . -47.89 -0.56 6.85
O6 NAG X . -47.86 2.02 7.71
O7 NAG X . -47.30 -4.24 9.87
H2 NAG X . -48.02 -2.17 8.86
H3 NAG X . -50.59 -1.99 7.68
H4 NAG X . -49.23 0.08 9.00
H5 NAG X . -49.71 -0.13 6.22
H61 NAG X . -49.67 2.10 6.91
H62 NAG X . -48.57 1.78 5.87
H81 NAG X . -48.63 -6.47 9.87
H82 NAG X . -47.76 -6.58 8.55
H83 NAG X . -49.30 -6.21 8.46
HN2 NAG X . -49.41 -4.19 7.70
HO3 NAG X . -51.32 -1.92 9.66
HO4 NAG X . -51.01 1.20 8.51
HO6 NAG X . -47.14 1.58 7.54
C1 NAG Y . 12.79 -20.52 -0.14
C2 NAG Y . 11.56 -20.15 -0.98
C3 NAG Y . 11.96 -19.89 -2.44
C4 NAG Y . 13.06 -18.84 -2.51
C5 NAG Y . 14.22 -19.27 -1.60
C6 NAG Y . 15.34 -18.26 -1.54
C7 NAG Y . 9.41 -21.20 -0.29
C8 NAG Y . 8.56 -22.41 -0.55
N2 NAG Y . 10.54 -21.17 -1.00
O3 NAG Y . 10.80 -19.49 -3.13
O4 NAG Y . 13.46 -18.75 -3.86
O5 NAG Y . 13.73 -19.48 -0.29
O6 NAG Y . 16.06 -18.27 -2.74
O7 NAG Y . 9.05 -20.33 0.49
H2 NAG Y . 11.19 -19.36 -0.55
H3 NAG Y . 12.33 -20.71 -2.79
H4 NAG Y . 12.71 -17.99 -2.20
H5 NAG Y . 14.58 -20.09 -1.95
H61 NAG Y . 15.91 -18.48 -0.78
H62 NAG Y . 14.96 -17.39 -1.34
H81 NAG Y . 8.17 -22.72 0.27
H82 NAG Y . 9.11 -23.11 -0.94
H83 NAG Y . 7.85 -22.18 -1.18
HN2 NAG Y . 10.70 -21.84 -1.52
HO3 NAG Y . 10.47 -18.83 -2.72
HO4 NAG Y . 14.04 -19.35 -4.02
HO6 NAG Y . 16.65 -17.65 -2.72
C1 NAG Z . 11.80 -60.41 -17.52
C2 NAG Z . 12.94 -59.52 -18.02
C3 NAG Z . 14.20 -60.38 -18.17
C4 NAG Z . 14.52 -61.10 -16.86
C5 NAG Z . 13.28 -61.89 -16.41
C6 NAG Z . 13.43 -62.59 -15.07
C7 NAG Z . 12.64 -57.53 -19.44
C8 NAG Z . 12.31 -57.06 -20.83
N2 NAG Z . 12.65 -58.87 -19.27
O3 NAG Z . 15.27 -59.54 -18.56
O4 NAG Z . 15.61 -61.96 -17.10
O5 NAG Z . 12.19 -61.01 -16.31
O6 NAG Z . 12.29 -63.36 -14.80
O7 NAG Z . 12.87 -56.73 -18.55
H2 NAG Z . 13.07 -58.82 -17.36
H3 NAG Z . 14.03 -61.05 -18.85
H4 NAG Z . 14.72 -60.43 -16.19
H5 NAG Z . 13.11 -62.59 -17.07
H61 NAG Z . 13.57 -61.91 -14.40
H62 NAG Z . 14.23 -63.13 -15.11
H81 NAG Z . 11.36 -56.91 -20.91
H82 NAG Z . 12.59 -57.74 -21.48
H83 NAG Z . 12.79 -56.24 -21.01
HN2 NAG Z . 12.48 -59.37 -19.94
HO3 NAG Z . 15.96 -60.03 -18.65
HO6 NAG Z . 11.64 -62.84 -14.62
C ACT AA . 2.98 -40.34 -23.68
O ACT AA . 1.78 -40.04 -23.48
OXT ACT AA . 3.59 -40.22 -24.76
CH3 ACT AA . 3.75 -40.90 -22.47
H1 ACT AA . 3.71 -40.33 -21.69
H2 ACT AA . 3.41 -41.77 -22.17
H3 ACT AA . 4.69 -41.04 -22.65
#